data_9QBL
#
_entry.id   9QBL
#
_cell.length_a   72.706
_cell.length_b   155.396
_cell.length_c   161.338
_cell.angle_alpha   90.00
_cell.angle_beta   90.00
_cell.angle_gamma   90.00
#
_symmetry.space_group_name_H-M   'P 21 21 21'
#
loop_
_entity.id
_entity.type
_entity.pdbx_description
1 polymer 'DUF4365 domain-containing protein'
2 polymer 'Protein argonaute'
3 non-polymer 'ACETIC ACID'
4 non-polymer GLYCEROL
5 non-polymer 2-AMINO-2-HYDROXYMETHYL-PROPANE-1,3-DIOL
6 non-polymer DI(HYDROXYETHYL)ETHER
7 non-polymer 'CHLORIDE ION'
8 non-polymer BETA-MERCAPTOETHANOL
9 non-polymer 'D(-)-TARTARIC ACID'
10 water water
#
loop_
_entity_poly.entity_id
_entity_poly.type
_entity_poly.pdbx_seq_one_letter_code
_entity_poly.pdbx_strand_id
1 'polypeptide(L)'
;(MSE)AGSHHHHHHG(MSE)AS(MSE)TGGQQ(MSE)GRSGWELQPGVFLPPLNKGEDAIINLLRIRLPDEIFISTSPFG
SGRDAVPELVKHGNVRFDWVIRKRRFVSFFDPREYGTRAIVDLDQVEAVDTKLIAFNDEQDDLNDT(MSE)DLLRRTVER
QTATQLSFLRKDRLFHFKAVGVGKSRSYRY(MSE)SNVNETSAKVVSAYSSKKKDGWGYVRHHAARLRFERLADEWFLVI
DPDFHFTTDGFQPHRYPEALLAGKKRLERNAAVRGQVT(MSE)WQHLLVESGKHEVGLFDADKPAPLLQFERLPVIQLSQ
AVPESSWNRTDPRAKE(MSE)EAQDLFEEGGVG
;
A,C
2 'polypeptide(L)'
;(MSE)TFKAHVFDEP(MSE)LEFGDGGQH(CME)DPRQGLREHGPLQPRSGDVIRVGVIGTDDTVAGFTEFLAETGRGIE
SGNKQLINLNPDFPGLGNQNPFRCKFEVPDGATVTISRRQVNDITGIGRHDEAVRHAVELISSQLSALVEGSAKPDVIVL
ALPIPLIEKLVNAKSEGEDSDDDVDGGD(MSE)LNFRDLLKAKTLHLPVPTQIVWPDTWDDAAKIPRKIKRDSNRQTQVK
ATRAWNLLNALFYKAGKVPWRLLPDQAEYRTSFLGIGFYRDLDGQQLWTSTAQ(MSE)FDERGRGLILRGARAQTETRGR
HPYLTAKDAEDLVVQSIAAYKAHHRHVPARLVVLKTSRFRSEEAEGIDAALGKSGIE(MSE)SDLVWVQESSPIAIFRDG
NYPVLRGTFVDLDGKGLLYTRGSVPFYGTFPGLRVPRPLLLVPHENSDSTILTLAKDVLALTKVNWNTTQFDQKLPAPIK
AAREVGRILKHVEFGTAVSSDFRRYT
;
B,D
#
loop_
_chem_comp.id
_chem_comp.type
_chem_comp.name
_chem_comp.formula
ACY non-polymer 'ACETIC ACID' 'C2 H4 O2'
BME non-polymer BETA-MERCAPTOETHANOL 'C2 H6 O S'
CL non-polymer 'CHLORIDE ION' 'Cl -1'
GOL non-polymer GLYCEROL 'C3 H8 O3'
PEG non-polymer DI(HYDROXYETHYL)ETHER 'C4 H10 O3'
TAR non-polymer 'D(-)-TARTARIC ACID' 'C4 H6 O6'
TRS non-polymer 2-AMINO-2-HYDROXYMETHYL-PROPANE-1,3-DIOL 'C4 H12 N O3 1'
#
# COMPACT_ATOMS: atom_id res chain seq x y z
N SER A 24 51.58 -3.85 -36.93
CA SER A 24 50.88 -4.97 -37.64
C SER A 24 49.76 -5.53 -36.76
N GLY A 25 48.54 -5.56 -37.33
CA GLY A 25 47.33 -5.97 -36.64
C GLY A 25 46.86 -4.90 -35.65
N TRP A 26 46.18 -5.35 -34.59
CA TRP A 26 45.64 -4.49 -33.56
C TRP A 26 46.64 -4.43 -32.42
N GLU A 27 47.02 -3.21 -32.06
CA GLU A 27 48.04 -3.05 -31.03
C GLU A 27 47.52 -3.57 -29.69
N LEU A 28 48.37 -4.34 -29.00
CA LEU A 28 48.10 -4.69 -27.61
C LEU A 28 48.57 -3.53 -26.75
N GLN A 29 47.62 -2.92 -26.01
CA GLN A 29 47.98 -1.95 -24.99
C GLN A 29 48.70 -2.61 -23.83
N PRO A 30 49.62 -1.89 -23.14
CA PRO A 30 50.27 -2.46 -21.97
C PRO A 30 49.34 -2.62 -20.76
N GLY A 31 48.19 -1.93 -20.79
CA GLY A 31 47.28 -1.94 -19.65
C GLY A 31 47.83 -1.07 -18.52
N VAL A 32 48.43 0.07 -18.91
CA VAL A 32 49.06 0.94 -17.91
C VAL A 32 48.03 1.98 -17.45
N PHE A 33 48.26 2.50 -16.24
CA PHE A 33 47.40 3.51 -15.66
C PHE A 33 48.17 4.16 -14.50
N LEU A 34 47.77 5.39 -14.17
CA LEU A 34 48.27 6.09 -13.00
C LEU A 34 47.62 5.51 -11.75
N PRO A 35 48.42 5.00 -10.78
CA PRO A 35 47.88 4.41 -9.55
C PRO A 35 47.43 5.54 -8.63
N PRO A 36 46.59 5.24 -7.62
CA PRO A 36 46.29 6.19 -6.56
C PRO A 36 47.58 6.67 -5.87
N LEU A 37 47.49 7.85 -5.25
CA LEU A 37 48.61 8.40 -4.50
C LEU A 37 48.75 7.66 -3.17
N ASN A 38 49.99 7.32 -2.81
N ASN A 38 50.00 7.33 -2.83
CA ASN A 38 50.24 6.54 -1.60
CA ASN A 38 50.36 6.57 -1.63
C ASN A 38 50.16 7.41 -0.34
C ASN A 38 50.15 7.41 -0.37
N LYS A 39 50.16 8.74 -0.52
CA LYS A 39 50.08 9.65 0.61
C LYS A 39 48.70 9.61 1.30
N GLY A 40 47.68 9.10 0.64
CA GLY A 40 46.36 8.99 1.26
C GLY A 40 45.62 10.33 1.29
N GLU A 41 44.36 10.31 1.75
CA GLU A 41 43.59 11.53 1.95
C GLU A 41 42.48 11.27 2.97
N ASP A 42 41.71 12.30 3.28
CA ASP A 42 40.66 12.21 4.29
C ASP A 42 39.29 12.25 3.61
N ALA A 43 38.26 11.78 4.32
CA ALA A 43 36.91 12.01 3.83
C ALA A 43 36.01 12.23 5.04
N ILE A 44 34.91 12.99 4.86
CA ILE A 44 33.96 13.15 5.97
C ILE A 44 32.84 12.14 5.75
N ILE A 45 32.28 11.64 6.83
CA ILE A 45 31.14 10.74 6.73
C ILE A 45 29.89 11.55 7.12
N ASN A 46 28.74 11.19 6.54
CA ASN A 46 27.50 11.96 6.70
C ASN A 46 26.75 11.54 7.95
N LEU A 47 27.47 11.24 9.03
CA LEU A 47 26.86 10.87 10.29
C LEU A 47 27.12 11.99 11.30
N LEU A 48 26.23 12.10 12.30
CA LEU A 48 26.49 12.82 13.55
C LEU A 48 26.15 11.88 14.70
N ARG A 49 27.05 11.85 15.68
CA ARG A 49 26.75 11.12 16.89
C ARG A 49 25.64 11.85 17.66
N ILE A 50 24.61 11.12 18.13
CA ILE A 50 23.56 11.77 18.91
C ILE A 50 23.85 11.57 20.39
N ARG A 51 23.80 12.67 21.17
N ARG A 51 23.78 12.68 21.17
CA ARG A 51 23.87 12.55 22.62
CA ARG A 51 23.83 12.59 22.61
C ARG A 51 22.44 12.61 23.16
C ARG A 51 22.40 12.61 23.14
N LEU A 52 21.94 11.47 23.64
CA LEU A 52 20.58 11.36 24.17
C LEU A 52 20.58 11.76 25.65
N PRO A 53 19.45 12.29 26.19
CA PRO A 53 19.29 12.43 27.66
C PRO A 53 19.55 11.10 28.36
N ASP A 54 20.01 11.18 29.62
CA ASP A 54 20.29 9.97 30.39
C ASP A 54 19.04 9.19 30.75
N GLU A 55 17.91 9.89 30.89
CA GLU A 55 16.68 9.21 31.26
C GLU A 55 15.59 9.50 30.23
N ILE A 56 14.62 8.60 30.18
CA ILE A 56 13.47 8.70 29.28
C ILE A 56 12.20 8.41 30.09
N PHE A 57 11.09 9.06 29.69
CA PHE A 57 9.86 8.86 30.43
C PHE A 57 8.99 7.86 29.68
N ILE A 58 8.39 6.94 30.41
CA ILE A 58 7.50 5.97 29.76
C ILE A 58 6.20 5.93 30.56
N SER A 59 5.11 5.55 29.88
CA SER A 59 3.88 5.27 30.60
C SER A 59 2.98 4.42 29.71
N THR A 60 1.87 3.97 30.28
CA THR A 60 0.77 3.48 29.43
C THR A 60 -0.10 4.67 29.07
N SER A 61 -0.96 4.49 28.05
CA SER A 61 -1.92 5.50 27.59
C SER A 61 -3.25 4.81 27.32
N PRO A 62 -4.39 5.51 27.51
CA PRO A 62 -5.67 4.96 27.04
C PRO A 62 -5.79 4.92 25.51
N PHE A 63 -4.95 5.71 24.82
CA PHE A 63 -5.01 5.83 23.38
C PHE A 63 -4.11 4.75 22.75
N GLY A 64 -4.63 4.08 21.73
CA GLY A 64 -3.81 3.13 20.98
C GLY A 64 -2.58 3.77 20.32
N SER A 65 -2.79 4.89 19.60
N SER A 65 -2.79 4.91 19.65
CA SER A 65 -1.69 5.53 18.87
CA SER A 65 -1.75 5.53 18.84
C SER A 65 -1.72 7.02 19.13
C SER A 65 -1.76 7.04 19.06
N GLY A 66 -0.66 7.71 18.68
CA GLY A 66 -0.48 9.12 18.93
C GLY A 66 -1.55 9.96 18.22
N ARG A 67 -1.89 9.57 16.98
CA ARG A 67 -2.93 10.30 16.21
C ARG A 67 -4.25 10.33 16.99
N ASP A 68 -4.62 9.21 17.62
CA ASP A 68 -5.85 9.15 18.37
C ASP A 68 -5.84 10.15 19.54
N ALA A 69 -4.64 10.46 20.09
CA ALA A 69 -4.56 11.27 21.31
C ALA A 69 -4.53 12.76 20.99
N VAL A 70 -4.32 13.12 19.72
CA VAL A 70 -4.13 14.52 19.36
C VAL A 70 -5.31 15.42 19.78
N PRO A 71 -6.58 15.06 19.49
CA PRO A 71 -7.70 15.92 19.88
C PRO A 71 -7.72 16.23 21.37
N GLU A 72 -7.38 15.24 22.20
CA GLU A 72 -7.35 15.48 23.64
C GLU A 72 -6.16 16.39 23.99
N LEU A 73 -5.01 16.13 23.35
CA LEU A 73 -3.81 16.91 23.62
C LEU A 73 -4.07 18.39 23.38
N VAL A 74 -4.73 18.71 22.26
CA VAL A 74 -4.80 20.10 21.88
C VAL A 74 -5.88 20.86 22.65
N LYS A 75 -6.54 20.18 23.60
CA LYS A 75 -7.51 20.90 24.48
C LYS A 75 -6.71 21.70 25.51
N HIS A 76 -5.42 21.42 25.66
CA HIS A 76 -4.57 22.13 26.61
C HIS A 76 -3.58 23.05 25.89
N GLY A 77 -2.94 23.95 26.63
CA GLY A 77 -2.03 24.90 26.01
C GLY A 77 -0.65 24.28 25.79
N ASN A 78 0.28 25.09 25.24
CA ASN A 78 1.70 24.81 25.15
C ASN A 78 1.87 23.41 24.53
N VAL A 79 1.31 23.25 23.34
CA VAL A 79 1.29 21.93 22.71
C VAL A 79 2.69 21.56 22.22
N ARG A 80 3.04 20.26 22.35
CA ARG A 80 4.25 19.75 21.70
C ARG A 80 3.99 18.33 21.20
N PHE A 81 4.76 17.91 20.18
CA PHE A 81 4.48 16.66 19.49
C PHE A 81 5.70 15.71 19.46
N ASP A 82 6.77 16.06 20.16
CA ASP A 82 8.00 15.23 20.24
C ASP A 82 7.78 14.09 21.22
N TRP A 83 6.82 13.22 20.91
CA TRP A 83 6.49 12.09 21.79
C TRP A 83 5.90 10.98 20.93
N VAL A 84 5.85 9.77 21.46
CA VAL A 84 5.34 8.61 20.69
C VAL A 84 4.32 7.83 21.52
N ILE A 85 3.21 7.46 20.91
CA ILE A 85 2.28 6.50 21.57
C ILE A 85 2.07 5.40 20.54
N ARG A 86 2.46 4.18 20.89
CA ARG A 86 2.23 3.02 20.00
C ARG A 86 1.86 1.82 20.88
N LYS A 87 0.79 1.13 20.54
CA LYS A 87 0.33 -0.05 21.32
C LYS A 87 0.09 0.35 22.77
N ARG A 88 -0.52 1.52 22.98
CA ARG A 88 -0.89 1.98 24.36
C ARG A 88 0.34 2.22 25.22
N ARG A 89 1.48 2.51 24.59
N ARG A 89 1.48 2.51 24.60
CA ARG A 89 2.70 2.83 25.37
CA ARG A 89 2.71 2.83 25.37
C ARG A 89 3.18 4.21 24.96
C ARG A 89 3.15 4.23 24.96
N PHE A 90 3.49 5.07 25.93
CA PHE A 90 3.96 6.44 25.65
C PHE A 90 5.47 6.49 25.88
N VAL A 91 6.16 7.19 25.08
N VAL A 91 6.14 7.25 25.12
CA VAL A 91 7.53 7.56 25.41
CA VAL A 91 7.54 7.54 25.39
C VAL A 91 7.74 9.04 25.10
C VAL A 91 7.92 8.97 25.00
N SER A 92 8.62 9.68 25.89
CA SER A 92 9.11 11.02 25.59
C SER A 92 10.39 11.29 26.40
N PHE A 93 11.22 12.23 25.92
CA PHE A 93 12.35 12.69 26.72
C PHE A 93 11.95 13.76 27.75
N PHE A 94 10.91 14.56 27.48
CA PHE A 94 10.42 15.53 28.45
C PHE A 94 9.51 14.83 29.45
N ASP A 95 9.32 15.47 30.62
CA ASP A 95 8.45 14.90 31.63
C ASP A 95 7.00 15.13 31.23
N PRO A 96 6.21 14.09 30.86
CA PRO A 96 4.88 14.33 30.31
C PRO A 96 3.90 14.92 31.33
N ARG A 97 4.24 14.87 32.62
CA ARG A 97 3.36 15.45 33.63
C ARG A 97 3.33 16.98 33.57
N GLU A 98 4.29 17.58 32.89
CA GLU A 98 4.39 19.05 32.93
C GLU A 98 3.87 19.67 31.65
N TYR A 99 3.18 18.87 30.81
CA TYR A 99 2.61 19.40 29.57
C TYR A 99 1.24 18.78 29.39
N GLY A 100 0.54 19.22 28.34
CA GLY A 100 -0.80 18.74 28.04
C GLY A 100 -0.83 17.22 27.79
N THR A 101 0.36 16.62 27.60
CA THR A 101 0.48 15.16 27.55
C THR A 101 0.01 14.50 28.83
N ARG A 102 -0.06 15.28 29.91
CA ARG A 102 -0.57 14.73 31.20
C ARG A 102 -2.03 14.29 31.02
N ALA A 103 -2.67 14.70 29.92
CA ALA A 103 -4.05 14.29 29.67
C ALA A 103 -4.13 13.00 28.84
N ILE A 104 -3.04 12.58 28.22
CA ILE A 104 -3.09 11.49 27.25
C ILE A 104 -2.34 10.26 27.74
N VAL A 105 -1.75 10.35 28.94
CA VAL A 105 -1.13 9.22 29.59
C VAL A 105 -1.92 8.75 30.81
N ASP A 106 -1.67 7.51 31.25
CA ASP A 106 -2.10 7.07 32.56
C ASP A 106 -1.14 7.66 33.60
N LEU A 107 -1.59 8.64 34.41
CA LEU A 107 -0.57 9.32 35.24
C LEU A 107 0.07 8.40 36.28
N ASP A 108 -0.68 7.39 36.75
CA ASP A 108 -0.15 6.56 37.84
C ASP A 108 0.97 5.65 37.34
N GLN A 109 1.22 5.61 36.01
CA GLN A 109 2.20 4.71 35.44
C GLN A 109 3.41 5.46 34.91
N VAL A 110 3.47 6.80 35.08
CA VAL A 110 4.56 7.57 34.53
C VAL A 110 5.83 7.25 35.33
N GLU A 111 6.91 6.85 34.64
CA GLU A 111 8.19 6.66 35.28
C GLU A 111 9.36 7.12 34.41
N ALA A 112 10.42 7.58 35.08
CA ALA A 112 11.67 7.93 34.42
C ALA A 112 12.57 6.72 34.51
N VAL A 113 13.10 6.27 33.37
CA VAL A 113 13.97 5.12 33.38
C VAL A 113 15.25 5.46 32.61
N ASP A 114 16.29 4.63 32.82
CA ASP A 114 17.52 4.74 32.03
C ASP A 114 17.21 4.61 30.54
N THR A 115 17.65 5.61 29.77
CA THR A 115 17.34 5.67 28.34
C THR A 115 17.79 4.37 27.65
N LYS A 116 18.89 3.78 28.13
CA LYS A 116 19.44 2.53 27.60
C LYS A 116 18.40 1.43 27.50
N LEU A 117 17.41 1.44 28.39
CA LEU A 117 16.42 0.37 28.48
C LEU A 117 15.40 0.43 27.34
N ILE A 118 15.27 1.58 26.68
CA ILE A 118 14.39 1.68 25.52
C ILE A 118 15.23 1.79 24.25
N ALA A 119 16.30 2.58 24.28
CA ALA A 119 17.01 2.95 23.06
C ALA A 119 18.10 1.94 22.69
N PHE A 120 18.52 1.06 23.62
CA PHE A 120 19.66 0.19 23.33
C PHE A 120 19.37 -1.28 23.68
N ASN A 121 18.32 -1.85 23.08
CA ASN A 121 17.99 -3.25 23.29
C ASN A 121 17.71 -3.88 21.93
N ASP A 122 17.24 -5.14 21.94
CA ASP A 122 17.12 -5.92 20.72
C ASP A 122 15.68 -5.98 20.20
N GLU A 123 14.73 -5.36 20.92
CA GLU A 123 13.32 -5.36 20.55
C GLU A 123 13.01 -4.39 19.40
N GLN A 124 12.53 -4.94 18.28
CA GLN A 124 12.21 -4.21 17.07
C GLN A 124 11.21 -3.08 17.35
N ASP A 125 10.35 -3.28 18.36
CA ASP A 125 9.31 -2.35 18.74
C ASP A 125 9.91 -1.14 19.47
N ASP A 126 10.96 -1.39 20.26
CA ASP A 126 11.59 -0.32 21.01
C ASP A 126 12.50 0.47 20.07
N LEU A 127 13.07 -0.26 19.11
CA LEU A 127 13.92 0.31 18.09
C LEU A 127 13.09 1.24 17.23
N ASN A 128 11.88 0.79 16.82
CA ASN A 128 11.04 1.62 15.99
C ASN A 128 10.56 2.84 16.78
N ASP A 129 10.16 2.67 18.05
CA ASP A 129 9.66 3.79 18.84
C ASP A 129 10.78 4.80 19.13
N THR A 130 12.01 4.29 19.32
CA THR A 130 13.17 5.16 19.52
C THR A 130 13.37 6.03 18.27
N MSE A 131 13.33 5.40 17.09
CA MSE A 131 13.57 6.17 15.89
C MSE A 131 12.46 7.18 15.68
O MSE A 131 12.73 8.30 15.24
CB MSE A 131 13.84 5.28 14.67
CG MSE A 131 15.18 4.58 14.83
SE MSE A 131 15.53 3.52 13.23
CE MSE A 131 14.15 2.13 13.40
N ASP A 132 11.22 6.83 16.01
CA ASP A 132 10.14 7.79 15.81
C ASP A 132 10.32 8.98 16.75
N LEU A 133 10.71 8.70 18.00
CA LEU A 133 10.93 9.76 18.98
C LEU A 133 12.10 10.65 18.57
N LEU A 134 13.21 10.04 18.12
CA LEU A 134 14.30 10.84 17.60
C LEU A 134 13.88 11.76 16.46
N ARG A 135 13.07 11.24 15.52
N ARG A 135 13.12 11.24 15.51
CA ARG A 135 12.65 11.98 14.34
CA ARG A 135 12.73 12.04 14.37
C ARG A 135 11.78 13.17 14.74
C ARG A 135 11.86 13.22 14.83
N ARG A 136 10.84 12.91 15.66
CA ARG A 136 9.97 13.98 16.14
C ARG A 136 10.73 15.02 16.97
N THR A 137 11.73 14.59 17.74
CA THR A 137 12.56 15.49 18.54
C THR A 137 13.35 16.43 17.62
N VAL A 138 13.97 15.86 16.58
CA VAL A 138 14.68 16.67 15.59
C VAL A 138 13.71 17.63 14.88
N GLU A 139 12.48 17.19 14.60
CA GLU A 139 11.58 18.10 13.92
C GLU A 139 11.33 19.34 14.80
N ARG A 140 11.13 19.12 16.11
CA ARG A 140 10.77 20.25 16.98
C ARG A 140 11.99 21.16 17.16
N GLN A 141 13.15 20.55 17.31
CA GLN A 141 14.41 21.22 17.55
C GLN A 141 14.83 22.10 16.37
N THR A 142 14.38 21.79 15.13
CA THR A 142 14.87 22.48 13.93
C THR A 142 13.78 23.34 13.29
N ALA A 143 12.65 23.53 14.01
CA ALA A 143 11.49 24.12 13.34
C ALA A 143 11.70 25.59 12.91
N THR A 144 12.74 26.26 13.44
CA THR A 144 13.00 27.62 12.97
C THR A 144 13.40 27.63 11.50
N GLN A 145 14.18 26.62 11.05
CA GLN A 145 14.63 26.59 9.66
C GLN A 145 13.83 25.64 8.76
N LEU A 146 13.31 24.55 9.32
CA LEU A 146 12.89 23.42 8.50
C LEU A 146 11.40 23.13 8.62
N SER A 147 10.86 22.55 7.54
CA SER A 147 9.46 22.07 7.53
C SER A 147 9.56 20.56 7.27
N PHE A 148 8.60 19.75 7.72
CA PHE A 148 8.72 18.29 7.54
C PHE A 148 7.60 17.77 6.63
N LEU A 149 7.95 16.94 5.65
CA LEU A 149 6.92 16.33 4.77
C LEU A 149 6.78 14.86 5.18
N ARG A 150 5.55 14.43 5.47
CA ARG A 150 5.31 13.00 5.81
C ARG A 150 5.70 12.13 4.61
N LYS A 151 5.34 12.58 3.40
CA LYS A 151 5.70 11.82 2.17
C LYS A 151 7.21 11.91 1.96
N ASP A 152 7.89 10.76 1.78
CA ASP A 152 9.34 10.69 1.50
C ASP A 152 10.14 10.94 2.78
N ARG A 153 9.46 11.20 3.91
CA ARG A 153 10.17 11.55 5.18
C ARG A 153 11.23 12.61 4.86
N LEU A 154 10.83 13.72 4.25
CA LEU A 154 11.85 14.70 3.79
C LEU A 154 11.81 15.98 4.66
N PHE A 155 12.97 16.41 5.16
CA PHE A 155 13.03 17.69 5.92
C PHE A 155 13.59 18.76 4.97
N HIS A 156 12.87 19.86 4.77
CA HIS A 156 13.33 20.86 3.78
C HIS A 156 13.35 22.26 4.39
N PHE A 157 14.29 23.11 3.99
CA PHE A 157 14.32 24.51 4.47
C PHE A 157 13.00 25.17 4.07
N LYS A 158 12.38 25.92 5.00
CA LYS A 158 11.05 26.45 4.69
C LYS A 158 11.20 27.83 4.06
N ALA A 159 10.27 28.15 3.15
CA ALA A 159 10.20 29.48 2.58
C ALA A 159 9.68 30.45 3.66
N VAL A 160 10.05 31.73 3.52
CA VAL A 160 9.45 32.82 4.28
C VAL A 160 9.05 33.87 3.25
N GLY A 161 7.75 34.01 2.98
CA GLY A 161 7.32 34.81 1.84
C GLY A 161 7.03 33.97 0.60
N VAL A 162 6.04 34.43 -0.18
CA VAL A 162 5.57 33.73 -1.38
C VAL A 162 6.47 34.10 -2.56
N GLY A 163 7.04 33.08 -3.20
CA GLY A 163 7.87 33.30 -4.38
C GLY A 163 9.16 34.03 -4.04
N LYS A 164 9.60 33.89 -2.78
CA LYS A 164 10.79 34.65 -2.32
C LYS A 164 11.95 33.71 -1.97
N SER A 165 13.15 34.03 -2.46
CA SER A 165 14.37 33.31 -2.13
C SER A 165 14.90 33.72 -0.76
N ARG A 166 15.68 32.82 -0.12
CA ARG A 166 16.41 33.15 1.10
C ARG A 166 17.65 32.28 1.24
N SER A 167 18.61 32.77 2.05
CA SER A 167 19.91 32.15 2.19
C SER A 167 20.13 31.75 3.64
N TYR A 168 21.02 30.77 3.83
CA TYR A 168 21.40 30.28 5.14
C TYR A 168 22.91 30.32 5.26
N ARG A 169 23.38 30.97 6.33
CA ARG A 169 24.80 31.09 6.62
C ARG A 169 25.19 30.00 7.61
N TYR A 170 26.41 29.48 7.46
CA TYR A 170 26.87 28.33 8.22
C TYR A 170 28.38 28.21 8.12
N MSE A 171 28.99 27.49 9.05
CA MSE A 171 30.43 27.35 9.10
C MSE A 171 30.86 26.09 8.37
O MSE A 171 30.23 25.03 8.55
CB MSE A 171 30.90 27.33 10.56
CG MSE A 171 30.55 28.60 11.31
SE MSE A 171 31.55 30.08 10.48
CE MSE A 171 33.43 29.74 10.99
N SER A 172 31.85 26.23 7.49
CA SER A 172 32.45 25.06 6.81
C SER A 172 33.90 25.06 7.28
N ASN A 173 34.25 24.21 8.25
CA ASN A 173 35.58 24.29 8.88
C ASN A 173 35.67 25.67 9.51
N VAL A 174 36.70 26.45 9.19
CA VAL A 174 36.89 27.76 9.86
C VAL A 174 36.29 28.85 8.98
N ASN A 175 35.71 28.49 7.84
CA ASN A 175 35.24 29.51 6.91
C ASN A 175 33.71 29.70 7.01
N GLU A 176 33.30 30.97 7.00
CA GLU A 176 31.90 31.36 6.96
C GLU A 176 31.44 31.28 5.49
N THR A 177 30.34 30.55 5.25
CA THR A 177 29.83 30.39 3.89
C THR A 177 28.31 30.55 3.89
N SER A 178 27.69 30.40 2.72
CA SER A 178 26.24 30.49 2.69
C SER A 178 25.67 29.78 1.46
N ALA A 179 24.38 29.42 1.52
CA ALA A 179 23.72 28.76 0.42
C ALA A 179 22.35 29.38 0.24
N LYS A 180 21.91 29.43 -1.01
CA LYS A 180 20.54 29.86 -1.26
C LYS A 180 19.61 28.65 -1.09
N VAL A 181 19.15 28.43 0.14
CA VAL A 181 18.48 27.20 0.54
C VAL A 181 17.04 27.21 0.06
N VAL A 182 16.48 28.40 -0.19
CA VAL A 182 15.20 28.52 -0.85
C VAL A 182 15.44 29.36 -2.09
N SER A 183 15.23 28.80 -3.28
CA SER A 183 15.60 29.49 -4.50
C SER A 183 14.43 29.57 -5.49
N ALA A 184 13.90 30.79 -5.69
CA ALA A 184 12.71 30.98 -6.50
C ALA A 184 13.16 31.28 -7.93
N TYR A 185 12.39 30.74 -8.88
CA TYR A 185 12.58 30.94 -10.30
C TYR A 185 11.24 31.35 -10.90
N SER A 186 11.28 32.33 -11.82
CA SER A 186 10.09 32.63 -12.60
C SER A 186 10.47 32.90 -14.06
N SER A 187 9.51 32.63 -14.95
CA SER A 187 9.65 32.78 -16.39
C SER A 187 9.83 34.28 -16.73
N GLY A 194 6.57 29.06 -12.95
CA GLY A 194 7.08 29.43 -11.62
C GLY A 194 7.30 28.21 -10.72
N TYR A 195 8.50 28.10 -10.15
CA TYR A 195 8.77 27.12 -9.11
C TYR A 195 9.83 27.62 -8.12
N VAL A 196 9.86 27.01 -6.94
CA VAL A 196 10.83 27.30 -5.89
C VAL A 196 11.48 26.00 -5.44
N ARG A 197 12.81 26.01 -5.41
CA ARG A 197 13.56 24.84 -4.98
C ARG A 197 14.02 25.03 -3.55
N HIS A 198 13.80 24.03 -2.69
CA HIS A 198 14.26 24.08 -1.31
C HIS A 198 15.34 23.03 -1.09
N HIS A 199 16.48 23.41 -0.50
CA HIS A 199 17.41 22.40 0.00
C HIS A 199 16.69 21.48 1.00
N ALA A 200 16.96 20.17 0.88
CA ALA A 200 16.25 19.16 1.63
C ALA A 200 17.24 18.07 2.07
N ALA A 201 16.79 17.21 2.97
CA ALA A 201 17.54 16.03 3.36
C ALA A 201 16.59 15.03 3.98
N ARG A 202 16.85 13.77 3.66
CA ARG A 202 16.36 12.71 4.50
C ARG A 202 17.32 12.60 5.69
N LEU A 203 16.77 12.76 6.89
CA LEU A 203 17.53 12.55 8.11
C LEU A 203 17.13 11.21 8.69
N ARG A 204 18.06 10.25 8.63
CA ARG A 204 17.78 8.88 9.05
C ARG A 204 18.53 8.60 10.34
N PHE A 205 18.21 7.49 10.98
CA PHE A 205 18.86 7.09 12.22
C PHE A 205 19.44 5.70 12.09
N GLU A 206 20.67 5.57 12.56
CA GLU A 206 21.38 4.31 12.47
C GLU A 206 22.03 4.05 13.83
N ARG A 207 21.82 2.85 14.38
CA ARG A 207 22.50 2.49 15.62
C ARG A 207 23.72 1.62 15.27
N LEU A 208 24.89 2.07 15.72
CA LEU A 208 26.13 1.36 15.47
C LEU A 208 26.73 1.07 16.83
N ALA A 209 26.89 -0.23 17.11
CA ALA A 209 27.29 -0.71 18.42
C ALA A 209 26.29 -0.15 19.43
N ASP A 210 26.76 0.62 20.42
CA ASP A 210 25.86 1.12 21.45
C ASP A 210 25.75 2.65 21.41
N GLU A 211 25.71 3.23 20.20
CA GLU A 211 25.51 4.67 20.02
C GLU A 211 24.53 4.88 18.86
N TRP A 212 23.73 5.96 18.97
CA TRP A 212 22.84 6.34 17.90
C TRP A 212 23.49 7.43 17.06
N PHE A 213 23.25 7.35 15.74
CA PHE A 213 23.76 8.32 14.78
C PHE A 213 22.60 8.86 13.96
N LEU A 214 22.71 10.14 13.62
CA LEU A 214 21.85 10.71 12.60
C LEU A 214 22.61 10.72 11.28
N VAL A 215 21.91 10.32 10.21
CA VAL A 215 22.50 10.23 8.88
C VAL A 215 21.88 11.31 8.00
N ILE A 216 22.74 12.08 7.35
CA ILE A 216 22.28 13.18 6.49
C ILE A 216 22.36 12.76 5.02
N ASP A 217 21.21 12.68 4.36
CA ASP A 217 21.16 12.34 2.93
C ASP A 217 20.49 13.46 2.13
N PRO A 218 21.27 14.42 1.59
CA PRO A 218 20.71 15.61 0.94
C PRO A 218 19.88 15.33 -0.31
N ASP A 219 18.88 16.20 -0.53
CA ASP A 219 17.98 16.14 -1.68
C ASP A 219 17.50 17.57 -1.93
N PHE A 220 16.53 17.72 -2.84
CA PHE A 220 15.82 18.99 -3.01
C PHE A 220 14.32 18.73 -3.02
N HIS A 221 13.55 19.72 -2.56
CA HIS A 221 12.10 19.69 -2.60
C HIS A 221 11.61 20.84 -3.47
N PHE A 222 10.59 20.60 -4.30
CA PHE A 222 10.09 21.66 -5.16
C PHE A 222 8.66 22.04 -4.79
N THR A 223 8.40 23.34 -4.76
CA THR A 223 7.06 23.89 -4.55
C THR A 223 6.76 24.84 -5.70
N THR A 224 5.50 25.29 -5.83
CA THR A 224 5.18 26.23 -6.90
C THR A 224 5.57 27.65 -6.51
N ASP A 225 5.53 27.96 -5.19
CA ASP A 225 5.57 29.35 -4.73
C ASP A 225 6.23 29.48 -3.36
N GLY A 226 6.91 28.42 -2.92
CA GLY A 226 7.47 28.33 -1.58
C GLY A 226 6.64 27.46 -0.63
N PHE A 227 5.41 27.15 -1.02
CA PHE A 227 4.50 26.49 -0.09
C PHE A 227 3.74 25.33 -0.73
N GLN A 228 2.93 25.65 -1.75
CA GLN A 228 2.09 24.67 -2.44
C GLN A 228 2.97 23.65 -3.15
N PRO A 229 2.85 22.34 -2.83
CA PRO A 229 3.71 21.32 -3.42
C PRO A 229 3.50 21.36 -4.93
N HIS A 230 4.58 21.08 -5.68
CA HIS A 230 4.52 21.20 -7.11
C HIS A 230 3.67 20.07 -7.67
N ARG A 231 2.76 20.43 -8.58
CA ARG A 231 1.71 19.55 -9.06
C ARG A 231 2.30 18.36 -9.81
N TYR A 232 3.49 18.51 -10.45
CA TYR A 232 4.17 17.44 -11.18
C TYR A 232 5.71 17.47 -11.06
N PRO A 233 6.29 16.96 -9.95
CA PRO A 233 7.75 16.88 -9.79
C PRO A 233 8.64 16.34 -10.92
N GLU A 234 8.10 15.49 -11.79
CA GLU A 234 8.95 14.66 -12.62
C GLU A 234 9.76 15.51 -13.59
N ALA A 235 9.17 16.63 -14.00
CA ALA A 235 9.83 17.59 -14.86
C ALA A 235 11.11 18.05 -14.15
N LEU A 236 10.99 18.29 -12.84
CA LEU A 236 12.03 18.94 -12.06
C LEU A 236 12.97 17.89 -11.48
N LEU A 237 12.43 16.69 -11.22
CA LEU A 237 13.17 15.55 -10.69
C LEU A 237 14.42 15.27 -11.54
N ALA A 238 14.33 15.52 -12.85
CA ALA A 238 15.40 15.19 -13.77
C ALA A 238 16.58 16.15 -13.65
N GLY A 239 16.32 17.37 -13.15
CA GLY A 239 17.36 18.39 -12.99
C GLY A 239 18.18 18.17 -11.73
N LYS A 240 17.60 17.45 -10.77
CA LYS A 240 18.30 17.13 -9.53
C LYS A 240 19.52 16.25 -9.80
N LYS A 241 19.39 15.36 -10.80
CA LYS A 241 20.43 14.37 -11.07
C LYS A 241 21.73 15.04 -11.52
N ARG A 242 21.59 16.11 -12.33
CA ARG A 242 22.71 16.93 -12.74
C ARG A 242 23.47 17.48 -11.53
N LEU A 243 22.81 17.58 -10.36
CA LEU A 243 23.46 18.21 -9.22
C LEU A 243 24.07 17.16 -8.29
N GLU A 244 23.85 15.88 -8.57
CA GLU A 244 24.38 14.84 -7.71
C GLU A 244 25.84 14.56 -8.05
N ARG A 245 26.73 15.46 -7.61
CA ARG A 245 28.16 15.36 -7.88
C ARG A 245 28.90 15.53 -6.57
N ASN A 246 30.12 14.99 -6.48
CA ASN A 246 30.74 14.81 -5.17
C ASN A 246 30.85 16.13 -4.40
N ALA A 247 31.46 17.16 -4.99
CA ALA A 247 31.72 18.38 -4.21
C ALA A 247 30.41 19.02 -3.71
N ALA A 248 29.35 18.96 -4.53
CA ALA A 248 28.09 19.60 -4.22
C ALA A 248 27.40 18.85 -3.09
N VAL A 249 27.38 17.50 -3.16
CA VAL A 249 26.74 16.76 -2.09
C VAL A 249 27.53 16.97 -0.78
N ARG A 250 28.86 16.97 -0.87
CA ARG A 250 29.69 17.07 0.32
C ARG A 250 29.44 18.43 1.00
N GLY A 251 29.30 19.48 0.19
CA GLY A 251 29.03 20.82 0.73
C GLY A 251 27.70 20.86 1.47
N GLN A 252 26.68 20.18 0.91
CA GLN A 252 25.37 20.11 1.53
C GLN A 252 25.45 19.34 2.85
N VAL A 253 26.19 18.22 2.89
CA VAL A 253 26.36 17.50 4.16
C VAL A 253 26.91 18.45 5.23
N THR A 254 27.96 19.18 4.86
N THR A 254 27.96 19.20 4.91
CA THR A 254 28.64 20.11 5.74
CA THR A 254 28.56 20.05 5.94
C THR A 254 27.65 21.12 6.33
C THR A 254 27.61 21.17 6.39
N MSE A 255 26.76 21.65 5.48
CA MSE A 255 25.78 22.64 5.88
C MSE A 255 24.75 22.07 6.84
O MSE A 255 24.44 22.67 7.86
CB MSE A 255 25.09 23.26 4.67
CG MSE A 255 23.96 24.18 5.08
SE MSE A 255 22.96 24.72 3.49
CE MSE A 255 21.86 23.11 3.12
N TRP A 256 24.18 20.90 6.53
CA TRP A 256 23.28 20.24 7.47
C TRP A 256 23.98 19.91 8.80
N GLN A 257 25.24 19.50 8.78
CA GLN A 257 25.87 19.17 10.04
C GLN A 257 25.91 20.43 10.91
N HIS A 258 26.22 21.58 10.28
CA HIS A 258 26.19 22.84 11.04
C HIS A 258 24.81 23.10 11.65
N LEU A 259 23.74 23.04 10.84
CA LEU A 259 22.38 23.29 11.31
C LEU A 259 22.06 22.40 12.51
N LEU A 260 22.39 21.10 12.40
CA LEU A 260 21.91 20.18 13.41
C LEU A 260 22.75 20.33 14.67
N VAL A 261 24.07 20.55 14.51
CA VAL A 261 24.93 20.73 15.68
C VAL A 261 24.48 21.98 16.46
N GLU A 262 24.19 23.04 15.71
CA GLU A 262 23.80 24.32 16.30
C GLU A 262 22.42 24.18 16.95
N SER A 263 21.57 23.31 16.38
CA SER A 263 20.21 23.11 16.92
C SER A 263 20.21 22.60 18.37
N GLY A 264 21.31 22.01 18.81
CA GLY A 264 21.37 21.35 20.11
C GLY A 264 21.92 22.24 21.22
N LYS A 265 22.33 23.47 20.86
CA LYS A 265 22.94 24.42 21.79
C LYS A 265 21.88 25.34 22.44
N PRO A 276 14.16 26.18 28.33
CA PRO A 276 14.46 24.72 28.36
C PRO A 276 15.38 24.30 27.21
N ALA A 277 16.55 23.76 27.59
CA ALA A 277 17.62 23.43 26.66
C ALA A 277 17.10 22.42 25.63
N PRO A 278 17.64 22.40 24.38
CA PRO A 278 17.29 21.34 23.42
C PRO A 278 17.62 19.97 23.99
N LEU A 279 16.78 18.97 23.69
CA LEU A 279 16.88 17.64 24.28
C LEU A 279 18.02 16.79 23.70
N LEU A 280 18.42 17.06 22.44
CA LEU A 280 19.43 16.26 21.77
C LEU A 280 20.59 17.16 21.36
N GLN A 281 21.81 16.68 21.63
CA GLN A 281 22.99 17.33 21.06
C GLN A 281 23.59 16.41 20.00
N PHE A 282 24.30 17.03 19.04
CA PHE A 282 24.95 16.29 17.94
C PHE A 282 26.43 16.64 17.89
N GLU A 283 27.26 15.65 17.51
CA GLU A 283 28.71 15.77 17.47
C GLU A 283 29.22 15.25 16.13
N ARG A 284 30.05 16.05 15.46
CA ARG A 284 30.73 15.58 14.25
C ARG A 284 31.70 14.47 14.64
N LEU A 285 31.94 13.57 13.67
CA LEU A 285 32.91 12.51 13.83
C LEU A 285 34.22 12.96 13.18
N PRO A 286 35.36 12.46 13.70
CA PRO A 286 36.66 12.70 13.07
C PRO A 286 36.61 12.20 11.63
N VAL A 287 37.46 12.78 10.77
CA VAL A 287 37.51 12.45 9.36
C VAL A 287 37.93 10.99 9.20
N ILE A 288 37.51 10.40 8.08
CA ILE A 288 37.92 9.05 7.74
C ILE A 288 39.22 9.16 6.96
N GLN A 289 40.24 8.38 7.35
CA GLN A 289 41.53 8.44 6.69
C GLN A 289 41.62 7.28 5.69
N LEU A 290 41.89 7.62 4.43
CA LEU A 290 42.01 6.62 3.37
C LEU A 290 43.48 6.52 2.99
N SER A 291 43.98 5.28 2.84
CA SER A 291 45.40 5.03 2.67
C SER A 291 45.86 5.37 1.26
N GLN A 292 44.92 5.53 0.32
CA GLN A 292 45.26 5.91 -1.04
C GLN A 292 44.27 6.95 -1.54
N ALA A 293 44.76 7.89 -2.35
CA ALA A 293 43.95 9.02 -2.75
C ALA A 293 43.66 8.93 -4.24
N VAL A 294 42.51 9.43 -4.64
CA VAL A 294 42.24 9.60 -6.05
C VAL A 294 43.28 10.58 -6.59
N PRO A 295 43.89 10.32 -7.76
CA PRO A 295 44.81 11.28 -8.38
C PRO A 295 44.10 12.37 -9.18
N GLU A 296 43.35 13.23 -8.45
CA GLU A 296 42.45 14.16 -9.07
C GLU A 296 43.22 15.20 -9.89
N SER A 297 44.34 15.71 -9.38
CA SER A 297 45.05 16.73 -10.15
C SER A 297 45.60 16.15 -11.45
N SER A 298 46.14 14.91 -11.45
CA SER A 298 46.48 14.31 -12.74
C SER A 298 45.27 14.14 -13.65
N TRP A 299 44.18 13.56 -13.12
CA TRP A 299 43.02 13.30 -13.95
C TRP A 299 42.41 14.58 -14.50
N ASN A 300 42.48 15.68 -13.74
CA ASN A 300 41.94 16.94 -14.26
C ASN A 300 42.62 17.36 -15.57
N ARG A 301 43.86 16.89 -15.74
CA ARG A 301 44.69 17.11 -16.92
C ARG A 301 44.38 16.07 -18.01
N THR A 302 44.34 14.77 -17.65
CA THR A 302 44.33 13.67 -18.61
C THR A 302 42.92 13.18 -18.97
N ASP A 303 41.94 13.32 -18.06
CA ASP A 303 40.63 12.72 -18.24
C ASP A 303 39.73 13.66 -19.03
N PRO A 304 39.37 13.33 -20.29
CA PRO A 304 38.55 14.24 -21.09
C PRO A 304 37.20 14.52 -20.45
N ARG A 305 36.84 13.77 -19.39
CA ARG A 305 35.52 13.87 -18.79
C ARG A 305 35.57 14.61 -17.44
N ALA A 306 36.76 15.12 -17.05
CA ALA A 306 36.94 15.78 -15.76
C ALA A 306 35.84 16.80 -15.45
N LYS A 307 35.45 17.63 -16.42
CA LYS A 307 34.53 18.72 -16.14
C LYS A 307 33.14 18.18 -15.84
N GLU A 308 32.86 16.95 -16.29
CA GLU A 308 31.55 16.36 -16.05
C GLU A 308 31.36 16.00 -14.57
N MSE A 309 32.46 15.87 -13.83
CA MSE A 309 32.39 15.48 -12.42
C MSE A 309 31.93 16.66 -11.55
O MSE A 309 31.74 16.50 -10.34
CB MSE A 309 33.76 15.01 -11.93
CG MSE A 309 34.41 13.95 -12.76
SE MSE A 309 33.45 12.21 -12.71
CE MSE A 309 32.45 12.28 -14.40
N GLU A 310 31.76 17.83 -12.15
CA GLU A 310 31.42 19.01 -11.34
C GLU A 310 29.97 19.40 -11.64
N ALA A 311 29.19 19.70 -10.59
CA ALA A 311 27.79 20.06 -10.76
C ALA A 311 27.72 21.41 -11.44
N GLN A 312 26.78 21.50 -12.39
CA GLN A 312 26.39 22.74 -13.03
C GLN A 312 24.94 23.00 -12.68
N ASP A 313 24.70 24.11 -11.97
CA ASP A 313 23.38 24.51 -11.50
C ASP A 313 22.74 25.36 -12.60
N LEU A 314 21.74 24.80 -13.28
CA LEU A 314 21.15 25.45 -14.45
C LEU A 314 20.00 26.39 -14.04
N PHE B 3 36.15 4.85 13.28
CA PHE B 3 35.86 3.96 12.08
C PHE B 3 37.10 3.84 11.19
N LYS B 4 37.54 2.58 10.97
CA LYS B 4 38.71 2.25 10.16
C LYS B 4 38.30 2.01 8.70
N ALA B 5 39.06 2.57 7.76
CA ALA B 5 38.78 2.41 6.35
C ALA B 5 39.90 1.62 5.69
N HIS B 6 39.51 0.91 4.63
N HIS B 6 39.57 0.95 4.58
CA HIS B 6 40.45 0.20 3.78
CA HIS B 6 40.52 0.15 3.83
C HIS B 6 40.19 0.66 2.35
C HIS B 6 40.16 0.27 2.35
N VAL B 7 41.17 0.40 1.48
CA VAL B 7 40.93 0.50 0.06
C VAL B 7 41.37 -0.83 -0.54
N PHE B 8 40.41 -1.67 -0.95
CA PHE B 8 40.73 -2.99 -1.45
C PHE B 8 41.37 -2.87 -2.83
N ASP B 9 42.28 -3.79 -3.14
CA ASP B 9 42.78 -3.95 -4.50
C ASP B 9 41.62 -4.35 -5.42
N GLU B 10 41.63 -3.89 -6.68
CA GLU B 10 40.69 -4.43 -7.65
C GLU B 10 40.82 -5.96 -7.69
N PRO B 11 39.73 -6.75 -7.49
CA PRO B 11 39.84 -8.21 -7.54
C PRO B 11 40.44 -8.75 -8.85
N MSE B 12 41.33 -9.73 -8.69
CA MSE B 12 42.03 -10.31 -9.86
C MSE B 12 41.21 -11.46 -10.45
O MSE B 12 40.60 -12.22 -9.66
CB MSE B 12 43.41 -10.82 -9.46
CG MSE B 12 44.37 -9.71 -9.06
SE MSE B 12 44.69 -8.41 -10.43
CE MSE B 12 45.68 -9.55 -11.67
N LEU B 13 41.16 -11.55 -11.77
CA LEU B 13 40.48 -12.64 -12.48
C LEU B 13 41.56 -13.56 -13.02
N GLU B 14 41.20 -14.82 -13.23
CA GLU B 14 42.10 -15.79 -13.85
C GLU B 14 41.56 -16.20 -15.22
N PHE B 15 42.45 -16.29 -16.22
CA PHE B 15 42.12 -16.49 -17.62
C PHE B 15 42.81 -17.77 -18.06
N GLY B 16 42.99 -17.98 -19.37
CA GLY B 16 43.71 -19.13 -19.90
C GLY B 16 45.11 -19.32 -19.29
N ASP B 17 45.49 -20.58 -19.07
CA ASP B 17 46.81 -21.00 -18.64
C ASP B 17 47.25 -20.29 -17.35
N GLY B 18 46.30 -19.94 -16.49
CA GLY B 18 46.67 -19.34 -15.21
C GLY B 18 47.03 -17.86 -15.33
N GLY B 19 46.81 -17.24 -16.52
CA GLY B 19 46.99 -15.80 -16.66
C GLY B 19 46.06 -15.01 -15.74
N GLN B 20 46.56 -13.90 -15.19
CA GLN B 20 45.72 -13.10 -14.30
C GLN B 20 45.61 -11.67 -14.81
N HIS B 21 44.49 -11.00 -14.55
CA HIS B 21 44.35 -9.58 -14.87
C HIS B 21 43.12 -9.06 -14.15
N CME B 22 43.05 -7.75 -13.88
CA CME B 22 41.84 -7.24 -13.25
CB CME B 22 42.13 -5.97 -12.51
SG CME B 22 42.50 -4.60 -13.65
SD CME B 22 42.98 -3.03 -12.43
CE CME B 22 44.78 -3.14 -12.25
CZ CME B 22 45.15 -3.56 -10.87
OH CME B 22 45.43 -4.93 -10.91
C CME B 22 40.74 -7.01 -14.32
O CME B 22 39.56 -6.95 -13.95
N ASP B 23 41.10 -6.90 -15.60
CA ASP B 23 40.19 -6.40 -16.62
C ASP B 23 39.81 -7.57 -17.53
N PRO B 24 38.49 -7.91 -17.67
CA PRO B 24 38.12 -8.95 -18.63
C PRO B 24 38.64 -8.73 -20.07
N ARG B 25 38.62 -7.51 -20.58
CA ARG B 25 38.98 -7.35 -21.98
C ARG B 25 40.49 -7.46 -22.20
N GLN B 26 41.29 -6.79 -21.37
CA GLN B 26 42.76 -6.92 -21.51
C GLN B 26 43.19 -8.36 -21.19
N GLY B 27 42.56 -8.96 -20.16
CA GLY B 27 42.86 -10.34 -19.79
C GLY B 27 42.59 -11.30 -20.94
N LEU B 28 41.42 -11.15 -21.61
CA LEU B 28 41.16 -12.04 -22.73
C LEU B 28 42.17 -11.84 -23.86
N ARG B 29 42.51 -10.59 -24.18
CA ARG B 29 43.53 -10.43 -25.24
C ARG B 29 44.90 -11.03 -24.86
N GLU B 30 45.30 -10.93 -23.58
CA GLU B 30 46.61 -11.42 -23.14
C GLU B 30 46.64 -12.94 -23.03
N HIS B 31 45.52 -13.56 -22.62
CA HIS B 31 45.58 -14.93 -22.17
C HIS B 31 44.53 -15.83 -22.81
N GLY B 32 43.53 -15.23 -23.47
CA GLY B 32 42.38 -15.98 -23.94
C GLY B 32 41.50 -16.41 -22.77
N PRO B 33 40.38 -17.09 -23.08
CA PRO B 33 39.46 -17.59 -22.05
C PRO B 33 39.98 -18.78 -21.27
N LEU B 34 39.20 -19.17 -20.27
CA LEU B 34 39.69 -20.03 -19.21
C LEU B 34 40.09 -21.42 -19.71
N GLN B 35 39.31 -22.04 -20.61
CA GLN B 35 39.71 -23.36 -21.11
C GLN B 35 39.20 -23.61 -22.53
N PRO B 36 39.86 -23.03 -23.53
CA PRO B 36 39.44 -23.18 -24.91
C PRO B 36 39.79 -24.59 -25.40
N ARG B 37 39.08 -25.02 -26.45
CA ARG B 37 39.35 -26.30 -27.10
C ARG B 37 39.58 -26.02 -28.58
N SER B 38 40.44 -26.80 -29.24
CA SER B 38 40.72 -26.46 -30.64
C SER B 38 39.45 -26.63 -31.48
N GLY B 39 39.24 -25.72 -32.42
CA GLY B 39 38.05 -25.71 -33.26
C GLY B 39 36.78 -25.19 -32.56
N ASP B 40 36.90 -24.51 -31.40
CA ASP B 40 35.74 -23.94 -30.72
C ASP B 40 34.95 -23.10 -31.72
N VAL B 41 33.63 -23.27 -31.72
CA VAL B 41 32.77 -22.48 -32.61
C VAL B 41 31.44 -22.31 -31.90
N ILE B 42 30.82 -21.13 -32.04
CA ILE B 42 29.52 -20.89 -31.44
C ILE B 42 28.60 -20.69 -32.64
N ARG B 43 27.61 -21.57 -32.77
CA ARG B 43 26.68 -21.40 -33.88
C ARG B 43 25.58 -20.42 -33.44
N VAL B 44 25.43 -19.35 -34.21
CA VAL B 44 24.52 -18.28 -33.83
C VAL B 44 23.30 -18.37 -34.76
N GLY B 45 22.15 -18.73 -34.20
CA GLY B 45 20.92 -18.56 -34.97
C GLY B 45 20.42 -17.11 -34.92
N VAL B 46 19.60 -16.71 -35.92
CA VAL B 46 19.13 -15.33 -35.96
C VAL B 46 17.62 -15.36 -36.31
N ILE B 47 16.88 -14.50 -35.63
CA ILE B 47 15.52 -14.15 -36.04
C ILE B 47 15.50 -12.65 -36.27
N GLY B 48 15.02 -12.24 -37.45
CA GLY B 48 14.88 -10.82 -37.73
C GLY B 48 14.05 -10.60 -38.98
N THR B 49 14.09 -9.40 -39.53
CA THR B 49 13.53 -9.17 -40.86
C THR B 49 14.64 -9.32 -41.93
N ASP B 50 14.25 -9.33 -43.22
CA ASP B 50 15.30 -9.38 -44.25
C ASP B 50 16.35 -8.32 -43.95
N ASP B 51 15.90 -7.11 -43.54
CA ASP B 51 16.82 -6.00 -43.37
C ASP B 51 17.71 -6.23 -42.13
N THR B 52 17.11 -6.61 -41.00
CA THR B 52 17.91 -6.66 -39.76
C THR B 52 18.85 -7.86 -39.76
N VAL B 53 18.44 -8.94 -40.45
CA VAL B 53 19.31 -10.11 -40.63
C VAL B 53 20.53 -9.72 -41.46
N ALA B 54 20.32 -8.95 -42.54
CA ALA B 54 21.45 -8.46 -43.34
C ALA B 54 22.36 -7.55 -42.50
N GLY B 55 21.73 -6.71 -41.70
CA GLY B 55 22.44 -5.83 -40.77
C GLY B 55 23.34 -6.61 -39.80
N PHE B 56 22.79 -7.68 -39.23
CA PHE B 56 23.55 -8.52 -38.32
C PHE B 56 24.75 -9.18 -39.00
N THR B 57 24.55 -9.74 -40.21
CA THR B 57 25.63 -10.28 -41.03
C THR B 57 26.75 -9.27 -41.20
N GLU B 58 26.42 -8.05 -41.59
CA GLU B 58 27.43 -7.01 -41.77
C GLU B 58 28.14 -6.71 -40.44
N PHE B 59 27.37 -6.60 -39.36
CA PHE B 59 28.00 -6.32 -38.06
C PHE B 59 28.97 -7.41 -37.61
N LEU B 60 28.61 -8.67 -37.87
CA LEU B 60 29.49 -9.75 -37.45
C LEU B 60 30.76 -9.70 -38.30
N ALA B 61 30.62 -9.39 -39.60
CA ALA B 61 31.77 -9.33 -40.51
C ALA B 61 32.70 -8.20 -40.07
N GLU B 62 32.10 -7.03 -39.80
CA GLU B 62 32.87 -5.89 -39.32
C GLU B 62 33.62 -6.20 -38.01
N THR B 63 32.91 -6.83 -37.07
N THR B 63 32.96 -6.87 -37.05
CA THR B 63 33.50 -7.24 -35.80
CA THR B 63 33.63 -7.18 -35.78
C THR B 63 34.69 -8.15 -36.07
C THR B 63 34.69 -8.27 -35.97
N GLY B 64 34.55 -9.07 -37.03
CA GLY B 64 35.57 -10.07 -37.33
C GLY B 64 36.88 -9.45 -37.83
N ARG B 65 36.75 -8.33 -38.58
CA ARG B 65 37.89 -7.54 -39.05
C ARG B 65 38.54 -6.73 -37.91
N GLY B 66 37.73 -6.31 -36.93
CA GLY B 66 38.19 -5.46 -35.85
C GLY B 66 37.60 -4.05 -35.96
N ILE B 67 37.52 -3.37 -34.81
CA ILE B 67 36.94 -2.03 -34.69
C ILE B 67 37.85 -1.18 -33.80
N GLU B 68 38.20 -0.01 -34.33
CA GLU B 68 39.00 0.98 -33.64
C GLU B 68 38.20 1.63 -32.50
N SER B 69 38.88 1.90 -31.38
CA SER B 69 38.37 2.74 -30.32
C SER B 69 37.87 4.08 -30.85
N GLY B 70 36.79 4.58 -30.25
CA GLY B 70 36.26 5.90 -30.52
C GLY B 70 36.64 6.89 -29.42
N ASN B 71 37.45 6.43 -28.46
CA ASN B 71 37.96 7.35 -27.45
C ASN B 71 39.35 6.92 -27.02
N LYS B 72 40.36 7.35 -27.78
CA LYS B 72 41.71 6.87 -27.57
C LYS B 72 42.34 7.53 -26.33
N GLN B 73 41.72 8.60 -25.83
CA GLN B 73 42.28 9.26 -24.65
C GLN B 73 41.94 8.45 -23.40
N LEU B 74 40.91 7.60 -23.49
CA LEU B 74 40.66 6.70 -22.37
C LEU B 74 40.61 5.27 -22.92
N ILE B 75 41.78 4.74 -23.32
CA ILE B 75 41.84 3.54 -24.15
C ILE B 75 41.54 2.30 -23.30
N ASN B 76 41.85 2.30 -21.98
CA ASN B 76 41.51 1.14 -21.18
C ASN B 76 39.99 0.99 -21.04
N LEU B 77 39.24 2.09 -20.96
CA LEU B 77 37.78 2.00 -20.79
C LEU B 77 37.10 1.83 -22.14
N ASN B 78 37.77 2.31 -23.20
CA ASN B 78 37.21 2.27 -24.57
C ASN B 78 38.20 1.58 -25.50
N PRO B 79 38.43 0.27 -25.35
CA PRO B 79 39.43 -0.39 -26.13
C PRO B 79 39.05 -0.70 -27.58
N ASP B 80 40.05 -0.98 -28.41
CA ASP B 80 39.78 -1.40 -29.81
C ASP B 80 39.31 -2.86 -29.75
N PHE B 81 38.41 -3.26 -30.64
CA PHE B 81 38.03 -4.69 -30.67
C PHE B 81 39.02 -5.36 -31.64
N PRO B 82 39.88 -6.32 -31.20
CA PRO B 82 40.92 -6.87 -32.08
C PRO B 82 40.52 -7.85 -33.19
N GLY B 83 39.22 -8.09 -33.37
CA GLY B 83 38.76 -8.93 -34.47
C GLY B 83 38.64 -10.40 -34.07
N LEU B 84 38.24 -11.25 -35.04
CA LEU B 84 37.99 -12.65 -34.77
C LEU B 84 38.91 -13.53 -35.61
N GLY B 85 40.02 -12.94 -36.08
CA GLY B 85 41.02 -13.72 -36.78
C GLY B 85 42.18 -14.10 -35.86
N ASN B 86 43.39 -13.68 -36.21
CA ASN B 86 44.54 -14.19 -35.51
C ASN B 86 44.74 -13.51 -34.15
N GLN B 87 43.92 -12.49 -33.86
CA GLN B 87 43.95 -11.87 -32.54
C GLN B 87 42.59 -11.98 -31.83
N ASN B 88 41.86 -13.05 -32.18
CA ASN B 88 40.56 -13.35 -31.59
C ASN B 88 40.69 -13.54 -30.08
N PRO B 89 40.12 -12.64 -29.23
CA PRO B 89 40.31 -12.78 -27.78
C PRO B 89 39.52 -13.91 -27.12
N PHE B 90 38.49 -14.40 -27.82
CA PHE B 90 37.66 -15.50 -27.32
C PHE B 90 38.21 -16.85 -27.78
N ARG B 91 39.19 -16.85 -28.72
CA ARG B 91 39.70 -18.08 -29.31
C ARG B 91 38.52 -18.98 -29.70
N CYS B 92 37.53 -18.38 -30.32
CA CYS B 92 36.29 -19.09 -30.66
C CYS B 92 35.70 -18.41 -31.90
N LYS B 93 35.22 -19.21 -32.86
CA LYS B 93 34.58 -18.65 -34.03
C LYS B 93 33.15 -18.31 -33.61
N PHE B 94 32.55 -17.26 -34.20
CA PHE B 94 31.13 -16.98 -34.05
C PHE B 94 30.56 -16.95 -35.48
N GLU B 95 29.78 -17.98 -35.82
CA GLU B 95 29.29 -18.06 -37.22
C GLU B 95 27.79 -18.32 -37.27
N VAL B 96 27.09 -17.65 -38.19
CA VAL B 96 25.68 -17.95 -38.43
C VAL B 96 25.64 -19.05 -39.47
N PRO B 97 25.33 -20.30 -39.13
CA PRO B 97 25.29 -21.33 -40.18
C PRO B 97 24.13 -21.07 -41.15
N ASP B 98 24.32 -21.48 -42.41
CA ASP B 98 23.17 -21.52 -43.31
C ASP B 98 22.06 -22.39 -42.73
N GLY B 99 20.81 -21.96 -42.94
CA GLY B 99 19.71 -22.76 -42.41
C GLY B 99 19.30 -22.38 -40.98
N ALA B 100 20.03 -21.44 -40.37
CA ALA B 100 19.73 -21.15 -38.98
C ALA B 100 19.17 -19.74 -38.79
N THR B 101 18.56 -19.21 -39.86
CA THR B 101 17.96 -17.89 -39.77
C THR B 101 16.46 -18.00 -40.10
N VAL B 102 15.64 -17.28 -39.33
CA VAL B 102 14.19 -17.24 -39.51
C VAL B 102 13.81 -15.79 -39.68
N THR B 103 13.00 -15.45 -40.68
N THR B 103 12.83 -15.52 -40.56
CA THR B 103 12.62 -14.05 -40.78
CA THR B 103 12.51 -14.17 -41.01
C THR B 103 11.19 -13.88 -40.27
C THR B 103 11.11 -13.80 -40.53
N ILE B 104 10.96 -12.63 -39.88
CA ILE B 104 9.65 -12.08 -39.59
C ILE B 104 9.23 -11.27 -40.82
N SER B 105 8.03 -11.53 -41.34
CA SER B 105 7.67 -10.90 -42.60
C SER B 105 7.14 -9.49 -42.34
N ARG B 106 7.01 -8.71 -43.42
N ARG B 106 6.99 -8.69 -43.39
CA ARG B 106 6.42 -7.40 -43.36
CA ARG B 106 6.40 -7.36 -43.25
C ARG B 106 5.00 -7.51 -42.79
C ARG B 106 4.96 -7.49 -42.75
N ARG B 107 4.26 -8.50 -43.26
CA ARG B 107 2.87 -8.72 -42.83
C ARG B 107 2.81 -9.00 -41.32
N GLN B 108 3.80 -9.73 -40.78
CA GLN B 108 3.80 -10.08 -39.36
C GLN B 108 4.16 -8.85 -38.53
N VAL B 109 5.12 -8.06 -39.02
CA VAL B 109 5.41 -6.80 -38.34
C VAL B 109 4.13 -5.95 -38.26
N ASN B 110 3.46 -5.80 -39.40
CA ASN B 110 2.29 -4.93 -39.46
C ASN B 110 1.14 -5.47 -38.61
N ASP B 111 1.04 -6.81 -38.50
CA ASP B 111 0.02 -7.43 -37.66
C ASP B 111 0.25 -7.03 -36.19
N ILE B 112 1.52 -7.02 -35.76
CA ILE B 112 1.79 -6.70 -34.35
C ILE B 112 1.58 -5.20 -34.10
N THR B 113 2.13 -4.35 -34.99
CA THR B 113 2.11 -2.91 -34.74
C THR B 113 0.66 -2.43 -34.84
N GLY B 114 -0.16 -3.18 -35.60
CA GLY B 114 -1.53 -2.78 -35.88
C GLY B 114 -2.48 -3.06 -34.71
N ILE B 115 -2.01 -3.81 -33.71
CA ILE B 115 -2.88 -4.18 -32.59
C ILE B 115 -2.87 -2.99 -31.61
N GLY B 116 -4.03 -2.35 -31.40
CA GLY B 116 -4.08 -1.12 -30.62
C GLY B 116 -3.78 -1.32 -29.15
N ARG B 117 -4.28 -2.40 -28.53
CA ARG B 117 -4.05 -2.63 -27.10
C ARG B 117 -2.67 -3.21 -26.84
N HIS B 118 -1.94 -2.60 -25.89
CA HIS B 118 -0.56 -2.97 -25.62
C HIS B 118 -0.45 -4.45 -25.24
N ASP B 119 -1.29 -4.91 -24.29
CA ASP B 119 -1.10 -6.27 -23.80
C ASP B 119 -1.42 -7.29 -24.90
N GLU B 120 -2.40 -6.97 -25.76
N GLU B 120 -2.38 -6.98 -25.78
CA GLU B 120 -2.78 -7.83 -26.87
CA GLU B 120 -2.75 -7.90 -26.84
C GLU B 120 -1.60 -7.94 -27.82
C GLU B 120 -1.61 -7.94 -27.86
N ALA B 121 -0.97 -6.79 -28.09
CA ALA B 121 0.13 -6.73 -29.06
C ALA B 121 1.34 -7.53 -28.56
N VAL B 122 1.63 -7.39 -27.27
CA VAL B 122 2.71 -8.12 -26.64
C VAL B 122 2.42 -9.63 -26.70
N ARG B 123 1.19 -10.06 -26.37
N ARG B 123 1.18 -10.03 -26.37
CA ARG B 123 0.96 -11.50 -26.38
CA ARG B 123 0.84 -11.44 -26.37
C ARG B 123 1.06 -12.05 -27.80
C ARG B 123 1.04 -12.03 -27.77
N HIS B 124 0.59 -11.30 -28.79
CA HIS B 124 0.66 -11.74 -30.18
C HIS B 124 2.14 -11.89 -30.58
N ALA B 125 2.96 -10.89 -30.22
CA ALA B 125 4.39 -10.95 -30.55
C ALA B 125 5.08 -12.14 -29.87
N VAL B 126 4.82 -12.36 -28.57
CA VAL B 126 5.43 -13.47 -27.84
C VAL B 126 5.01 -14.81 -28.43
N GLU B 127 3.72 -14.93 -28.77
N GLU B 127 3.73 -14.96 -28.79
CA GLU B 127 3.21 -16.12 -29.42
CA GLU B 127 3.33 -16.24 -29.37
C GLU B 127 4.02 -16.46 -30.68
C GLU B 127 4.04 -16.49 -30.71
N LEU B 128 4.15 -15.47 -31.57
CA LEU B 128 4.82 -15.66 -32.84
C LEU B 128 6.32 -15.99 -32.66
N ILE B 129 7.02 -15.18 -31.86
CA ILE B 129 8.45 -15.32 -31.69
C ILE B 129 8.79 -16.62 -30.94
N SER B 130 8.04 -16.94 -29.89
N SER B 130 8.01 -16.99 -29.94
CA SER B 130 8.30 -18.16 -29.16
CA SER B 130 8.24 -18.26 -29.26
C SER B 130 8.09 -19.38 -30.07
C SER B 130 8.15 -19.43 -30.25
N SER B 131 7.15 -19.29 -31.03
N SER B 131 7.13 -19.44 -31.12
CA SER B 131 6.95 -20.37 -31.99
CA SER B 131 6.99 -20.53 -32.10
C SER B 131 8.19 -20.53 -32.90
C SER B 131 8.18 -20.58 -33.07
N GLN B 132 8.70 -19.39 -33.40
CA GLN B 132 9.87 -19.30 -34.29
C GLN B 132 11.11 -19.81 -33.57
N LEU B 133 11.30 -19.43 -32.29
CA LEU B 133 12.38 -19.97 -31.47
C LEU B 133 12.26 -21.48 -31.30
N SER B 134 11.05 -21.97 -30.99
CA SER B 134 10.91 -23.40 -30.76
C SER B 134 11.29 -24.15 -32.04
N ALA B 135 10.88 -23.62 -33.20
CA ALA B 135 11.15 -24.27 -34.48
C ALA B 135 12.67 -24.32 -34.72
N LEU B 136 13.32 -23.18 -34.50
CA LEU B 136 14.74 -23.09 -34.74
C LEU B 136 15.45 -24.08 -33.82
N VAL B 137 15.01 -24.21 -32.56
CA VAL B 137 15.64 -25.14 -31.62
C VAL B 137 15.33 -26.61 -31.98
N GLU B 138 14.13 -26.85 -32.52
N GLU B 138 14.14 -26.89 -32.51
CA GLU B 138 13.62 -28.19 -32.72
CA GLU B 138 13.73 -28.28 -32.66
C GLU B 138 14.19 -28.82 -33.99
C GLU B 138 14.04 -28.81 -34.07
N GLY B 139 14.62 -27.97 -34.92
CA GLY B 139 14.98 -28.38 -36.27
C GLY B 139 16.44 -28.80 -36.36
N SER B 140 17.04 -28.61 -37.54
CA SER B 140 18.34 -29.21 -37.84
C SER B 140 19.49 -28.21 -37.74
N ALA B 141 19.19 -26.93 -37.46
CA ALA B 141 20.23 -25.90 -37.50
C ALA B 141 21.18 -25.95 -36.30
N LYS B 142 20.70 -26.46 -35.16
CA LYS B 142 21.50 -26.67 -33.96
C LYS B 142 22.25 -25.40 -33.55
N PRO B 143 21.56 -24.26 -33.35
CA PRO B 143 22.20 -23.07 -32.76
C PRO B 143 22.59 -23.28 -31.31
N ASP B 144 23.70 -22.64 -30.90
CA ASP B 144 24.09 -22.62 -29.50
C ASP B 144 23.47 -21.39 -28.79
N VAL B 145 23.19 -20.32 -29.56
N VAL B 145 23.23 -20.31 -29.54
CA VAL B 145 22.57 -19.11 -29.03
CA VAL B 145 22.58 -19.12 -29.04
C VAL B 145 21.84 -18.44 -30.20
C VAL B 145 21.74 -18.60 -30.19
N ILE B 146 20.75 -17.76 -29.88
CA ILE B 146 19.96 -17.09 -30.93
C ILE B 146 19.91 -15.58 -30.68
N VAL B 147 20.18 -14.82 -31.74
CA VAL B 147 20.03 -13.38 -31.66
C VAL B 147 18.65 -13.04 -32.23
N LEU B 148 17.90 -12.27 -31.47
CA LEU B 148 16.63 -11.71 -31.94
C LEU B 148 16.86 -10.23 -32.24
N ALA B 149 16.83 -9.91 -33.53
CA ALA B 149 17.07 -8.55 -33.99
C ALA B 149 15.77 -8.00 -34.58
N LEU B 150 14.89 -7.43 -33.73
CA LEU B 150 13.61 -6.96 -34.26
C LEU B 150 13.85 -5.61 -34.90
N PRO B 151 13.02 -5.23 -35.90
CA PRO B 151 13.15 -3.93 -36.56
C PRO B 151 12.72 -2.86 -35.57
N ILE B 152 13.21 -1.66 -35.79
CA ILE B 152 13.01 -0.57 -34.86
C ILE B 152 11.52 -0.33 -34.62
N PRO B 153 10.63 -0.29 -35.63
CA PRO B 153 9.22 -0.01 -35.32
C PRO B 153 8.53 -1.05 -34.44
N LEU B 154 9.01 -2.30 -34.49
CA LEU B 154 8.48 -3.34 -33.63
C LEU B 154 9.05 -3.21 -32.21
N ILE B 155 10.32 -2.80 -32.09
CA ILE B 155 10.80 -2.52 -30.75
C ILE B 155 10.07 -1.31 -30.19
N GLU B 156 9.71 -0.34 -31.03
CA GLU B 156 9.04 0.84 -30.49
C GLU B 156 7.64 0.46 -30.00
N LYS B 157 6.98 -0.50 -30.69
CA LYS B 157 5.65 -0.88 -30.26
C LYS B 157 5.75 -1.64 -28.94
N LEU B 158 6.72 -2.56 -28.84
CA LEU B 158 6.70 -3.49 -27.74
C LEU B 158 7.32 -2.90 -26.46
N VAL B 159 8.11 -1.83 -26.58
CA VAL B 159 8.93 -1.37 -25.44
C VAL B 159 8.52 0.07 -25.11
N ASN B 160 8.17 0.36 -23.85
CA ASN B 160 7.73 1.71 -23.48
C ASN B 160 8.92 2.67 -23.39
N ALA B 161 8.65 3.97 -23.58
CA ALA B 161 9.73 4.95 -23.53
C ALA B 161 9.70 5.72 -22.20
N LYS B 162 10.85 6.35 -21.86
CA LYS B 162 10.95 7.23 -20.70
C LYS B 162 11.78 8.46 -21.02
N GLY B 175 2.05 -3.21 -11.53
CA GLY B 175 2.16 -4.12 -12.69
C GLY B 175 0.97 -3.95 -13.64
N ASP B 176 0.91 -2.77 -14.28
CA ASP B 176 -0.20 -2.38 -15.12
C ASP B 176 -0.14 -3.08 -16.48
N MSE B 177 1.07 -3.42 -16.95
CA MSE B 177 1.16 -3.82 -18.34
C MSE B 177 2.26 -4.85 -18.59
O MSE B 177 3.27 -4.89 -17.90
CB MSE B 177 1.26 -2.57 -19.24
CG MSE B 177 2.62 -1.97 -19.33
SE MSE B 177 2.37 -0.15 -20.16
CE MSE B 177 2.12 0.94 -18.55
N LEU B 178 2.02 -5.73 -19.58
CA LEU B 178 2.97 -6.79 -19.83
C LEU B 178 4.31 -6.21 -20.29
N ASN B 179 5.39 -6.85 -19.83
CA ASN B 179 6.74 -6.58 -20.33
C ASN B 179 7.06 -7.65 -21.40
N PHE B 180 7.30 -7.19 -22.65
CA PHE B 180 7.54 -8.08 -23.76
C PHE B 180 8.68 -9.05 -23.42
N ARG B 181 9.87 -8.51 -23.05
CA ARG B 181 11.05 -9.34 -22.80
C ARG B 181 10.77 -10.37 -21.70
N ASP B 182 10.19 -9.93 -20.58
CA ASP B 182 9.98 -10.82 -19.43
C ASP B 182 9.02 -11.95 -19.82
N LEU B 183 7.94 -11.60 -20.52
CA LEU B 183 7.01 -12.65 -20.98
C LEU B 183 7.67 -13.59 -22.00
N LEU B 184 8.42 -13.04 -22.97
CA LEU B 184 9.07 -13.91 -23.92
C LEU B 184 10.00 -14.93 -23.23
N LYS B 185 10.81 -14.43 -22.29
CA LYS B 185 11.76 -15.28 -21.57
C LYS B 185 11.02 -16.35 -20.80
N ALA B 186 9.86 -15.97 -20.24
CA ALA B 186 9.07 -16.96 -19.51
C ALA B 186 8.53 -18.02 -20.47
N LYS B 187 8.00 -17.60 -21.60
CA LYS B 187 7.43 -18.58 -22.52
C LYS B 187 8.49 -19.42 -23.23
N THR B 188 9.77 -19.12 -23.06
CA THR B 188 10.80 -19.84 -23.78
C THR B 188 11.75 -20.49 -22.78
N LEU B 189 11.37 -20.48 -21.50
CA LEU B 189 12.23 -20.94 -20.43
C LEU B 189 12.51 -22.43 -20.55
N HIS B 190 11.63 -23.15 -21.25
CA HIS B 190 11.85 -24.58 -21.42
C HIS B 190 12.81 -24.88 -22.58
N LEU B 191 13.18 -23.87 -23.39
CA LEU B 191 14.13 -24.10 -24.49
C LEU B 191 15.56 -24.04 -23.99
N PRO B 192 16.44 -24.97 -24.43
CA PRO B 192 17.84 -24.98 -24.01
C PRO B 192 18.79 -23.97 -24.67
N VAL B 193 18.34 -23.28 -25.72
CA VAL B 193 19.18 -22.35 -26.44
C VAL B 193 18.76 -20.93 -26.05
N PRO B 194 19.61 -20.17 -25.32
CA PRO B 194 19.28 -18.80 -24.91
C PRO B 194 19.20 -17.80 -26.05
N THR B 195 18.52 -16.70 -25.78
CA THR B 195 18.29 -15.63 -26.74
C THR B 195 18.93 -14.33 -26.27
N GLN B 196 19.47 -13.60 -27.25
CA GLN B 196 20.04 -12.27 -27.00
C GLN B 196 19.22 -11.30 -27.85
N ILE B 197 18.57 -10.33 -27.21
CA ILE B 197 17.66 -9.44 -27.93
C ILE B 197 18.34 -8.09 -28.10
N VAL B 198 18.47 -7.62 -29.37
CA VAL B 198 19.33 -6.49 -29.68
C VAL B 198 18.60 -5.43 -30.50
N TRP B 199 19.05 -4.18 -30.42
CA TRP B 199 18.65 -3.11 -31.34
C TRP B 199 19.44 -3.32 -32.62
N PRO B 200 18.79 -3.22 -33.80
CA PRO B 200 19.44 -3.67 -35.03
C PRO B 200 20.33 -2.60 -35.67
N ASP B 201 20.43 -1.44 -35.02
CA ASP B 201 21.30 -0.39 -35.52
C ASP B 201 22.62 -0.35 -34.76
N THR B 202 22.57 -0.44 -33.43
CA THR B 202 23.77 -0.26 -32.62
C THR B 202 24.23 -1.58 -31.99
N TRP B 203 23.31 -2.56 -31.97
CA TRP B 203 23.64 -3.91 -31.46
C TRP B 203 23.70 -3.98 -29.94
N ASP B 204 23.31 -2.92 -29.21
CA ASP B 204 23.22 -3.10 -27.77
C ASP B 204 21.90 -3.78 -27.40
N ASP B 205 21.75 -4.06 -26.09
CA ASP B 205 20.60 -4.80 -25.61
C ASP B 205 19.31 -4.00 -25.78
N ALA B 206 18.22 -4.66 -26.22
CA ALA B 206 16.91 -4.02 -26.28
C ALA B 206 15.94 -4.70 -25.30
N ALA B 207 14.97 -3.90 -24.83
CA ALA B 207 13.76 -4.40 -24.17
C ALA B 207 14.04 -4.70 -22.69
N LYS B 208 15.30 -4.59 -22.24
CA LYS B 208 15.60 -4.85 -20.83
C LYS B 208 15.20 -3.66 -19.96
N ILE B 209 15.32 -2.47 -20.54
CA ILE B 209 14.98 -1.22 -19.87
C ILE B 209 14.11 -0.41 -20.82
N PRO B 210 13.44 0.68 -20.37
CA PRO B 210 12.69 1.52 -21.30
C PRO B 210 13.62 2.19 -22.32
N ARG B 211 13.05 2.48 -23.48
CA ARG B 211 13.74 3.13 -24.58
C ARG B 211 13.63 4.65 -24.43
N LYS B 212 14.54 5.35 -25.11
CA LYS B 212 14.54 6.81 -25.08
C LYS B 212 13.77 7.29 -26.29
N ILE B 213 12.79 8.19 -26.09
CA ILE B 213 11.91 8.58 -27.18
C ILE B 213 12.74 9.14 -28.35
N LYS B 214 13.80 9.89 -28.03
CA LYS B 214 14.70 10.43 -29.08
C LYS B 214 16.02 9.66 -29.08
N ARG B 215 16.00 8.38 -29.47
CA ARG B 215 17.20 7.56 -29.51
C ARG B 215 17.99 7.92 -30.76
N ASP B 216 19.20 8.44 -30.56
CA ASP B 216 20.01 9.00 -31.64
C ASP B 216 21.45 9.14 -31.14
N GLN B 222 32.34 4.58 -32.48
CA GLN B 222 31.83 5.64 -31.55
C GLN B 222 31.84 5.07 -30.15
N VAL B 223 30.91 4.12 -29.90
CA VAL B 223 31.15 3.11 -28.87
C VAL B 223 31.03 1.75 -29.55
N LYS B 224 31.17 1.71 -30.88
CA LYS B 224 31.02 0.49 -31.65
C LYS B 224 31.94 -0.63 -31.14
N ALA B 225 33.23 -0.33 -30.87
CA ALA B 225 34.09 -1.44 -30.43
C ALA B 225 33.60 -2.01 -29.10
N THR B 226 33.14 -1.15 -28.21
CA THR B 226 32.58 -1.59 -26.93
C THR B 226 31.32 -2.43 -27.17
N ARG B 227 30.46 -2.00 -28.09
N ARG B 227 30.45 -1.99 -28.09
CA ARG B 227 29.26 -2.78 -28.40
CA ARG B 227 29.27 -2.76 -28.43
C ARG B 227 29.63 -4.16 -28.92
C ARG B 227 29.66 -4.17 -28.88
N ALA B 228 30.74 -4.26 -29.66
CA ALA B 228 31.18 -5.53 -30.21
C ALA B 228 31.66 -6.45 -29.08
N TRP B 229 32.53 -5.89 -28.21
CA TRP B 229 33.03 -6.62 -27.06
C TRP B 229 31.84 -7.18 -26.28
N ASN B 230 30.89 -6.28 -25.99
CA ASN B 230 29.79 -6.65 -25.09
C ASN B 230 28.89 -7.74 -25.72
N LEU B 231 28.56 -7.58 -26.99
CA LEU B 231 27.66 -8.57 -27.61
C LEU B 231 28.34 -9.93 -27.69
N LEU B 232 29.62 -9.95 -28.09
CA LEU B 232 30.32 -11.22 -28.19
C LEU B 232 30.50 -11.85 -26.82
N ASN B 233 30.79 -11.04 -25.80
CA ASN B 233 30.93 -11.63 -24.48
C ASN B 233 29.59 -12.25 -24.05
N ALA B 234 28.48 -11.54 -24.32
CA ALA B 234 27.15 -12.06 -23.96
C ALA B 234 26.87 -13.38 -24.69
N LEU B 235 27.16 -13.44 -25.98
CA LEU B 235 26.94 -14.68 -26.73
C LEU B 235 27.83 -15.81 -26.23
N PHE B 236 29.08 -15.48 -25.85
CA PHE B 236 29.99 -16.49 -25.33
C PHE B 236 29.44 -17.12 -24.05
N TYR B 237 28.97 -16.28 -23.09
CA TYR B 237 28.40 -16.80 -21.85
C TYR B 237 27.14 -17.61 -22.20
N LYS B 238 26.32 -17.09 -23.11
CA LYS B 238 25.08 -17.81 -23.40
C LYS B 238 25.33 -19.16 -24.10
N ALA B 239 26.47 -19.30 -24.80
CA ALA B 239 26.81 -20.57 -25.43
C ALA B 239 27.36 -21.56 -24.40
N GLY B 240 27.50 -21.12 -23.15
CA GLY B 240 27.96 -21.96 -22.06
C GLY B 240 29.49 -21.98 -21.82
N LYS B 241 30.22 -21.03 -22.40
CA LYS B 241 31.67 -20.99 -22.25
C LYS B 241 32.05 -19.97 -21.18
N VAL B 242 33.20 -20.15 -20.56
CA VAL B 242 33.56 -19.35 -19.38
C VAL B 242 34.77 -18.51 -19.79
N PRO B 243 34.73 -17.17 -19.75
CA PRO B 243 35.91 -16.37 -20.18
C PRO B 243 37.01 -16.29 -19.11
N TRP B 244 36.63 -16.48 -17.83
CA TRP B 244 37.54 -16.31 -16.72
C TRP B 244 36.89 -16.75 -15.41
N ARG B 245 37.68 -16.89 -14.35
CA ARG B 245 37.15 -17.22 -13.04
C ARG B 245 37.64 -16.18 -12.04
N LEU B 246 36.89 -16.01 -10.93
CA LEU B 246 37.41 -15.25 -9.81
C LEU B 246 38.65 -16.00 -9.28
N LEU B 247 39.76 -15.26 -9.10
CA LEU B 247 40.99 -15.85 -8.57
C LEU B 247 40.77 -16.05 -7.08
N PRO B 248 40.79 -17.30 -6.58
CA PRO B 248 40.59 -17.56 -5.16
C PRO B 248 41.89 -17.37 -4.36
N ASP B 249 41.73 -17.18 -3.03
N ASP B 249 41.73 -17.18 -3.03
CA ASP B 249 42.86 -17.14 -2.11
CA ASP B 249 42.87 -17.13 -2.12
C ASP B 249 43.59 -18.49 -2.12
C ASP B 249 43.59 -18.49 -2.12
N GLN B 250 42.82 -19.58 -1.99
CA GLN B 250 43.37 -20.93 -2.03
C GLN B 250 42.75 -21.71 -3.19
N ALA B 251 43.60 -22.44 -3.93
CA ALA B 251 43.18 -23.22 -5.09
C ALA B 251 42.35 -24.42 -4.64
N GLU B 252 42.40 -24.70 -3.32
CA GLU B 252 41.68 -25.81 -2.69
C GLU B 252 40.35 -25.32 -2.13
N TYR B 253 40.38 -24.10 -1.57
CA TYR B 253 39.20 -23.52 -0.88
C TYR B 253 38.19 -22.93 -1.85
N ARG B 254 37.38 -23.76 -2.48
CA ARG B 254 36.29 -23.31 -3.32
C ARG B 254 35.18 -22.69 -2.47
N THR B 255 34.60 -21.57 -2.93
CA THR B 255 33.49 -20.91 -2.25
C THR B 255 32.29 -20.89 -3.21
N SER B 256 31.07 -21.12 -2.68
CA SER B 256 29.86 -20.97 -3.47
C SER B 256 29.06 -19.84 -2.84
N PHE B 257 28.27 -19.15 -3.66
CA PHE B 257 27.61 -17.94 -3.22
C PHE B 257 26.13 -18.08 -3.57
N LEU B 258 25.29 -18.05 -2.54
CA LEU B 258 23.87 -18.32 -2.73
C LEU B 258 23.09 -17.06 -2.39
N GLY B 259 22.41 -16.45 -3.36
CA GLY B 259 21.49 -15.36 -3.00
C GLY B 259 20.07 -15.91 -2.78
N ILE B 260 19.33 -15.32 -1.85
CA ILE B 260 17.95 -15.73 -1.65
C ILE B 260 17.11 -14.47 -1.88
N GLY B 261 16.08 -14.60 -2.72
CA GLY B 261 15.31 -13.44 -3.14
C GLY B 261 13.81 -13.78 -3.08
N PHE B 262 12.98 -12.77 -3.40
CA PHE B 262 11.54 -13.05 -3.44
C PHE B 262 10.93 -12.27 -4.60
N TYR B 263 9.86 -12.82 -5.19
CA TYR B 263 9.12 -12.00 -6.15
C TYR B 263 7.64 -12.16 -5.87
N ARG B 264 6.84 -11.19 -6.33
CA ARG B 264 5.41 -11.26 -6.05
C ARG B 264 4.59 -11.60 -7.29
N ASP B 265 3.60 -12.50 -7.14
CA ASP B 265 2.71 -12.88 -8.25
C ASP B 265 1.67 -11.76 -8.43
N LEU B 266 1.22 -11.57 -9.68
CA LEU B 266 0.19 -10.56 -9.94
C LEU B 266 -1.22 -11.13 -9.83
N ASP B 267 -1.35 -12.42 -10.09
CA ASP B 267 -2.62 -13.13 -10.09
C ASP B 267 -2.83 -13.85 -8.75
N GLY B 268 -3.94 -14.60 -8.64
CA GLY B 268 -4.19 -15.41 -7.46
C GLY B 268 -4.47 -14.52 -6.24
N GLN B 269 -3.63 -14.66 -5.22
CA GLN B 269 -3.68 -13.92 -3.97
C GLN B 269 -2.48 -13.00 -3.87
N GLN B 270 -1.77 -12.81 -4.98
CA GLN B 270 -0.53 -12.05 -5.01
C GLN B 270 0.44 -12.55 -3.91
N LEU B 271 0.61 -13.85 -3.83
CA LEU B 271 1.57 -14.39 -2.87
C LEU B 271 2.98 -14.13 -3.41
N TRP B 272 3.94 -14.08 -2.47
CA TRP B 272 5.37 -14.02 -2.80
C TRP B 272 5.94 -15.43 -2.87
N THR B 273 6.94 -15.62 -3.74
CA THR B 273 7.63 -16.89 -3.89
C THR B 273 9.14 -16.67 -3.67
N SER B 274 9.76 -17.53 -2.87
CA SER B 274 11.21 -17.45 -2.69
C SER B 274 11.97 -17.96 -3.94
N THR B 275 13.20 -17.45 -4.15
CA THR B 275 14.07 -17.90 -5.23
C THR B 275 15.49 -17.95 -4.64
N ALA B 276 16.29 -18.84 -5.23
CA ALA B 276 17.72 -18.87 -4.88
C ALA B 276 18.53 -18.69 -6.16
N GLN B 277 19.64 -17.98 -6.05
CA GLN B 277 20.56 -17.76 -7.16
C GLN B 277 21.95 -18.19 -6.69
N MSE B 278 22.39 -19.37 -7.14
CA MSE B 278 23.54 -20.08 -6.58
C MSE B 278 24.67 -19.98 -7.61
O MSE B 278 24.61 -20.61 -8.67
CB MSE B 278 23.07 -21.51 -6.28
CG MSE B 278 24.10 -22.56 -5.83
SE MSE B 278 25.17 -22.01 -4.26
CE MSE B 278 25.61 -23.71 -3.36
N PHE B 279 25.71 -19.21 -7.28
CA PHE B 279 26.78 -18.92 -8.22
C PHE B 279 28.07 -19.62 -7.79
N ASP B 280 28.93 -19.95 -8.79
CA ASP B 280 30.25 -20.48 -8.46
C ASP B 280 31.31 -19.48 -8.90
N GLU B 281 32.59 -19.82 -8.69
CA GLU B 281 33.65 -18.87 -8.94
C GLU B 281 33.86 -18.67 -10.45
N ARG B 282 33.25 -19.53 -11.29
CA ARG B 282 33.33 -19.28 -12.74
C ARG B 282 32.19 -18.40 -13.24
N GLY B 283 31.37 -17.88 -12.32
CA GLY B 283 30.27 -17.01 -12.70
C GLY B 283 29.04 -17.72 -13.26
N ARG B 284 29.00 -19.06 -13.16
CA ARG B 284 27.83 -19.80 -13.60
C ARG B 284 26.81 -19.83 -12.49
N GLY B 285 25.53 -19.64 -12.86
CA GLY B 285 24.46 -19.57 -11.88
C GLY B 285 23.45 -20.72 -12.02
N LEU B 286 22.89 -21.12 -10.86
CA LEU B 286 21.79 -22.08 -10.84
C LEU B 286 20.62 -21.36 -10.19
N ILE B 287 19.43 -21.47 -10.79
CA ILE B 287 18.24 -20.77 -10.31
C ILE B 287 17.24 -21.81 -9.76
N LEU B 288 16.84 -21.62 -8.50
N LEU B 288 16.80 -21.62 -8.51
CA LEU B 288 15.83 -22.46 -7.87
CA LEU B 288 15.81 -22.51 -7.92
C LEU B 288 14.63 -21.60 -7.51
C LEU B 288 14.66 -21.69 -7.35
N ARG B 289 13.44 -22.21 -7.52
CA ARG B 289 12.28 -21.58 -6.92
C ARG B 289 11.94 -22.40 -5.69
N GLY B 290 11.67 -21.72 -4.57
CA GLY B 290 11.39 -22.43 -3.33
C GLY B 290 9.90 -22.26 -2.97
N ALA B 291 9.62 -22.31 -1.67
CA ALA B 291 8.25 -22.28 -1.20
C ALA B 291 7.68 -20.86 -1.33
N ARG B 292 6.35 -20.75 -1.17
CA ARG B 292 5.76 -19.42 -0.99
C ARG B 292 6.30 -18.82 0.29
N ALA B 293 6.42 -17.49 0.29
CA ALA B 293 6.91 -16.81 1.47
C ALA B 293 5.73 -16.49 2.40
N GLN B 294 6.05 -16.30 3.68
CA GLN B 294 5.18 -15.59 4.60
C GLN B 294 5.38 -14.08 4.43
N THR B 295 4.53 -13.24 5.00
CA THR B 295 4.73 -11.79 4.94
C THR B 295 4.48 -11.21 6.32
N GLU B 296 5.20 -10.16 6.69
CA GLU B 296 5.09 -9.56 8.00
C GLU B 296 3.77 -8.83 8.19
N THR B 297 3.40 -7.99 7.21
CA THR B 297 2.28 -7.09 7.44
C THR B 297 1.60 -6.79 6.11
N ARG B 298 0.28 -7.02 6.07
CA ARG B 298 -0.53 -6.65 4.92
C ARG B 298 0.15 -7.05 3.60
N GLY B 299 0.64 -8.30 3.50
CA GLY B 299 1.12 -8.82 2.22
C GLY B 299 2.47 -8.24 1.78
N ARG B 300 3.16 -7.56 2.69
CA ARG B 300 4.50 -7.00 2.38
C ARG B 300 5.57 -7.57 3.34
N HIS B 301 6.84 -7.32 3.05
CA HIS B 301 7.97 -7.87 3.86
C HIS B 301 8.02 -9.41 3.85
N PRO B 302 8.25 -10.03 2.68
CA PRO B 302 8.30 -11.48 2.57
C PRO B 302 9.47 -12.13 3.35
N TYR B 303 9.24 -13.32 3.89
CA TYR B 303 10.27 -14.05 4.65
C TYR B 303 9.92 -15.51 4.63
N LEU B 304 10.93 -16.35 4.93
CA LEU B 304 10.65 -17.77 4.91
C LEU B 304 10.55 -18.28 6.36
N THR B 305 9.69 -19.29 6.59
CA THR B 305 9.73 -20.06 7.83
C THR B 305 11.03 -20.89 7.92
N ALA B 306 11.33 -21.38 9.12
CA ALA B 306 12.56 -22.16 9.29
C ALA B 306 12.58 -23.33 8.33
N LYS B 307 11.44 -24.02 8.20
CA LYS B 307 11.33 -25.20 7.38
C LYS B 307 11.55 -24.89 5.90
N ASP B 308 10.96 -23.80 5.43
CA ASP B 308 11.08 -23.50 4.00
C ASP B 308 12.48 -22.93 3.66
N ALA B 309 13.11 -22.22 4.60
CA ALA B 309 14.48 -21.74 4.39
C ALA B 309 15.43 -22.92 4.34
N GLU B 310 15.26 -23.87 5.29
CA GLU B 310 16.05 -25.09 5.20
C GLU B 310 15.87 -25.79 3.86
N ASP B 311 14.61 -26.00 3.43
CA ASP B 311 14.35 -26.72 2.18
C ASP B 311 15.01 -26.03 0.97
N LEU B 312 14.96 -24.69 0.95
CA LEU B 312 15.51 -23.99 -0.22
C LEU B 312 17.03 -24.15 -0.24
N VAL B 313 17.67 -24.03 0.94
CA VAL B 313 19.12 -24.15 0.94
C VAL B 313 19.54 -25.59 0.60
N VAL B 314 18.81 -26.60 1.13
CA VAL B 314 19.06 -27.98 0.75
C VAL B 314 18.90 -28.19 -0.74
N GLN B 315 17.84 -27.63 -1.36
CA GLN B 315 17.58 -27.76 -2.79
C GLN B 315 18.78 -27.14 -3.52
N SER B 316 19.23 -25.98 -3.04
CA SER B 316 20.28 -25.26 -3.79
C SER B 316 21.60 -26.05 -3.75
N ILE B 317 21.96 -26.52 -2.55
CA ILE B 317 23.19 -27.30 -2.36
C ILE B 317 23.14 -28.55 -3.24
N ALA B 318 21.99 -29.22 -3.25
CA ALA B 318 21.80 -30.35 -4.13
C ALA B 318 22.06 -30.01 -5.59
N ALA B 319 21.54 -28.88 -6.08
CA ALA B 319 21.74 -28.51 -7.47
C ALA B 319 23.22 -28.21 -7.70
N TYR B 320 23.84 -27.53 -6.74
CA TYR B 320 25.25 -27.22 -6.91
C TYR B 320 26.04 -28.52 -7.10
N LYS B 321 25.80 -29.49 -6.20
CA LYS B 321 26.55 -30.74 -6.24
C LYS B 321 26.34 -31.47 -7.56
N ALA B 322 25.14 -31.34 -8.11
CA ALA B 322 24.81 -32.00 -9.35
C ALA B 322 25.57 -31.40 -10.52
N HIS B 323 26.08 -30.18 -10.38
CA HIS B 323 26.68 -29.51 -11.53
C HIS B 323 28.17 -29.25 -11.37
N HIS B 324 28.77 -29.74 -10.29
CA HIS B 324 30.15 -29.41 -9.96
C HIS B 324 30.90 -30.67 -9.53
N ARG B 325 32.22 -30.65 -9.75
CA ARG B 325 33.03 -31.78 -9.31
C ARG B 325 33.26 -31.76 -7.80
N HIS B 326 33.55 -30.57 -7.27
CA HIS B 326 34.06 -30.46 -5.94
C HIS B 326 32.96 -29.89 -5.06
N VAL B 327 32.90 -30.37 -3.83
CA VAL B 327 32.05 -29.72 -2.84
C VAL B 327 32.77 -28.45 -2.36
N PRO B 328 32.04 -27.33 -2.16
CA PRO B 328 32.69 -26.10 -1.68
C PRO B 328 33.15 -26.25 -0.23
N ALA B 329 34.25 -25.60 0.11
CA ALA B 329 34.70 -25.50 1.49
C ALA B 329 33.93 -24.39 2.26
N ARG B 330 33.28 -23.47 1.54
CA ARG B 330 32.60 -22.34 2.17
C ARG B 330 31.36 -21.98 1.34
N LEU B 331 30.23 -21.75 2.05
CA LEU B 331 29.05 -21.20 1.38
C LEU B 331 28.65 -19.86 2.02
N VAL B 332 28.47 -18.82 1.18
CA VAL B 332 28.09 -17.51 1.66
C VAL B 332 26.65 -17.28 1.15
N VAL B 333 25.76 -16.89 2.07
CA VAL B 333 24.37 -16.65 1.73
C VAL B 333 24.14 -15.14 1.78
N LEU B 334 23.55 -14.55 0.70
CA LEU B 334 23.33 -13.12 0.62
C LEU B 334 21.82 -12.89 0.47
N LYS B 335 21.30 -11.87 1.16
CA LYS B 335 19.85 -11.51 1.07
C LYS B 335 19.73 -9.98 1.21
N THR B 336 18.87 -9.34 0.41
CA THR B 336 18.77 -7.89 0.48
C THR B 336 17.87 -7.40 1.62
N SER B 337 17.22 -8.31 2.35
CA SER B 337 16.46 -7.95 3.54
C SER B 337 17.05 -8.71 4.75
N ARG B 338 16.81 -8.17 5.94
CA ARG B 338 17.44 -8.77 7.12
C ARG B 338 17.05 -10.23 7.25
N PHE B 339 17.95 -11.06 7.78
CA PHE B 339 17.64 -12.44 8.07
C PHE B 339 16.70 -12.50 9.28
N ARG B 340 15.46 -12.99 9.07
CA ARG B 340 14.60 -13.29 10.20
C ARG B 340 15.26 -14.38 11.05
N SER B 341 14.99 -14.38 12.35
CA SER B 341 15.53 -15.47 13.18
C SER B 341 15.17 -16.83 12.58
N GLU B 342 13.95 -16.99 12.06
CA GLU B 342 13.55 -18.27 11.50
C GLU B 342 14.35 -18.62 10.24
N GLU B 343 14.71 -17.61 9.43
CA GLU B 343 15.52 -17.87 8.25
C GLU B 343 16.93 -18.35 8.65
N ALA B 344 17.52 -17.68 9.64
CA ALA B 344 18.86 -18.01 10.12
C ALA B 344 18.84 -19.41 10.71
N GLU B 345 17.77 -19.71 11.45
CA GLU B 345 17.59 -21.06 11.97
C GLU B 345 17.56 -22.11 10.87
N GLY B 346 16.73 -21.93 9.83
CA GLY B 346 16.62 -22.95 8.80
C GLY B 346 17.88 -23.05 7.94
N ILE B 347 18.52 -21.89 7.69
CA ILE B 347 19.73 -21.92 6.89
C ILE B 347 20.79 -22.68 7.72
N ASP B 348 20.87 -22.35 9.02
CA ASP B 348 21.81 -23.06 9.89
C ASP B 348 21.57 -24.57 9.83
N ALA B 349 20.30 -25.00 9.85
CA ALA B 349 19.95 -26.41 9.83
C ALA B 349 20.40 -27.08 8.52
N ALA B 350 20.23 -26.37 7.39
CA ALA B 350 20.62 -26.95 6.12
C ALA B 350 22.16 -27.05 6.03
N LEU B 351 22.86 -26.03 6.54
CA LEU B 351 24.33 -25.97 6.46
C LEU B 351 24.92 -27.10 7.30
N GLY B 352 24.48 -27.18 8.57
CA GLY B 352 24.87 -28.24 9.49
C GLY B 352 24.86 -29.62 8.84
N LYS B 353 23.74 -29.93 8.18
CA LYS B 353 23.52 -31.22 7.55
C LYS B 353 24.31 -31.38 6.26
N SER B 354 24.81 -30.27 5.68
CA SER B 354 25.49 -30.34 4.40
C SER B 354 26.92 -30.82 4.60
N GLY B 355 27.45 -30.58 5.80
CA GLY B 355 28.85 -30.82 6.13
C GLY B 355 29.81 -29.81 5.48
N ILE B 356 29.29 -28.80 4.76
CA ILE B 356 30.12 -27.70 4.28
C ILE B 356 30.74 -27.06 5.50
N GLU B 357 32.07 -26.85 5.43
CA GLU B 357 32.87 -26.56 6.61
C GLU B 357 32.59 -25.16 7.18
N MSE B 358 32.52 -24.16 6.28
CA MSE B 358 32.41 -22.77 6.66
C MSE B 358 31.16 -22.19 6.02
O MSE B 358 30.72 -22.65 4.97
CB MSE B 358 33.65 -21.99 6.20
CG MSE B 358 34.92 -22.39 6.94
SE MSE B 358 36.50 -21.50 6.31
CE MSE B 358 36.13 -19.73 7.02
N SER B 359 30.57 -21.18 6.66
CA SER B 359 29.41 -20.53 6.05
C SER B 359 29.24 -19.14 6.62
N ASP B 360 28.65 -18.25 5.79
CA ASP B 360 28.45 -16.87 6.17
C ASP B 360 27.06 -16.43 5.70
N LEU B 361 26.41 -15.55 6.46
CA LEU B 361 25.15 -14.94 6.07
C LEU B 361 25.34 -13.43 6.08
N VAL B 362 25.06 -12.76 4.95
CA VAL B 362 25.29 -11.33 4.86
C VAL B 362 24.03 -10.66 4.30
N TRP B 363 23.54 -9.66 5.03
CA TRP B 363 22.47 -8.80 4.55
C TRP B 363 23.13 -7.68 3.76
N VAL B 364 22.82 -7.56 2.48
CA VAL B 364 23.40 -6.58 1.59
C VAL B 364 22.37 -5.46 1.44
N GLN B 365 22.54 -4.33 2.17
CA GLN B 365 21.62 -3.22 1.99
C GLN B 365 21.94 -2.49 0.69
N GLU B 366 20.94 -2.40 -0.21
CA GLU B 366 21.18 -1.68 -1.46
C GLU B 366 20.80 -0.20 -1.37
N SER B 367 20.10 0.21 -0.30
CA SER B 367 19.55 1.57 -0.24
C SER B 367 19.98 2.28 1.05
N SER B 368 21.17 1.99 1.56
CA SER B 368 21.60 2.69 2.78
C SER B 368 21.84 4.16 2.46
N PRO B 369 21.49 5.09 3.41
CA PRO B 369 21.81 6.51 3.24
C PRO B 369 23.23 6.92 3.65
N ILE B 370 24.01 5.97 4.19
CA ILE B 370 25.31 6.30 4.75
C ILE B 370 26.30 6.49 3.60
N ALA B 371 27.17 7.50 3.70
CA ALA B 371 28.15 7.74 2.65
C ALA B 371 29.32 8.57 3.18
N ILE B 372 30.48 8.45 2.51
CA ILE B 372 31.61 9.32 2.84
C ILE B 372 31.95 10.19 1.64
N PHE B 373 32.64 11.32 1.86
CA PHE B 373 32.86 12.23 0.76
C PHE B 373 34.27 12.79 0.87
N ARG B 374 35.07 12.48 -0.15
CA ARG B 374 36.42 13.05 -0.19
C ARG B 374 36.28 14.48 -0.69
N ASP B 375 37.40 15.20 -0.65
CA ASP B 375 37.36 16.61 -0.99
C ASP B 375 37.84 16.79 -2.43
N GLY B 376 36.92 17.13 -3.34
CA GLY B 376 37.20 17.19 -4.76
C GLY B 376 35.98 16.79 -5.59
N ASN B 377 36.19 16.69 -6.90
CA ASN B 377 35.06 16.47 -7.80
C ASN B 377 34.89 14.98 -8.09
N TYR B 378 35.94 14.18 -7.97
CA TYR B 378 35.84 12.74 -8.24
C TYR B 378 35.38 12.03 -6.97
N PRO B 379 34.50 11.00 -7.06
CA PRO B 379 34.13 10.22 -5.87
C PRO B 379 35.24 9.30 -5.37
N VAL B 380 35.05 8.70 -4.18
CA VAL B 380 36.04 7.79 -3.64
C VAL B 380 36.27 6.63 -4.61
N LEU B 381 37.43 5.97 -4.46
CA LEU B 381 37.77 4.86 -5.33
C LEU B 381 36.76 3.72 -5.14
N ARG B 382 36.45 3.00 -6.24
CA ARG B 382 35.91 1.66 -6.10
C ARG B 382 36.83 0.82 -5.21
N GLY B 383 36.24 0.04 -4.31
CA GLY B 383 36.97 -0.79 -3.37
C GLY B 383 37.21 -0.11 -1.99
N THR B 384 36.79 1.14 -1.84
CA THR B 384 36.80 1.80 -0.54
C THR B 384 35.81 1.13 0.40
N PHE B 385 36.30 0.81 1.61
CA PHE B 385 35.52 0.09 2.58
C PHE B 385 35.72 0.77 3.92
N VAL B 386 34.62 0.93 4.67
CA VAL B 386 34.68 1.46 6.02
C VAL B 386 33.99 0.49 6.96
N ASP B 387 34.70 0.03 7.99
CA ASP B 387 34.11 -0.86 8.96
C ASP B 387 33.42 0.04 10.01
N LEU B 388 32.09 0.02 10.01
CA LEU B 388 31.28 0.84 10.94
C LEU B 388 30.81 -0.05 12.08
N ASP B 389 31.73 -0.51 12.93
CA ASP B 389 31.33 -1.29 14.14
C ASP B 389 30.42 -2.46 13.81
N GLY B 390 30.84 -3.38 12.94
CA GLY B 390 30.04 -4.57 12.62
C GLY B 390 29.15 -4.37 11.42
N LYS B 391 29.20 -3.20 10.80
CA LYS B 391 28.48 -2.95 9.53
C LYS B 391 29.59 -2.52 8.58
N GLY B 392 29.49 -2.83 7.29
CA GLY B 392 30.61 -2.59 6.38
C GLY B 392 30.15 -1.78 5.18
N LEU B 393 30.66 -0.56 5.05
CA LEU B 393 30.25 0.32 3.96
C LEU B 393 31.20 0.04 2.80
N LEU B 394 30.69 -0.42 1.65
CA LEU B 394 31.58 -0.82 0.57
C LEU B 394 31.21 -0.06 -0.73
N TYR B 395 32.19 0.61 -1.35
CA TYR B 395 31.97 1.30 -2.62
C TYR B 395 32.26 0.29 -3.74
N THR B 396 31.22 -0.29 -4.35
CA THR B 396 31.46 -1.15 -5.50
C THR B 396 31.55 -0.30 -6.76
N ARG B 397 31.08 0.97 -6.69
CA ARG B 397 31.29 1.91 -7.76
C ARG B 397 32.00 3.14 -7.21
N GLY B 398 32.71 3.82 -8.11
CA GLY B 398 33.55 4.95 -7.72
C GLY B 398 34.68 5.13 -8.74
N SER B 399 35.64 5.98 -8.37
CA SER B 399 36.79 6.20 -9.22
C SER B 399 37.52 4.89 -9.44
N VAL B 400 37.90 4.65 -10.70
CA VAL B 400 38.54 3.41 -11.12
C VAL B 400 39.91 3.75 -11.73
N PRO B 401 41.03 3.50 -11.01
CA PRO B 401 42.36 3.81 -11.55
C PRO B 401 42.68 3.19 -12.91
N PHE B 402 42.30 1.92 -13.10
CA PHE B 402 42.48 1.31 -14.42
C PHE B 402 41.90 2.13 -15.56
N TYR B 403 40.68 2.69 -15.37
CA TYR B 403 39.96 3.40 -16.40
C TYR B 403 40.38 4.87 -16.51
N GLY B 404 41.11 5.38 -15.52
CA GLY B 404 41.54 6.78 -15.43
C GLY B 404 40.40 7.79 -15.29
N THR B 405 39.29 7.35 -14.67
CA THR B 405 38.11 8.20 -14.53
C THR B 405 37.14 7.52 -13.56
N PHE B 406 36.07 8.22 -13.24
CA PHE B 406 34.85 7.63 -12.68
C PHE B 406 33.90 7.41 -13.86
N PRO B 407 33.67 6.14 -14.29
CA PRO B 407 32.90 5.93 -15.52
C PRO B 407 31.44 6.44 -15.52
N GLY B 408 30.86 6.67 -14.34
CA GLY B 408 29.49 7.19 -14.28
C GLY B 408 29.43 8.71 -14.18
N LEU B 409 28.22 9.23 -13.83
CA LEU B 409 28.03 10.66 -13.66
C LEU B 409 27.52 10.97 -12.26
N ARG B 410 26.33 10.46 -11.94
CA ARG B 410 25.79 10.63 -10.59
C ARG B 410 26.70 9.97 -9.55
N VAL B 411 26.84 10.62 -8.39
CA VAL B 411 27.72 10.10 -7.36
C VAL B 411 27.30 8.67 -7.02
N PRO B 412 28.26 7.76 -6.80
CA PRO B 412 27.93 6.39 -6.38
C PRO B 412 27.46 6.38 -4.93
N ARG B 413 26.51 5.49 -4.64
CA ARG B 413 26.08 5.27 -3.27
C ARG B 413 26.49 3.86 -2.92
N PRO B 414 27.17 3.68 -1.78
CA PRO B 414 27.79 2.39 -1.44
C PRO B 414 26.76 1.37 -0.95
N LEU B 415 27.20 0.10 -0.85
CA LEU B 415 26.43 -0.94 -0.20
C LEU B 415 26.77 -0.90 1.29
N LEU B 416 25.80 -1.32 2.13
CA LEU B 416 26.12 -1.57 3.53
C LEU B 416 25.97 -3.06 3.80
N LEU B 417 27.05 -3.71 4.25
CA LEU B 417 27.01 -5.14 4.47
C LEU B 417 26.88 -5.40 5.97
N VAL B 418 25.88 -6.22 6.31
CA VAL B 418 25.62 -6.57 7.70
C VAL B 418 25.73 -8.08 7.85
N PRO B 419 26.90 -8.58 8.32
CA PRO B 419 27.06 -10.02 8.54
C PRO B 419 26.27 -10.49 9.75
N HIS B 420 25.63 -11.64 9.62
CA HIS B 420 24.87 -12.18 10.72
C HIS B 420 25.87 -12.75 11.73
N GLU B 421 25.48 -12.78 13.00
CA GLU B 421 26.35 -13.34 14.04
C GLU B 421 26.70 -14.80 13.78
N ASN B 422 25.85 -15.56 13.06
CA ASN B 422 26.19 -16.93 12.71
C ASN B 422 27.39 -17.07 11.75
N SER B 423 27.95 -15.99 11.19
CA SER B 423 28.99 -16.08 10.15
C SER B 423 30.39 -16.47 10.67
N ASP B 424 31.11 -17.28 9.88
CA ASP B 424 32.47 -17.73 10.19
C ASP B 424 33.56 -16.72 9.81
N SER B 425 33.33 -15.92 8.75
CA SER B 425 34.33 -15.01 8.18
C SER B 425 34.29 -13.61 8.82
N THR B 426 35.36 -12.82 8.68
CA THR B 426 35.34 -11.43 9.13
C THR B 426 34.63 -10.58 8.07
N ILE B 427 34.24 -9.36 8.46
N ILE B 427 34.18 -9.39 8.48
CA ILE B 427 33.53 -8.44 7.58
CA ILE B 427 33.54 -8.44 7.58
C ILE B 427 34.48 -7.90 6.51
C ILE B 427 34.49 -8.13 6.43
N LEU B 428 35.79 -7.94 6.76
CA LEU B 428 36.77 -7.59 5.74
C LEU B 428 36.81 -8.66 4.64
N THR B 429 36.80 -9.96 5.03
CA THR B 429 36.77 -11.05 4.05
C THR B 429 35.46 -10.99 3.25
N LEU B 430 34.34 -10.73 3.94
CA LEU B 430 33.05 -10.80 3.25
C LEU B 430 32.89 -9.64 2.30
N ALA B 431 33.36 -8.44 2.69
CA ALA B 431 33.39 -7.32 1.78
C ALA B 431 34.25 -7.58 0.53
N LYS B 432 35.42 -8.21 0.66
CA LYS B 432 36.24 -8.50 -0.51
C LYS B 432 35.51 -9.48 -1.44
N ASP B 433 34.75 -10.43 -0.83
CA ASP B 433 33.96 -11.38 -1.61
C ASP B 433 32.87 -10.67 -2.41
N VAL B 434 32.15 -9.76 -1.74
CA VAL B 434 31.13 -8.99 -2.44
C VAL B 434 31.71 -8.20 -3.60
N LEU B 435 32.87 -7.57 -3.40
CA LEU B 435 33.44 -6.76 -4.46
C LEU B 435 33.81 -7.64 -5.66
N ALA B 436 34.33 -8.84 -5.39
CA ALA B 436 34.73 -9.76 -6.45
C ALA B 436 33.49 -10.23 -7.23
N LEU B 437 32.40 -10.46 -6.51
CA LEU B 437 31.18 -10.95 -7.14
C LEU B 437 30.58 -9.88 -8.05
N THR B 438 30.99 -8.61 -7.87
CA THR B 438 30.48 -7.62 -8.83
C THR B 438 31.09 -7.81 -10.22
N LYS B 439 32.11 -8.65 -10.34
CA LYS B 439 32.77 -8.69 -11.64
C LYS B 439 32.12 -9.78 -12.48
N VAL B 440 31.24 -10.57 -11.86
CA VAL B 440 30.50 -11.55 -12.66
C VAL B 440 29.38 -10.78 -13.34
N ASN B 441 29.50 -10.68 -14.66
CA ASN B 441 28.72 -9.71 -15.38
C ASN B 441 28.31 -10.28 -16.74
N TRP B 442 27.01 -10.54 -16.92
CA TRP B 442 26.56 -11.14 -18.17
C TRP B 442 26.10 -10.08 -19.16
N ASN B 443 26.03 -8.82 -18.70
CA ASN B 443 25.49 -7.67 -19.41
C ASN B 443 26.58 -6.87 -20.16
N THR B 444 27.81 -6.71 -19.59
CA THR B 444 28.84 -5.87 -20.20
CA THR B 444 28.83 -5.86 -20.17
C THR B 444 30.22 -6.42 -19.87
N THR B 445 31.27 -5.88 -20.55
CA THR B 445 32.66 -6.20 -20.25
C THR B 445 33.31 -5.10 -19.40
N GLN B 446 32.54 -4.14 -18.90
CA GLN B 446 33.07 -3.10 -18.03
C GLN B 446 32.86 -3.56 -16.59
N PHE B 447 33.92 -3.60 -15.74
CA PHE B 447 33.86 -4.44 -14.55
C PHE B 447 33.30 -3.75 -13.29
N ASP B 448 32.99 -2.46 -13.37
CA ASP B 448 32.61 -1.68 -12.20
C ASP B 448 31.11 -1.70 -11.94
N GLN B 449 30.54 -2.90 -11.73
N GLN B 449 30.59 -2.89 -11.61
CA GLN B 449 29.10 -3.02 -11.52
CA GLN B 449 29.17 -3.19 -11.43
C GLN B 449 28.83 -2.87 -10.03
C GLN B 449 28.82 -2.94 -9.97
N LYS B 450 27.60 -2.44 -9.70
CA LYS B 450 27.24 -2.09 -8.34
C LYS B 450 26.95 -3.32 -7.48
N LEU B 451 26.21 -4.29 -8.05
CA LEU B 451 25.71 -5.39 -7.23
C LEU B 451 26.49 -6.67 -7.49
N PRO B 452 26.69 -7.48 -6.43
CA PRO B 452 27.27 -8.81 -6.58
C PRO B 452 26.30 -9.72 -7.31
N ALA B 453 26.84 -10.59 -8.18
CA ALA B 453 26.01 -11.35 -9.14
C ALA B 453 24.80 -12.03 -8.49
N PRO B 454 24.90 -12.72 -7.34
CA PRO B 454 23.74 -13.46 -6.81
C PRO B 454 22.56 -12.53 -6.50
N ILE B 455 22.86 -11.28 -6.07
CA ILE B 455 21.83 -10.30 -5.77
C ILE B 455 21.29 -9.71 -7.05
N LYS B 456 22.20 -9.40 -7.97
CA LYS B 456 21.76 -8.83 -9.23
C LYS B 456 20.82 -9.83 -9.97
N ALA B 457 21.11 -11.12 -9.86
CA ALA B 457 20.36 -12.18 -10.52
C ALA B 457 18.92 -12.24 -10.00
N ALA B 458 18.70 -11.94 -8.72
CA ALA B 458 17.38 -12.09 -8.11
C ALA B 458 16.33 -11.29 -8.88
N ARG B 459 16.63 -10.01 -9.20
CA ARG B 459 15.57 -9.20 -9.80
C ARG B 459 15.31 -9.66 -11.24
N GLU B 460 16.36 -10.07 -11.94
CA GLU B 460 16.17 -10.52 -13.32
C GLU B 460 15.32 -11.79 -13.35
N VAL B 461 15.60 -12.72 -12.45
CA VAL B 461 14.90 -13.98 -12.49
C VAL B 461 13.48 -13.77 -11.97
N GLY B 462 13.26 -12.88 -10.98
CA GLY B 462 11.89 -12.63 -10.46
C GLY B 462 10.91 -12.11 -11.52
N ARG B 463 11.41 -11.26 -12.43
CA ARG B 463 10.58 -10.61 -13.43
C ARG B 463 10.10 -11.65 -14.45
N ILE B 464 10.91 -12.68 -14.65
CA ILE B 464 10.54 -13.77 -15.55
C ILE B 464 9.61 -14.75 -14.84
N LEU B 465 10.02 -15.17 -13.64
CA LEU B 465 9.33 -16.28 -12.98
C LEU B 465 7.92 -15.89 -12.53
N LYS B 466 7.59 -14.60 -12.43
CA LYS B 466 6.20 -14.28 -12.11
C LYS B 466 5.27 -14.68 -13.26
N HIS B 467 5.81 -14.94 -14.46
CA HIS B 467 5.00 -15.38 -15.59
C HIS B 467 4.95 -16.90 -15.76
N VAL B 468 5.55 -17.62 -14.81
CA VAL B 468 5.55 -19.09 -14.86
C VAL B 468 4.74 -19.58 -13.65
N GLU B 469 3.68 -20.36 -13.92
CA GLU B 469 2.81 -20.70 -12.80
C GLU B 469 3.57 -21.39 -11.66
N PHE B 470 3.26 -21.01 -10.40
CA PHE B 470 3.88 -21.60 -9.23
C PHE B 470 3.62 -23.10 -9.26
N GLY B 471 4.66 -23.89 -8.98
CA GLY B 471 4.44 -25.33 -9.01
C GLY B 471 4.92 -26.00 -10.30
N THR B 472 5.00 -25.24 -11.40
CA THR B 472 5.62 -25.73 -12.65
C THR B 472 7.13 -25.76 -12.46
N ALA B 473 7.79 -26.84 -12.92
CA ALA B 473 9.25 -26.96 -12.77
C ALA B 473 9.89 -25.91 -13.66
N VAL B 474 10.95 -25.28 -13.15
CA VAL B 474 11.70 -24.35 -13.98
C VAL B 474 13.16 -24.77 -14.04
N SER B 475 13.77 -24.44 -15.17
CA SER B 475 15.15 -24.80 -15.42
C SER B 475 16.03 -24.08 -14.41
N SER B 476 17.10 -24.76 -13.92
CA SER B 476 18.07 -24.04 -13.09
C SER B 476 19.15 -23.33 -13.91
N ASP B 477 19.16 -23.47 -15.22
CA ASP B 477 20.26 -22.91 -16.02
C ASP B 477 20.07 -21.40 -16.20
N PHE B 478 20.90 -20.63 -15.49
CA PHE B 478 20.75 -19.18 -15.43
C PHE B 478 20.86 -18.57 -16.83
N ARG B 479 21.57 -19.21 -17.78
CA ARG B 479 21.72 -18.60 -19.11
C ARG B 479 20.38 -18.32 -19.76
N ARG B 480 19.37 -19.13 -19.40
CA ARG B 480 18.06 -18.97 -20.01
C ARG B 480 17.39 -17.69 -19.52
N TYR B 481 17.84 -17.17 -18.38
CA TYR B 481 17.19 -16.03 -17.76
C TYR B 481 17.90 -14.73 -18.17
N THR B 482 19.09 -14.83 -18.77
CA THR B 482 19.87 -13.66 -19.12
C THR B 482 19.40 -13.14 -20.48
N GLY C 40 -46.84 15.89 1.02
CA GLY C 40 -45.59 15.70 0.20
C GLY C 40 -44.63 16.87 0.35
N GLU C 41 -43.41 16.73 -0.22
CA GLU C 41 -42.40 17.78 -0.27
C GLU C 41 -41.33 17.43 -1.32
N ASP C 42 -40.41 18.37 -1.56
CA ASP C 42 -39.40 18.24 -2.59
C ASP C 42 -37.98 18.20 -1.99
N ALA C 43 -37.08 17.44 -2.64
CA ALA C 43 -35.70 17.35 -2.19
C ALA C 43 -34.76 17.50 -3.39
N ILE C 44 -33.58 18.10 -3.16
CA ILE C 44 -32.60 18.21 -4.23
C ILE C 44 -31.66 17.01 -4.13
N ILE C 45 -31.19 16.50 -5.28
CA ILE C 45 -30.20 15.43 -5.31
C ILE C 45 -28.83 16.04 -5.62
N ASN C 46 -27.76 15.48 -5.03
CA ASN C 46 -26.44 16.07 -5.14
C ASN C 46 -25.71 15.64 -6.42
N LEU C 47 -26.46 15.48 -7.52
CA LEU C 47 -25.92 15.07 -8.81
C LEU C 47 -26.05 16.23 -9.81
N LEU C 48 -25.09 16.36 -10.73
CA LEU C 48 -25.26 17.15 -11.95
C LEU C 48 -25.10 16.20 -13.14
N ARG C 49 -25.96 16.33 -14.15
CA ARG C 49 -25.78 15.53 -15.37
C ARG C 49 -24.60 16.08 -16.14
N ILE C 50 -23.79 15.19 -16.73
CA ILE C 50 -22.63 15.70 -17.44
C ILE C 50 -22.92 15.63 -18.94
N ARG C 51 -22.61 16.71 -19.65
CA ARG C 51 -22.78 16.75 -21.10
C ARG C 51 -21.42 16.55 -21.77
N LEU C 52 -21.22 15.37 -22.37
N LEU C 52 -21.27 15.39 -22.41
CA LEU C 52 -19.96 15.05 -23.00
CA LEU C 52 -20.02 14.99 -23.04
C LEU C 52 -20.02 15.42 -24.48
C LEU C 52 -20.03 15.43 -24.49
N PRO C 53 -18.88 15.85 -25.08
CA PRO C 53 -18.78 16.03 -26.53
C PRO C 53 -19.16 14.72 -27.20
N ASP C 54 -19.54 14.80 -28.49
CA ASP C 54 -20.01 13.62 -29.17
C ASP C 54 -18.79 12.79 -29.58
N GLU C 55 -17.65 13.48 -29.75
CA GLU C 55 -16.44 12.77 -30.12
C GLU C 55 -15.35 12.94 -29.06
N ILE C 56 -14.49 11.92 -29.02
CA ILE C 56 -13.34 11.84 -28.13
C ILE C 56 -12.18 11.36 -28.99
N PHE C 57 -10.99 11.89 -28.70
CA PHE C 57 -9.78 11.51 -29.41
C PHE C 57 -9.05 10.37 -28.68
N ILE C 58 -8.63 9.35 -29.44
CA ILE C 58 -7.83 8.28 -28.86
C ILE C 58 -6.55 8.12 -29.68
N SER C 59 -5.45 7.65 -29.04
CA SER C 59 -4.22 7.36 -29.76
C SER C 59 -3.42 6.31 -28.97
N THR C 60 -2.37 5.74 -29.57
CA THR C 60 -1.36 5.05 -28.76
C THR C 60 -0.33 6.10 -28.37
N SER C 61 0.48 5.80 -27.33
CA SER C 61 1.58 6.64 -26.88
C SER C 61 2.80 5.76 -26.66
N PRO C 62 4.02 6.29 -26.85
CA PRO C 62 5.25 5.60 -26.49
C PRO C 62 5.37 5.43 -24.98
N PHE C 63 4.66 6.27 -24.21
CA PHE C 63 4.77 6.30 -22.75
C PHE C 63 3.73 5.37 -22.15
N GLY C 64 4.11 4.59 -21.15
CA GLY C 64 3.17 3.72 -20.45
C GLY C 64 2.04 4.50 -19.76
N SER C 65 2.39 5.56 -19.03
CA SER C 65 1.42 6.29 -18.23
C SER C 65 1.67 7.79 -18.34
N GLY C 66 0.67 8.59 -17.93
CA GLY C 66 0.73 10.04 -18.10
C GLY C 66 1.90 10.66 -17.36
N ARG C 67 2.23 10.12 -16.17
CA ARG C 67 3.31 10.66 -15.36
C ARG C 67 4.63 10.52 -16.09
N ASP C 68 4.82 9.42 -16.83
CA ASP C 68 6.04 9.26 -17.61
C ASP C 68 6.13 10.26 -18.76
N ALA C 69 4.98 10.73 -19.24
CA ALA C 69 4.94 11.64 -20.40
C ALA C 69 5.18 13.11 -20.00
N VAL C 70 4.99 13.43 -18.70
CA VAL C 70 5.03 14.82 -18.26
C VAL C 70 6.36 15.51 -18.61
N PRO C 71 7.55 14.95 -18.27
CA PRO C 71 8.82 15.60 -18.60
C PRO C 71 8.94 15.95 -20.08
N GLU C 72 8.45 15.05 -20.94
CA GLU C 72 8.43 15.31 -22.37
C GLU C 72 7.47 16.47 -22.67
N LEU C 73 6.25 16.37 -22.14
CA LEU C 73 5.17 17.30 -22.46
C LEU C 73 5.58 18.74 -22.13
N VAL C 74 6.21 18.95 -20.97
CA VAL C 74 6.51 20.30 -20.49
C VAL C 74 7.75 20.86 -21.18
N LYS C 75 8.46 20.04 -21.96
CA LYS C 75 9.63 20.53 -22.67
C LYS C 75 9.20 21.30 -23.91
N HIS C 76 7.91 21.21 -24.25
CA HIS C 76 7.43 21.65 -25.54
C HIS C 76 6.57 22.90 -25.42
N GLY C 77 5.83 23.01 -24.31
CA GLY C 77 4.98 24.18 -24.10
C GLY C 77 3.73 24.16 -24.97
N ASN C 78 2.80 25.07 -24.68
CA ASN C 78 1.42 24.97 -25.13
C ASN C 78 0.80 23.75 -24.46
N VAL C 79 0.98 23.68 -23.13
CA VAL C 79 0.71 22.54 -22.26
C VAL C 79 -0.69 22.65 -21.65
N ARG C 80 -1.36 21.51 -21.49
CA ARG C 80 -2.53 21.37 -20.64
C ARG C 80 -2.54 19.93 -20.12
N PHE C 81 -3.34 19.65 -19.09
CA PHE C 81 -3.23 18.37 -18.41
C PHE C 81 -4.54 17.59 -18.44
N ASP C 82 -5.54 18.04 -19.19
CA ASP C 82 -6.82 17.33 -19.17
C ASP C 82 -6.83 16.19 -20.18
N TRP C 83 -6.05 15.14 -19.90
CA TRP C 83 -5.95 14.01 -20.82
C TRP C 83 -5.46 12.84 -19.96
N VAL C 84 -5.56 11.62 -20.50
CA VAL C 84 -5.12 10.43 -19.78
C VAL C 84 -4.15 9.65 -20.68
N ILE C 85 -3.01 9.17 -20.16
CA ILE C 85 -2.37 7.98 -20.76
C ILE C 85 -2.33 6.86 -19.73
N ARG C 86 -2.80 5.68 -20.14
CA ARG C 86 -2.76 4.48 -19.31
C ARG C 86 -2.58 3.27 -20.23
N LYS C 87 -1.66 2.38 -19.85
CA LYS C 87 -1.28 1.24 -20.69
C LYS C 87 -1.04 1.61 -22.16
N ARG C 88 -0.29 2.69 -22.41
CA ARG C 88 0.17 3.19 -23.70
C ARG C 88 -1.03 3.70 -24.53
N ARG C 89 -2.21 3.82 -23.94
CA ARG C 89 -3.31 4.46 -24.67
C ARG C 89 -3.56 5.88 -24.12
N PHE C 90 -3.68 6.86 -25.04
CA PHE C 90 -3.98 8.26 -24.75
C PHE C 90 -5.44 8.57 -25.11
N VAL C 91 -6.12 9.30 -24.22
N VAL C 91 -6.12 9.38 -24.28
CA VAL C 91 -7.47 9.78 -24.50
CA VAL C 91 -7.53 9.71 -24.53
C VAL C 91 -7.55 11.26 -24.14
C VAL C 91 -7.84 11.10 -23.99
N SER C 92 -8.47 11.94 -24.83
CA SER C 92 -8.80 13.33 -24.49
C SER C 92 -9.98 13.84 -25.33
N PHE C 93 -10.54 14.97 -24.90
CA PHE C 93 -11.66 15.55 -25.63
C PHE C 93 -11.17 16.52 -26.68
N PHE C 94 -10.03 17.15 -26.39
CA PHE C 94 -9.37 18.04 -27.32
C PHE C 94 -8.56 17.21 -28.30
N ASP C 95 -8.34 17.77 -29.50
CA ASP C 95 -7.51 17.11 -30.50
C ASP C 95 -6.05 17.27 -30.09
N PRO C 96 -5.33 16.18 -29.74
CA PRO C 96 -3.96 16.29 -29.27
C PRO C 96 -2.93 16.85 -30.24
N ARG C 97 -3.27 16.91 -31.54
CA ARG C 97 -2.34 17.41 -32.57
C ARG C 97 -2.16 18.92 -32.45
N GLU C 98 -3.11 19.58 -31.77
CA GLU C 98 -3.23 21.03 -31.75
C GLU C 98 -2.48 21.63 -30.57
N TYR C 99 -2.02 20.76 -29.64
CA TYR C 99 -1.31 21.20 -28.44
C TYR C 99 0.03 20.49 -28.31
N GLY C 100 0.81 20.90 -27.29
CA GLY C 100 2.09 20.31 -26.98
C GLY C 100 1.97 18.80 -26.70
N THR C 101 0.75 18.32 -26.51
CA THR C 101 0.49 16.89 -26.40
C THR C 101 0.93 16.15 -27.67
N ARG C 102 1.21 16.88 -28.75
N ARG C 102 1.20 16.91 -28.73
CA ARG C 102 1.63 16.21 -29.97
CA ARG C 102 1.70 16.37 -29.99
C ARG C 102 2.90 15.40 -29.73
C ARG C 102 2.88 15.44 -29.72
N ALA C 103 3.76 15.87 -28.80
CA ALA C 103 5.01 15.17 -28.50
C ALA C 103 4.83 13.86 -27.71
N ILE C 104 3.62 13.52 -27.23
CA ILE C 104 3.46 12.40 -26.31
C ILE C 104 2.48 11.37 -26.87
N VAL C 105 2.03 11.57 -28.12
CA VAL C 105 1.22 10.58 -28.80
C VAL C 105 1.95 10.13 -30.07
N ASP C 106 1.56 8.96 -30.59
CA ASP C 106 1.95 8.51 -31.92
C ASP C 106 0.99 9.20 -32.90
N LEU C 107 1.51 10.21 -33.60
CA LEU C 107 0.67 11.13 -34.36
C LEU C 107 -0.17 10.38 -35.39
N ASP C 108 0.44 9.38 -36.04
N ASP C 108 0.43 9.36 -35.99
CA ASP C 108 -0.22 8.61 -37.09
CA ASP C 108 -0.16 8.55 -37.06
C ASP C 108 -1.45 7.91 -36.54
C ASP C 108 -1.32 7.71 -36.55
N GLN C 109 -1.50 7.63 -35.22
CA GLN C 109 -2.58 6.82 -34.68
C GLN C 109 -3.72 7.66 -34.08
N VAL C 110 -3.61 9.00 -34.10
CA VAL C 110 -4.65 9.84 -33.51
C VAL C 110 -5.95 9.72 -34.31
N GLU C 111 -7.05 9.41 -33.62
CA GLU C 111 -8.34 9.05 -34.21
C GLU C 111 -9.45 9.75 -33.41
N ALA C 112 -10.37 10.44 -34.08
CA ALA C 112 -11.58 10.83 -33.38
C ALA C 112 -12.62 9.73 -33.51
N VAL C 113 -13.22 9.39 -32.37
CA VAL C 113 -14.09 8.25 -32.25
C VAL C 113 -15.34 8.74 -31.52
N ASP C 114 -16.43 7.95 -31.60
CA ASP C 114 -17.67 8.28 -30.94
C ASP C 114 -17.51 8.10 -29.42
N THR C 115 -17.77 9.18 -28.69
CA THR C 115 -17.60 9.18 -27.24
C THR C 115 -18.12 7.88 -26.60
N LYS C 116 -19.23 7.35 -27.11
CA LYS C 116 -19.86 6.18 -26.50
C LYS C 116 -18.94 4.95 -26.48
N LEU C 117 -17.89 4.92 -27.34
CA LEU C 117 -17.00 3.76 -27.43
C LEU C 117 -16.12 3.64 -26.19
N ILE C 118 -15.78 4.78 -25.57
CA ILE C 118 -14.96 4.84 -24.36
C ILE C 118 -15.85 4.94 -23.13
N ALA C 119 -16.85 5.86 -23.19
CA ALA C 119 -17.52 6.35 -22.00
C ALA C 119 -18.76 5.52 -21.68
N PHE C 120 -19.24 4.73 -22.66
CA PHE C 120 -20.44 3.95 -22.39
C PHE C 120 -20.31 2.49 -22.83
N ASN C 121 -19.34 1.76 -22.25
CA ASN C 121 -19.22 0.32 -22.42
C ASN C 121 -18.97 -0.30 -21.05
N ASP C 122 -18.72 -1.62 -21.04
CA ASP C 122 -18.55 -2.33 -19.80
C ASP C 122 -17.09 -2.75 -19.60
N GLU C 123 -16.16 -2.15 -20.37
CA GLU C 123 -14.74 -2.39 -20.19
C GLU C 123 -14.23 -1.56 -19.00
N GLN C 124 -13.70 -2.24 -17.98
CA GLN C 124 -13.22 -1.61 -16.76
C GLN C 124 -12.19 -0.51 -17.04
N ASP C 125 -11.24 -0.79 -17.93
CA ASP C 125 -10.16 0.12 -18.29
C ASP C 125 -10.72 1.41 -18.89
N ASP C 126 -11.82 1.26 -19.64
CA ASP C 126 -12.41 2.38 -20.35
C ASP C 126 -13.20 3.25 -19.37
N LEU C 127 -13.82 2.61 -18.38
N LEU C 127 -13.87 2.61 -18.41
CA LEU C 127 -14.59 3.25 -17.32
CA LEU C 127 -14.57 3.30 -17.35
C LEU C 127 -13.65 3.97 -16.35
C LEU C 127 -13.55 4.09 -16.53
N ASN C 128 -12.45 3.41 -16.17
CA ASN C 128 -11.41 4.04 -15.36
C ASN C 128 -10.84 5.27 -16.04
N ASP C 129 -10.54 5.13 -17.35
CA ASP C 129 -9.91 6.22 -18.06
C ASP C 129 -10.93 7.36 -18.24
N THR C 130 -12.21 6.98 -18.34
CA THR C 130 -13.26 7.98 -18.51
C THR C 130 -13.35 8.81 -17.24
N MSE C 131 -13.39 8.15 -16.08
CA MSE C 131 -13.48 8.89 -14.83
C MSE C 131 -12.24 9.77 -14.62
O MSE C 131 -12.36 10.85 -14.06
CB MSE C 131 -13.78 7.99 -13.65
CG MSE C 131 -15.14 7.38 -13.80
SE MSE C 131 -15.76 6.34 -12.30
CE MSE C 131 -14.78 4.64 -12.52
N ASP C 132 -11.07 9.28 -15.03
CA ASP C 132 -9.86 10.06 -14.88
C ASP C 132 -9.94 11.28 -15.79
N LEU C 133 -10.48 11.10 -17.00
CA LEU C 133 -10.56 12.24 -17.91
C LEU C 133 -11.59 13.25 -17.37
N LEU C 134 -12.75 12.78 -16.93
CA LEU C 134 -13.71 13.70 -16.34
C LEU C 134 -13.09 14.53 -15.20
N ARG C 135 -12.33 13.87 -14.31
N ARG C 135 -12.33 13.87 -14.31
CA ARG C 135 -11.79 14.52 -13.11
CA ARG C 135 -11.79 14.52 -13.13
C ARG C 135 -10.77 15.59 -13.50
C ARG C 135 -10.78 15.59 -13.50
N ARG C 136 -9.89 15.25 -14.42
CA ARG C 136 -8.89 16.20 -14.87
C ARG C 136 -9.55 17.34 -15.65
N THR C 137 -10.67 17.09 -16.31
CA THR C 137 -11.39 18.15 -17.02
C THR C 137 -12.00 19.13 -16.00
N VAL C 138 -12.65 18.59 -14.98
CA VAL C 138 -13.19 19.40 -13.90
C VAL C 138 -12.05 20.23 -13.29
N GLU C 139 -10.92 19.58 -13.03
CA GLU C 139 -9.79 20.29 -12.47
C GLU C 139 -9.49 21.49 -13.34
N ARG C 140 -9.41 21.28 -14.67
CA ARG C 140 -8.98 22.37 -15.54
C ARG C 140 -10.05 23.47 -15.56
N GLN C 141 -11.33 23.10 -15.64
CA GLN C 141 -12.42 24.05 -15.78
C GLN C 141 -12.62 24.89 -14.51
N THR C 142 -12.13 24.44 -13.34
CA THR C 142 -12.45 25.10 -12.08
C THR C 142 -11.19 25.72 -11.47
N ALA C 143 -10.10 25.79 -12.25
CA ALA C 143 -8.81 26.19 -11.71
C ALA C 143 -8.83 27.60 -11.12
N THR C 144 -9.77 28.44 -11.55
CA THR C 144 -9.86 29.79 -11.02
C THR C 144 -10.10 29.81 -9.51
N GLN C 145 -11.00 28.92 -9.04
CA GLN C 145 -11.48 28.88 -7.66
C GLN C 145 -10.81 27.77 -6.84
N LEU C 146 -10.54 26.61 -7.48
CA LEU C 146 -10.27 25.35 -6.77
C LEU C 146 -8.82 24.88 -6.99
N SER C 147 -8.31 24.16 -5.98
CA SER C 147 -7.09 23.37 -6.00
C SER C 147 -7.53 21.91 -5.85
N PHE C 148 -6.72 20.98 -6.35
CA PHE C 148 -7.05 19.58 -6.24
C PHE C 148 -5.99 18.88 -5.40
N LEU C 149 -6.44 18.02 -4.49
CA LEU C 149 -5.53 17.24 -3.65
C LEU C 149 -5.61 15.77 -4.04
N ARG C 150 -4.48 15.19 -4.42
CA ARG C 150 -4.37 13.77 -4.73
C ARG C 150 -4.94 12.91 -3.60
N LYS C 151 -4.63 13.25 -2.33
CA LYS C 151 -5.11 12.47 -1.19
C LYS C 151 -6.60 12.70 -0.94
N ASP C 152 -7.39 11.62 -1.04
CA ASP C 152 -8.84 11.67 -0.94
C ASP C 152 -9.48 12.28 -2.19
N ARG C 153 -8.65 12.62 -3.19
CA ARG C 153 -9.16 13.15 -4.45
C ARG C 153 -10.14 14.28 -4.12
N LEU C 154 -9.62 15.32 -3.47
CA LEU C 154 -10.40 16.37 -2.84
C LEU C 154 -10.11 17.71 -3.52
N PHE C 155 -11.20 18.38 -3.90
CA PHE C 155 -11.14 19.75 -4.40
C PHE C 155 -11.48 20.69 -3.24
N HIS C 156 -10.81 21.84 -3.21
CA HIS C 156 -11.13 22.85 -2.21
C HIS C 156 -10.87 24.26 -2.76
N PHE C 157 -11.65 25.20 -2.24
CA PHE C 157 -11.41 26.61 -2.53
C PHE C 157 -9.98 26.99 -2.13
N LYS C 158 -9.22 27.56 -3.08
CA LYS C 158 -7.82 27.89 -2.84
C LYS C 158 -7.71 29.26 -2.17
N ALA C 159 -6.62 29.46 -1.43
CA ALA C 159 -6.37 30.74 -0.76
C ALA C 159 -5.71 31.68 -1.76
N VAL C 160 -5.84 32.99 -1.53
CA VAL C 160 -5.19 33.99 -2.36
C VAL C 160 -4.03 34.64 -1.60
N GLY C 161 -4.32 35.16 -0.40
CA GLY C 161 -3.28 35.73 0.45
C GLY C 161 -2.89 34.77 1.58
N VAL C 162 -1.60 34.79 1.94
CA VAL C 162 -1.08 33.93 2.99
C VAL C 162 -1.67 34.38 4.33
N GLY C 163 -2.40 33.46 4.98
CA GLY C 163 -3.10 33.75 6.22
C GLY C 163 -4.27 34.70 6.00
N LYS C 164 -4.84 34.71 4.78
CA LYS C 164 -5.94 35.60 4.47
C LYS C 164 -7.22 34.82 4.20
N SER C 165 -8.35 35.46 4.54
CA SER C 165 -9.69 34.94 4.33
C SER C 165 -10.23 35.48 3.02
N ARG C 166 -11.19 34.75 2.42
CA ARG C 166 -11.86 35.25 1.24
C ARG C 166 -13.25 34.64 1.15
N SER C 167 -14.11 35.31 0.37
N SER C 167 -14.11 35.28 0.36
CA SER C 167 -15.51 34.95 0.20
CA SER C 167 -15.49 34.88 0.23
C SER C 167 -15.73 34.58 -1.26
C SER C 167 -15.82 34.67 -1.26
N TYR C 168 -16.78 33.78 -1.52
CA TYR C 168 -17.16 33.40 -2.86
C TYR C 168 -18.63 33.75 -3.04
N ARG C 169 -18.92 34.57 -4.06
N ARG C 169 -18.90 34.61 -4.03
CA ARG C 169 -20.26 35.04 -4.33
CA ARG C 169 -20.26 35.04 -4.33
C ARG C 169 -20.92 34.12 -5.37
C ARG C 169 -20.88 34.04 -5.32
N TYR C 170 -22.13 33.65 -5.05
CA TYR C 170 -22.81 32.67 -5.90
C TYR C 170 -24.31 32.88 -5.87
N MSE C 171 -25.03 32.02 -6.58
CA MSE C 171 -26.50 32.16 -6.66
C MSE C 171 -27.15 30.97 -5.98
O MSE C 171 -26.85 29.84 -6.37
CB MSE C 171 -26.95 32.19 -8.12
CG MSE C 171 -26.58 33.46 -8.86
SE MSE C 171 -27.86 34.88 -8.38
CE MSE C 171 -27.64 36.39 -9.60
N SER C 172 -27.98 31.24 -4.97
CA SER C 172 -28.79 30.15 -4.38
C SER C 172 -30.18 30.45 -4.91
N ASN C 173 -30.73 29.58 -5.75
CA ASN C 173 -32.01 29.92 -6.43
C ASN C 173 -31.74 31.20 -7.23
N VAL C 174 -32.52 32.24 -7.00
CA VAL C 174 -32.35 33.54 -7.72
C VAL C 174 -31.74 34.58 -6.76
N ASN C 175 -31.14 34.12 -5.66
CA ASN C 175 -30.58 35.05 -4.64
C ASN C 175 -29.05 35.07 -4.63
N GLU C 176 -28.45 36.24 -4.81
CA GLU C 176 -27.00 36.42 -4.71
C GLU C 176 -26.60 36.27 -3.25
N THR C 177 -25.64 35.36 -2.98
CA THR C 177 -25.20 35.03 -1.63
C THR C 177 -23.68 35.04 -1.56
N SER C 178 -23.14 34.73 -0.37
N SER C 178 -23.14 34.73 -0.38
CA SER C 178 -21.70 34.62 -0.20
CA SER C 178 -21.71 34.60 -0.20
C SER C 178 -21.38 33.62 0.90
C SER C 178 -21.42 33.53 0.85
N ALA C 179 -20.22 32.95 0.75
CA ALA C 179 -19.76 32.01 1.75
C ALA C 179 -18.28 32.28 1.97
N LYS C 180 -17.87 32.27 3.24
CA LYS C 180 -16.46 32.49 3.51
C LYS C 180 -15.74 31.14 3.30
N VAL C 181 -15.27 30.93 2.06
CA VAL C 181 -14.82 29.61 1.59
C VAL C 181 -13.36 29.40 2.01
N VAL C 182 -12.66 30.51 2.25
CA VAL C 182 -11.39 30.44 2.95
C VAL C 182 -11.53 31.25 4.24
N SER C 183 -11.32 30.59 5.40
N SER C 183 -11.32 30.59 5.39
CA SER C 183 -11.48 31.21 6.70
CA SER C 183 -11.47 31.24 6.69
C SER C 183 -10.21 31.04 7.53
C SER C 183 -10.22 31.04 7.54
N ALA C 184 -9.51 32.16 7.77
CA ALA C 184 -8.30 32.16 8.57
C ALA C 184 -8.67 32.49 10.01
N TYR C 185 -8.29 31.58 10.91
CA TYR C 185 -8.56 31.78 12.35
C TYR C 185 -7.21 32.07 13.02
N SER C 186 -7.11 33.15 13.78
CA SER C 186 -5.87 33.60 14.39
C SER C 186 -5.98 33.60 15.92
N GLY C 194 -3.00 29.51 14.81
CA GLY C 194 -3.30 29.81 13.39
C GLY C 194 -3.63 28.57 12.57
N TYR C 195 -4.82 28.57 11.97
CA TYR C 195 -5.27 27.45 11.09
C TYR C 195 -6.29 27.99 10.08
N VAL C 196 -6.26 27.49 8.84
CA VAL C 196 -7.15 27.97 7.78
C VAL C 196 -8.04 26.81 7.32
N ARG C 197 -9.34 27.08 7.29
CA ARG C 197 -10.30 26.10 6.83
C ARG C 197 -10.76 26.46 5.42
N HIS C 198 -10.76 25.47 4.52
CA HIS C 198 -11.20 25.71 3.16
C HIS C 198 -12.42 24.83 2.87
N HIS C 199 -13.49 25.45 2.34
CA HIS C 199 -14.61 24.67 1.82
C HIS C 199 -14.09 23.67 0.78
N ALA C 200 -14.60 22.43 0.81
CA ALA C 200 -14.06 21.38 -0.04
C ALA C 200 -15.17 20.45 -0.49
N ALA C 201 -14.86 19.56 -1.46
CA ALA C 201 -15.85 18.57 -1.83
C ALA C 201 -15.13 17.41 -2.51
N ARG C 202 -15.61 16.21 -2.19
CA ARG C 202 -15.20 15.07 -2.98
C ARG C 202 -16.10 15.05 -4.22
N LEU C 203 -15.50 15.24 -5.38
CA LEU C 203 -16.30 15.19 -6.58
C LEU C 203 -16.11 13.81 -7.21
N ARG C 204 -17.20 13.05 -7.32
CA ARG C 204 -17.14 11.68 -7.82
C ARG C 204 -17.96 11.58 -9.11
N PHE C 205 -17.77 10.48 -9.83
CA PHE C 205 -18.50 10.24 -11.07
C PHE C 205 -19.32 8.96 -10.93
N GLU C 206 -20.57 9.03 -11.39
CA GLU C 206 -21.45 7.88 -11.36
C GLU C 206 -22.16 7.81 -12.72
N ARG C 207 -22.24 6.60 -13.27
CA ARG C 207 -22.98 6.39 -14.55
C ARG C 207 -24.29 5.71 -14.20
N LEU C 208 -25.39 6.36 -14.55
CA LEU C 208 -26.72 5.78 -14.29
C LEU C 208 -27.35 5.52 -15.65
N ALA C 209 -27.63 4.26 -15.95
CA ALA C 209 -28.15 3.88 -17.28
C ALA C 209 -27.15 4.37 -18.33
N ASP C 210 -27.57 5.26 -19.22
CA ASP C 210 -26.67 5.71 -20.30
C ASP C 210 -26.26 7.17 -20.15
N GLU C 211 -26.11 7.70 -18.92
CA GLU C 211 -25.56 9.04 -18.79
C GLU C 211 -24.53 9.09 -17.65
N TRP C 212 -23.64 10.09 -17.70
CA TRP C 212 -22.69 10.34 -16.62
C TRP C 212 -23.19 11.49 -15.74
N PHE C 213 -22.92 11.39 -14.42
CA PHE C 213 -23.29 12.37 -13.41
C PHE C 213 -22.07 12.62 -12.54
N LEU C 214 -21.90 13.89 -12.16
CA LEU C 214 -20.95 14.33 -11.16
C LEU C 214 -21.68 14.40 -9.81
N VAL C 215 -21.07 13.82 -8.77
CA VAL C 215 -21.66 13.70 -7.45
C VAL C 215 -20.87 14.63 -6.53
N ILE C 216 -21.59 15.47 -5.77
CA ILE C 216 -20.94 16.48 -4.95
C ILE C 216 -21.09 16.07 -3.48
N ASP C 217 -19.96 15.86 -2.83
CA ASP C 217 -19.96 15.39 -1.45
C ASP C 217 -19.17 16.39 -0.61
N PRO C 218 -19.83 17.42 -0.01
CA PRO C 218 -19.06 18.48 0.65
C PRO C 218 -18.26 18.01 1.86
N ASP C 219 -17.14 18.71 2.09
CA ASP C 219 -16.23 18.47 3.21
C ASP C 219 -15.46 19.78 3.47
N PHE C 220 -14.39 19.69 4.26
CA PHE C 220 -13.53 20.82 4.58
C PHE C 220 -12.09 20.39 4.63
N HIS C 221 -11.19 21.26 4.16
CA HIS C 221 -9.76 21.04 4.18
C HIS C 221 -9.13 22.08 5.09
N PHE C 222 -8.10 21.70 5.86
CA PHE C 222 -7.44 22.57 6.81
C PHE C 222 -5.99 22.77 6.41
N THR C 223 -5.54 24.04 6.41
CA THR C 223 -4.14 24.38 6.23
C THR C 223 -3.67 25.26 7.39
N THR C 224 -2.33 25.38 7.51
CA THR C 224 -1.66 26.22 8.50
C THR C 224 -1.70 27.68 8.08
N ASP C 225 -1.36 27.95 6.80
CA ASP C 225 -1.09 29.29 6.29
C ASP C 225 -2.07 29.67 5.18
N GLY C 226 -2.83 28.69 4.68
CA GLY C 226 -3.67 28.85 3.50
C GLY C 226 -3.25 27.88 2.41
N PHE C 227 -2.06 27.27 2.55
CA PHE C 227 -1.47 26.43 1.51
C PHE C 227 -0.89 25.13 2.07
N GLN C 228 -0.05 25.25 3.10
CA GLN C 228 0.66 24.12 3.68
C GLN C 228 -0.34 23.26 4.45
N PRO C 229 -0.47 21.95 4.12
CA PRO C 229 -1.40 21.08 4.83
C PRO C 229 -1.04 21.10 6.31
N HIS C 230 -2.06 20.85 7.13
CA HIS C 230 -1.91 20.87 8.57
C HIS C 230 -1.17 19.62 9.04
N ARG C 231 -0.04 19.85 9.73
CA ARG C 231 0.83 18.79 10.22
C ARG C 231 0.02 17.73 10.97
N TYR C 232 -0.86 18.15 11.89
CA TYR C 232 -1.63 17.23 12.71
C TYR C 232 -3.11 17.58 12.68
N PRO C 233 -3.87 17.23 11.62
CA PRO C 233 -5.24 17.73 11.44
C PRO C 233 -6.42 17.06 12.16
N GLU C 234 -6.17 16.10 13.06
CA GLU C 234 -7.25 15.34 13.68
C GLU C 234 -8.08 16.23 14.62
N ALA C 235 -7.42 17.24 15.21
CA ALA C 235 -8.03 18.17 16.13
C ALA C 235 -9.21 18.86 15.49
N LEU C 236 -9.02 19.30 14.24
CA LEU C 236 -9.97 20.15 13.53
C LEU C 236 -11.05 19.28 12.90
N LEU C 237 -10.63 18.15 12.30
CA LEU C 237 -11.56 17.21 11.67
C LEU C 237 -12.71 16.93 12.62
N ALA C 238 -12.43 17.02 13.93
CA ALA C 238 -13.41 16.67 14.94
C ALA C 238 -14.59 17.64 14.93
N GLY C 239 -14.34 18.90 14.62
CA GLY C 239 -15.38 19.93 14.63
C GLY C 239 -16.10 20.08 13.28
N LYS C 240 -15.69 19.29 12.29
CA LYS C 240 -16.43 19.21 11.04
C LYS C 240 -17.75 18.47 11.25
N LYS C 241 -17.77 17.56 12.23
CA LYS C 241 -18.93 16.69 12.44
C LYS C 241 -20.14 17.49 12.88
N ARG C 242 -19.89 18.54 13.68
CA ARG C 242 -20.92 19.45 14.15
C ARG C 242 -21.61 20.16 12.98
N LEU C 243 -20.95 20.19 11.81
CA LEU C 243 -21.51 20.92 10.68
C LEU C 243 -22.27 19.96 9.75
N GLU C 244 -22.29 18.66 10.10
CA GLU C 244 -22.95 17.66 9.27
C GLU C 244 -24.43 17.65 9.62
N ARG C 245 -25.16 18.68 9.16
CA ARG C 245 -26.57 18.86 9.41
C ARG C 245 -27.23 19.21 8.08
N ASN C 246 -28.50 18.83 7.93
CA ASN C 246 -29.18 18.82 6.63
C ASN C 246 -29.06 20.17 5.90
N ALA C 247 -29.47 21.25 6.57
CA ALA C 247 -29.51 22.57 5.94
C ALA C 247 -28.10 23.04 5.57
N ALA C 248 -27.10 22.77 6.42
CA ALA C 248 -25.75 23.24 6.12
C ALA C 248 -25.19 22.48 4.92
N VAL C 249 -25.45 21.16 4.87
CA VAL C 249 -24.88 20.38 3.77
C VAL C 249 -25.58 20.75 2.47
N ARG C 250 -26.92 20.79 2.50
CA ARG C 250 -27.75 21.20 1.38
C ARG C 250 -27.25 22.52 0.79
N GLY C 251 -26.97 23.51 1.65
CA GLY C 251 -26.43 24.81 1.25
C GLY C 251 -25.10 24.70 0.51
N GLN C 252 -24.25 23.76 0.95
N GLN C 252 -24.28 23.74 0.96
CA GLN C 252 -22.98 23.53 0.29
CA GLN C 252 -23.00 23.45 0.36
C GLN C 252 -23.22 22.88 -1.07
C GLN C 252 -23.22 22.87 -1.03
N VAL C 253 -24.16 21.91 -1.15
CA VAL C 253 -24.47 21.26 -2.43
C VAL C 253 -24.82 22.34 -3.47
N THR C 254 -25.60 23.33 -3.02
CA THR C 254 -26.14 24.38 -3.86
C THR C 254 -24.99 25.23 -4.40
N MSE C 255 -24.07 25.61 -3.51
CA MSE C 255 -22.97 26.45 -3.89
C MSE C 255 -22.09 25.71 -4.90
O MSE C 255 -21.58 26.33 -5.85
CB MSE C 255 -22.15 26.81 -2.66
CG MSE C 255 -21.04 27.79 -2.97
SE MSE C 255 -19.85 27.98 -1.44
CE MSE C 255 -19.07 26.15 -1.31
N TRP C 256 -21.84 24.41 -4.63
CA TRP C 256 -20.97 23.66 -5.52
C TRP C 256 -21.63 23.48 -6.89
N GLN C 257 -22.93 23.20 -6.89
CA GLN C 257 -23.67 23.12 -8.13
C GLN C 257 -23.47 24.39 -8.94
N HIS C 258 -23.64 25.56 -8.30
CA HIS C 258 -23.49 26.83 -9.01
C HIS C 258 -22.12 26.88 -9.66
N LEU C 259 -21.07 26.61 -8.88
CA LEU C 259 -19.71 26.76 -9.34
C LEU C 259 -19.49 25.83 -10.54
N LEU C 260 -20.02 24.60 -10.48
CA LEU C 260 -19.68 23.60 -11.50
C LEU C 260 -20.43 23.87 -12.80
N VAL C 261 -21.73 24.21 -12.69
CA VAL C 261 -22.53 24.65 -13.83
C VAL C 261 -21.87 25.85 -14.50
N GLU C 262 -21.53 26.90 -13.74
CA GLU C 262 -20.84 28.05 -14.30
C GLU C 262 -19.54 27.64 -15.01
N SER C 263 -18.85 26.62 -14.49
CA SER C 263 -17.53 26.29 -15.02
C SER C 263 -17.66 25.81 -16.46
N GLY C 264 -18.84 25.34 -16.85
CA GLY C 264 -19.03 24.82 -18.19
C GLY C 264 -19.58 25.85 -19.16
N LYS C 265 -19.76 27.11 -18.70
CA LYS C 265 -20.40 28.16 -19.50
C LYS C 265 -19.39 28.79 -20.46
N HIS C 266 -19.82 28.89 -21.73
CA HIS C 266 -19.11 29.63 -22.77
C HIS C 266 -19.56 31.09 -22.71
N GLU C 267 -18.60 31.96 -22.42
CA GLU C 267 -18.91 33.40 -22.29
C GLU C 267 -18.22 34.13 -23.43
N VAL C 268 -18.88 35.12 -24.03
CA VAL C 268 -18.25 35.94 -25.09
C VAL C 268 -17.19 36.84 -24.44
N GLY C 269 -16.03 37.02 -25.09
CA GLY C 269 -14.93 37.83 -24.53
C GLY C 269 -14.41 37.37 -23.18
N LEU C 270 -14.13 36.06 -22.99
CA LEU C 270 -13.51 35.59 -21.71
C LEU C 270 -12.41 34.56 -21.97
N LYS C 275 -7.13 30.93 -21.26
CA LYS C 275 -7.39 29.47 -21.08
C LYS C 275 -8.42 29.01 -22.13
N PRO C 276 -8.33 27.82 -22.77
CA PRO C 276 -9.40 27.38 -23.67
C PRO C 276 -10.77 27.29 -23.00
N ALA C 277 -11.83 27.42 -23.82
CA ALA C 277 -13.20 27.24 -23.38
C ALA C 277 -13.43 25.81 -22.86
N PRO C 278 -14.38 25.61 -21.92
CA PRO C 278 -14.58 24.29 -21.30
C PRO C 278 -15.26 23.39 -22.32
N LEU C 279 -14.95 22.09 -22.31
CA LEU C 279 -15.60 21.16 -23.21
C LEU C 279 -16.69 20.35 -22.54
N LEU C 280 -16.78 20.41 -21.19
CA LEU C 280 -17.86 19.70 -20.50
C LEU C 280 -18.90 20.68 -19.95
N GLN C 281 -20.18 20.34 -20.09
CA GLN C 281 -21.20 21.13 -19.41
C GLN C 281 -21.91 20.27 -18.36
N PHE C 282 -22.56 20.94 -17.38
CA PHE C 282 -23.19 20.29 -16.24
C PHE C 282 -24.62 20.80 -16.11
N GLU C 283 -25.58 19.95 -15.74
CA GLU C 283 -26.98 20.38 -15.63
C GLU C 283 -27.60 19.91 -14.32
N ARG C 284 -28.41 20.79 -13.74
CA ARG C 284 -29.12 20.45 -12.52
C ARG C 284 -30.24 19.48 -12.86
N LEU C 285 -30.59 18.61 -11.93
CA LEU C 285 -31.67 17.68 -12.14
C LEU C 285 -32.96 18.27 -11.56
N PRO C 286 -34.15 17.80 -12.01
CA PRO C 286 -35.42 18.17 -11.36
C PRO C 286 -35.40 17.75 -9.90
N VAL C 287 -36.15 18.46 -9.06
CA VAL C 287 -36.23 18.09 -7.66
C VAL C 287 -36.83 16.69 -7.58
N ILE C 288 -36.52 15.99 -6.48
CA ILE C 288 -37.11 14.70 -6.19
C ILE C 288 -38.42 14.96 -5.47
N GLN C 289 -39.51 14.29 -5.89
CA GLN C 289 -40.80 14.52 -5.27
C GLN C 289 -41.13 13.41 -4.28
N LEU C 290 -41.29 13.78 -3.01
CA LEU C 290 -41.57 12.82 -1.96
C LEU C 290 -43.03 12.96 -1.51
N SER C 291 -43.76 11.83 -1.56
CA SER C 291 -45.19 11.77 -1.28
C SER C 291 -45.50 12.00 0.20
N GLN C 292 -44.51 11.80 1.08
CA GLN C 292 -44.71 12.03 2.50
C GLN C 292 -43.63 12.96 3.01
N ALA C 293 -44.02 13.93 3.85
CA ALA C 293 -43.11 14.98 4.28
C ALA C 293 -42.83 14.89 5.78
N VAL C 294 -41.65 15.38 6.18
CA VAL C 294 -41.27 15.45 7.58
C VAL C 294 -42.07 16.58 8.22
N PRO C 295 -42.74 16.37 9.38
CA PRO C 295 -43.59 17.40 9.98
C PRO C 295 -42.71 18.39 10.77
N GLU C 296 -41.90 19.15 10.04
CA GLU C 296 -40.86 19.94 10.67
C GLU C 296 -41.45 21.04 11.56
N SER C 297 -42.48 21.73 11.04
CA SER C 297 -43.11 22.78 11.83
C SER C 297 -43.61 22.25 13.17
N TRP C 299 -42.52 19.36 14.74
CA TRP C 299 -41.43 18.87 15.57
C TRP C 299 -40.64 20.00 16.23
N ASN C 300 -40.64 21.18 15.58
CA ASN C 300 -39.98 22.34 16.16
C ASN C 300 -40.59 22.67 17.53
N ARG C 301 -41.89 22.35 17.71
CA ARG C 301 -42.63 22.55 18.94
C ARG C 301 -42.38 21.42 19.95
N THR C 302 -42.53 20.16 19.52
CA THR C 302 -42.60 19.01 20.41
C THR C 302 -41.24 18.39 20.70
N ASP C 303 -40.30 18.48 19.76
CA ASP C 303 -39.06 17.74 19.88
C ASP C 303 -38.05 18.58 20.65
N PRO C 304 -37.67 18.20 21.89
CA PRO C 304 -36.73 19.01 22.69
C PRO C 304 -35.34 19.10 22.09
N ARG C 305 -35.12 18.37 20.98
CA ARG C 305 -33.80 18.27 20.37
C ARG C 305 -33.78 18.96 19.00
N ALA C 306 -34.88 19.65 18.65
CA ALA C 306 -35.01 20.37 17.40
C ALA C 306 -33.80 21.24 17.07
N LYS C 307 -33.32 22.02 18.05
CA LYS C 307 -32.20 22.96 17.77
C LYS C 307 -30.91 22.20 17.45
N GLU C 308 -30.78 20.96 17.94
CA GLU C 308 -29.56 20.21 17.71
C GLU C 308 -29.43 19.86 16.23
N MSE C 309 -30.56 19.92 15.50
CA MSE C 309 -30.63 19.58 14.08
C MSE C 309 -30.01 20.68 13.21
O MSE C 309 -29.76 20.46 12.01
CB MSE C 309 -32.09 19.39 13.66
CG MSE C 309 -32.86 18.43 14.53
SE MSE C 309 -32.18 16.56 14.22
CE MSE C 309 -30.91 16.24 15.70
N GLU C 310 -29.80 21.87 13.76
CA GLU C 310 -29.20 22.96 13.00
C GLU C 310 -27.71 23.01 13.31
N ALA C 311 -26.88 23.35 12.30
CA ALA C 311 -25.44 23.46 12.50
C ALA C 311 -25.05 24.76 13.20
N GLN C 312 -24.03 24.64 14.06
CA GLN C 312 -23.44 25.76 14.78
C GLN C 312 -21.94 25.78 14.47
N ASP C 313 -21.53 26.83 13.74
CA ASP C 313 -20.16 26.94 13.27
C ASP C 313 -19.32 27.69 14.31
N LEU C 314 -18.25 27.05 14.80
CA LEU C 314 -17.45 27.61 15.87
C LEU C 314 -16.01 27.88 15.43
N PHE D 3 -36.06 10.39 -12.07
CA PHE D 3 -35.91 9.49 -10.87
C PHE D 3 -37.17 9.56 -10.01
N LYS D 4 -37.81 8.40 -9.85
CA LYS D 4 -38.99 8.22 -9.02
C LYS D 4 -38.57 7.89 -7.58
N ALA D 5 -39.22 8.59 -6.64
CA ALA D 5 -39.06 8.33 -5.22
C ALA D 5 -40.26 7.57 -4.67
N HIS D 6 -40.03 6.86 -3.57
N HIS D 6 -40.01 6.81 -3.61
CA HIS D 6 -41.05 6.16 -2.81
CA HIS D 6 -41.07 6.23 -2.81
C HIS D 6 -40.72 6.33 -1.33
C HIS D 6 -40.73 6.53 -1.35
N VAL D 7 -41.75 6.48 -0.49
CA VAL D 7 -41.52 6.48 0.96
C VAL D 7 -42.14 5.21 1.51
N PHE D 8 -41.29 4.25 1.90
CA PHE D 8 -41.83 2.98 2.38
C PHE D 8 -42.45 3.21 3.75
N ASP D 9 -43.48 2.42 4.05
CA ASP D 9 -44.01 2.31 5.40
C ASP D 9 -42.98 1.59 6.27
N GLU D 10 -42.83 2.02 7.53
CA GLU D 10 -42.01 1.32 8.49
C GLU D 10 -42.43 -0.14 8.50
N PRO D 11 -41.52 -1.10 8.20
CA PRO D 11 -41.87 -2.51 8.13
C PRO D 11 -42.50 -3.07 9.41
N MSE D 12 -43.53 -3.89 9.22
CA MSE D 12 -44.29 -4.42 10.33
C MSE D 12 -43.64 -5.70 10.88
O MSE D 12 -43.12 -6.52 10.11
CB MSE D 12 -45.72 -4.74 9.84
CG MSE D 12 -46.50 -3.50 9.43
SE MSE D 12 -46.85 -2.46 11.06
CE MSE D 12 -47.76 -3.76 12.15
N LEU D 13 -43.72 -5.86 12.20
CA LEU D 13 -43.28 -7.09 12.84
C LEU D 13 -44.47 -7.83 13.46
N GLU D 14 -44.32 -9.14 13.65
CA GLU D 14 -45.36 -9.96 14.26
C GLU D 14 -44.82 -10.43 15.59
N PHE D 15 -45.71 -10.36 16.58
CA PHE D 15 -45.39 -10.66 17.97
C PHE D 15 -46.28 -11.83 18.42
N GLY D 16 -46.53 -11.95 19.74
CA GLY D 16 -47.31 -13.07 20.23
C GLY D 16 -48.74 -13.08 19.68
N ASP D 17 -49.26 -14.30 19.48
CA ASP D 17 -50.67 -14.57 19.13
C ASP D 17 -51.17 -13.67 18.00
N GLY D 18 -50.36 -13.56 16.94
CA GLY D 18 -50.70 -12.79 15.76
C GLY D 18 -50.67 -11.28 15.92
N GLY D 19 -50.20 -10.77 17.07
CA GLY D 19 -50.07 -9.33 17.22
C GLY D 19 -49.04 -8.76 16.23
N GLN D 20 -49.29 -7.53 15.74
CA GLN D 20 -48.44 -6.83 14.80
C GLN D 20 -48.10 -5.43 15.32
N HIS D 21 -46.87 -4.97 15.09
CA HIS D 21 -46.57 -3.59 15.43
C HIS D 21 -45.27 -3.24 14.71
N CME D 22 -45.02 -1.96 14.40
CA CME D 22 -43.75 -1.52 13.82
CB CME D 22 -43.91 -0.19 13.11
SG CME D 22 -44.01 1.18 14.29
SD CME D 22 -43.93 2.87 13.13
CE CME D 22 -45.65 3.43 12.98
CZ CME D 22 -46.36 2.75 11.84
OH CME D 22 -46.71 1.42 12.13
C CME D 22 -42.59 -1.48 14.84
O CME D 22 -41.42 -1.49 14.44
N ASP D 23 -42.89 -1.39 16.13
CA ASP D 23 -41.94 -1.10 17.20
C ASP D 23 -41.70 -2.32 18.07
N PRO D 24 -40.45 -2.82 18.19
CA PRO D 24 -40.18 -3.99 18.99
C PRO D 24 -40.68 -3.80 20.43
N ARG D 25 -40.58 -2.57 20.96
CA ARG D 25 -40.89 -2.35 22.36
C ARG D 25 -42.39 -2.29 22.59
N GLN D 26 -43.11 -1.45 21.83
CA GLN D 26 -44.56 -1.36 21.97
CA GLN D 26 -44.54 -1.36 22.00
C GLN D 26 -45.19 -2.71 21.66
N GLY D 27 -44.65 -3.40 20.64
CA GLY D 27 -45.15 -4.71 20.29
C GLY D 27 -45.04 -5.73 21.40
N LEU D 28 -43.87 -5.81 22.03
CA LEU D 28 -43.72 -6.77 23.12
C LEU D 28 -44.60 -6.35 24.28
N ARG D 29 -44.72 -5.05 24.52
CA ARG D 29 -45.52 -4.58 25.63
C ARG D 29 -46.94 -5.13 25.50
N GLU D 30 -47.50 -5.04 24.29
CA GLU D 30 -48.91 -5.33 24.06
C GLU D 30 -49.13 -6.82 23.86
N HIS D 31 -48.19 -7.49 23.18
CA HIS D 31 -48.43 -8.83 22.69
C HIS D 31 -47.53 -9.89 23.32
N GLY D 32 -46.40 -9.45 23.89
CA GLY D 32 -45.46 -10.45 24.36
C GLY D 32 -44.67 -11.00 23.17
N PRO D 33 -43.71 -11.92 23.38
CA PRO D 33 -42.88 -12.44 22.28
C PRO D 33 -43.59 -13.47 21.41
N LEU D 34 -42.90 -13.90 20.34
CA LEU D 34 -43.49 -14.71 19.28
C LEU D 34 -44.10 -16.03 19.76
N GLN D 35 -43.40 -16.79 20.62
CA GLN D 35 -43.84 -18.15 20.88
C GLN D 35 -43.49 -18.57 22.30
N PRO D 36 -44.08 -17.94 23.34
CA PRO D 36 -43.74 -18.25 24.73
C PRO D 36 -44.32 -19.59 25.18
N ARG D 37 -43.69 -20.20 26.19
CA ARG D 37 -44.17 -21.40 26.86
C ARG D 37 -44.32 -21.07 28.33
N SER D 38 -45.30 -21.70 29.02
CA SER D 38 -45.59 -21.31 30.40
C SER D 38 -44.43 -21.68 31.34
N GLY D 39 -44.16 -20.76 32.27
CA GLY D 39 -43.03 -20.87 33.19
C GLY D 39 -41.66 -20.69 32.53
N ASP D 40 -41.61 -19.89 31.45
CA ASP D 40 -40.35 -19.59 30.78
C ASP D 40 -39.44 -18.84 31.76
N VAL D 41 -38.16 -19.25 31.82
CA VAL D 41 -37.18 -18.61 32.68
C VAL D 41 -35.81 -18.59 32.02
N ILE D 42 -35.14 -17.46 32.11
CA ILE D 42 -33.77 -17.40 31.64
C ILE D 42 -32.86 -17.34 32.86
N ARG D 43 -31.97 -18.32 32.95
CA ARG D 43 -31.02 -18.41 34.04
C ARG D 43 -29.80 -17.61 33.60
N VAL D 44 -29.51 -16.51 34.30
CA VAL D 44 -28.40 -15.63 34.00
C VAL D 44 -27.24 -15.92 34.93
N GLY D 45 -26.13 -16.35 34.34
CA GLY D 45 -24.87 -16.44 35.05
C GLY D 45 -24.22 -15.06 35.13
N VAL D 46 -23.35 -14.86 36.13
CA VAL D 46 -22.70 -13.57 36.25
C VAL D 46 -21.24 -13.75 36.61
N ILE D 47 -20.36 -13.01 35.92
CA ILE D 47 -18.96 -12.89 36.33
C ILE D 47 -18.68 -11.41 36.60
N GLY D 48 -18.17 -11.08 37.80
CA GLY D 48 -17.74 -9.70 38.05
C GLY D 48 -16.98 -9.61 39.37
N THR D 49 -16.92 -8.43 39.95
CA THR D 49 -16.38 -8.36 41.30
C THR D 49 -17.55 -8.41 42.27
N ASP D 50 -17.23 -8.56 43.56
CA ASP D 50 -18.24 -8.43 44.60
C ASP D 50 -19.13 -7.22 44.32
N ASP D 51 -18.54 -6.07 43.98
CA ASP D 51 -19.30 -4.85 43.75
C ASP D 51 -20.18 -4.94 42.50
N THR D 52 -19.61 -5.39 41.36
CA THR D 52 -20.36 -5.37 40.11
C THR D 52 -21.46 -6.42 40.12
N VAL D 53 -21.20 -7.57 40.75
CA VAL D 53 -22.21 -8.62 40.86
C VAL D 53 -23.39 -8.11 41.69
N ALA D 54 -23.10 -7.41 42.79
CA ALA D 54 -24.13 -6.80 43.63
C ALA D 54 -24.88 -5.72 42.84
N GLY D 55 -24.12 -4.88 42.15
CA GLY D 55 -24.66 -3.88 41.23
C GLY D 55 -25.62 -4.50 40.20
N PHE D 56 -25.24 -5.64 39.60
CA PHE D 56 -26.04 -6.21 38.52
C PHE D 56 -27.31 -6.84 39.08
N THR D 57 -27.22 -7.49 40.24
CA THR D 57 -28.40 -8.10 40.84
C THR D 57 -29.39 -7.03 41.33
N GLU D 58 -28.91 -5.84 41.74
CA GLU D 58 -29.85 -4.77 42.06
C GLU D 58 -30.53 -4.28 40.77
N PHE D 59 -29.78 -4.22 39.67
CA PHE D 59 -30.34 -3.67 38.45
C PHE D 59 -31.45 -4.58 37.95
N LEU D 60 -31.19 -5.88 38.04
CA LEU D 60 -32.13 -6.90 37.63
C LEU D 60 -33.41 -6.81 38.47
N ALA D 61 -33.26 -6.58 39.78
CA ALA D 61 -34.37 -6.45 40.71
C ALA D 61 -35.16 -5.20 40.36
N GLU D 62 -34.45 -4.09 40.17
CA GLU D 62 -35.06 -2.80 39.86
C GLU D 62 -35.83 -2.89 38.54
N THR D 63 -35.25 -3.60 37.58
CA THR D 63 -35.89 -3.79 36.28
C THR D 63 -37.24 -4.47 36.48
N GLY D 64 -37.27 -5.48 37.36
CA GLY D 64 -38.46 -6.24 37.69
C GLY D 64 -39.59 -5.34 38.23
N ARG D 65 -39.24 -4.33 39.03
CA ARG D 65 -40.22 -3.45 39.64
C ARG D 65 -40.70 -2.42 38.63
N GLY D 66 -39.90 -2.15 37.59
CA GLY D 66 -40.30 -1.21 36.56
C GLY D 66 -39.55 0.10 36.71
N ILE D 67 -39.35 0.76 35.57
CA ILE D 67 -38.53 1.97 35.51
C ILE D 67 -39.26 3.00 34.66
N GLU D 68 -39.34 4.23 35.18
CA GLU D 68 -40.08 5.30 34.52
C GLU D 68 -39.23 5.90 33.41
N SER D 69 -39.89 6.36 32.34
CA SER D 69 -39.26 7.17 31.31
C SER D 69 -38.64 8.41 31.92
N GLY D 70 -37.44 8.77 31.45
CA GLY D 70 -36.79 10.00 31.88
C GLY D 70 -36.86 11.09 30.81
N ASN D 71 -37.76 10.91 29.82
CA ASN D 71 -38.00 11.89 28.78
C ASN D 71 -39.38 11.64 28.18
N LYS D 72 -40.42 12.15 28.85
CA LYS D 72 -41.80 11.87 28.48
C LYS D 72 -42.21 12.70 27.26
N GLN D 73 -41.37 13.69 26.90
CA GLN D 73 -41.57 14.49 25.70
C GLN D 73 -41.33 13.66 24.43
N LEU D 74 -40.39 12.70 24.48
CA LEU D 74 -40.24 11.71 23.43
C LEU D 74 -40.39 10.31 24.05
N ILE D 75 -41.65 9.89 24.26
CA ILE D 75 -42.02 8.70 25.01
C ILE D 75 -41.84 7.42 24.19
N ASN D 76 -42.03 7.51 22.88
CA ASN D 76 -41.90 6.33 22.03
C ASN D 76 -40.40 6.00 21.91
N LEU D 77 -39.60 7.07 21.85
CA LEU D 77 -38.15 6.98 21.78
C LEU D 77 -37.55 6.67 23.15
N ASN D 78 -38.16 7.19 24.21
CA ASN D 78 -37.65 6.98 25.55
C ASN D 78 -38.80 6.44 26.40
N PRO D 79 -39.16 5.13 26.30
CA PRO D 79 -40.35 4.61 26.96
C PRO D 79 -40.04 4.21 28.40
N ASP D 80 -41.10 3.76 29.09
CA ASP D 80 -40.94 3.22 30.46
CA ASP D 80 -40.91 3.16 30.53
C ASP D 80 -40.73 1.71 30.35
N PHE D 81 -39.92 1.21 31.27
CA PHE D 81 -39.83 -0.23 31.26
C PHE D 81 -40.84 -0.77 32.26
N PRO D 82 -41.87 -1.52 31.84
CA PRO D 82 -43.02 -1.80 32.71
C PRO D 82 -42.84 -2.89 33.75
N GLY D 83 -41.65 -3.49 33.83
CA GLY D 83 -41.36 -4.39 34.94
C GLY D 83 -41.48 -5.84 34.52
N LEU D 84 -41.15 -6.77 35.42
CA LEU D 84 -41.11 -8.18 35.08
C LEU D 84 -42.20 -8.94 35.84
N GLY D 85 -43.22 -8.20 36.27
CA GLY D 85 -44.40 -8.79 36.88
C GLY D 85 -45.50 -9.03 35.85
N ASN D 86 -46.67 -8.41 36.11
CA ASN D 86 -47.86 -8.68 35.32
C ASN D 86 -47.77 -8.01 33.95
N GLN D 87 -46.84 -7.04 33.80
CA GLN D 87 -46.70 -6.25 32.53
C GLN D 87 -45.37 -6.60 31.85
N ASN D 88 -44.78 -7.74 32.17
CA ASN D 88 -43.56 -8.28 31.59
C ASN D 88 -43.68 -8.41 30.07
N PRO D 89 -42.97 -7.56 29.28
CA PRO D 89 -43.00 -7.66 27.82
C PRO D 89 -42.38 -8.95 27.26
N PHE D 90 -41.54 -9.64 28.07
CA PHE D 90 -40.86 -10.86 27.65
C PHE D 90 -41.62 -12.13 28.05
N ARG D 91 -42.68 -11.98 28.86
N ARG D 91 -42.66 -11.96 28.86
CA ARG D 91 -43.38 -13.12 29.43
CA ARG D 91 -43.39 -13.06 29.47
C ARG D 91 -42.37 -14.17 29.84
C ARG D 91 -42.41 -14.15 29.89
N CYS D 92 -41.27 -13.71 30.46
CA CYS D 92 -40.13 -14.56 30.83
C CYS D 92 -39.59 -14.05 32.17
N LYS D 93 -39.23 -15.00 33.04
CA LYS D 93 -38.50 -14.63 34.25
C LYS D 93 -37.01 -14.50 33.87
N PHE D 94 -36.31 -13.54 34.47
CA PHE D 94 -34.86 -13.44 34.38
C PHE D 94 -34.29 -13.57 35.79
N GLU D 95 -33.55 -14.64 36.04
CA GLU D 95 -33.12 -14.99 37.39
C GLU D 95 -31.65 -15.41 37.38
N VAL D 96 -30.90 -14.96 38.39
CA VAL D 96 -29.56 -15.50 38.65
C VAL D 96 -29.68 -16.64 39.64
N PRO D 97 -29.51 -17.93 39.26
CA PRO D 97 -29.63 -19.03 40.21
C PRO D 97 -28.45 -19.09 41.18
N ASP D 98 -28.66 -19.79 42.31
N ASP D 98 -28.67 -19.82 42.29
CA ASP D 98 -27.63 -19.97 43.32
CA ASP D 98 -27.65 -20.10 43.32
C ASP D 98 -26.46 -20.74 42.68
C ASP D 98 -26.45 -20.76 42.64
N GLY D 99 -25.25 -20.26 42.95
CA GLY D 99 -24.02 -20.85 42.42
C GLY D 99 -23.81 -20.59 40.93
N ALA D 100 -24.48 -19.58 40.37
CA ALA D 100 -24.23 -19.20 38.98
C ALA D 100 -23.38 -17.93 38.92
N THR D 101 -22.72 -17.58 40.03
CA THR D 101 -21.94 -16.35 40.09
C THR D 101 -20.47 -16.69 40.31
N VAL D 102 -19.57 -16.03 39.57
CA VAL D 102 -18.13 -16.15 39.77
C VAL D 102 -17.56 -14.75 40.00
N THR D 103 -16.72 -14.58 41.02
N THR D 103 -16.64 -14.65 40.95
CA THR D 103 -16.16 -13.26 41.27
CA THR D 103 -16.08 -13.37 41.35
C THR D 103 -14.70 -13.21 40.90
C THR D 103 -14.63 -13.24 40.88
N ILE D 104 -14.29 -12.06 40.38
CA ILE D 104 -12.91 -11.68 40.14
C ILE D 104 -12.49 -10.87 41.37
N SER D 105 -11.32 -11.18 41.94
CA SER D 105 -10.85 -10.48 43.14
C SER D 105 -10.22 -9.15 42.79
N ARG D 106 -10.11 -8.26 43.78
CA ARG D 106 -9.51 -6.96 43.54
C ARG D 106 -8.06 -7.17 43.09
N ARG D 107 -7.48 -8.27 43.53
CA ARG D 107 -6.08 -8.56 43.25
C ARG D 107 -5.93 -9.03 41.79
N GLN D 108 -6.88 -9.82 41.32
CA GLN D 108 -6.92 -10.23 39.92
C GLN D 108 -7.05 -9.03 38.99
N VAL D 109 -7.87 -8.04 39.38
CA VAL D 109 -7.96 -6.82 38.62
C VAL D 109 -6.59 -6.14 38.57
N ASN D 110 -5.94 -5.99 39.73
CA ASN D 110 -4.66 -5.29 39.77
C ASN D 110 -3.60 -6.04 38.97
N ASP D 111 -3.69 -7.38 38.95
CA ASP D 111 -2.77 -8.21 38.19
C ASP D 111 -2.83 -7.89 36.70
N ILE D 112 -4.03 -7.59 36.19
CA ILE D 112 -4.21 -7.26 34.78
C ILE D 112 -3.85 -5.79 34.50
N THR D 113 -4.37 -4.84 35.32
CA THR D 113 -4.20 -3.43 34.96
C THR D 113 -2.73 -3.03 35.09
N GLY D 114 -1.98 -3.79 35.88
CA GLY D 114 -0.57 -3.50 36.07
C GLY D 114 0.34 -4.14 35.01
N ILE D 115 -0.20 -4.93 34.07
CA ILE D 115 0.66 -5.44 33.01
C ILE D 115 0.91 -4.32 32.03
N GLY D 116 2.18 -3.98 31.78
CA GLY D 116 2.43 -2.78 31.01
C GLY D 116 2.23 -2.92 29.49
N ARG D 117 2.36 -4.15 28.94
CA ARG D 117 2.22 -4.32 27.49
C ARG D 117 0.77 -4.71 27.17
N HIS D 118 0.13 -3.95 26.29
CA HIS D 118 -1.30 -4.12 26.04
C HIS D 118 -1.61 -5.57 25.65
N ASP D 119 -0.84 -6.13 24.71
CA ASP D 119 -1.25 -7.46 24.24
C ASP D 119 -1.14 -8.52 25.35
N GLU D 120 -0.13 -8.39 26.23
CA GLU D 120 0.02 -9.29 27.37
C GLU D 120 -1.14 -9.10 28.34
N ALA D 121 -1.60 -7.85 28.56
CA ALA D 121 -2.72 -7.66 29.46
C ALA D 121 -3.95 -8.38 28.89
N VAL D 122 -4.24 -8.12 27.61
CA VAL D 122 -5.40 -8.72 26.99
C VAL D 122 -5.33 -10.25 27.08
N ARG D 123 -4.20 -10.88 26.73
N ARG D 123 -4.16 -10.81 26.73
CA ARG D 123 -4.23 -12.34 26.74
CA ARG D 123 -4.00 -12.27 26.69
C ARG D 123 -4.44 -12.87 28.17
C ARG D 123 -4.23 -12.90 28.07
N HIS D 124 -3.78 -12.20 29.12
CA HIS D 124 -3.96 -12.63 30.51
C HIS D 124 -5.43 -12.56 30.92
N ALA D 125 -6.12 -11.44 30.64
CA ALA D 125 -7.53 -11.29 30.97
C ALA D 125 -8.35 -12.37 30.26
N VAL D 126 -8.06 -12.60 28.97
CA VAL D 126 -8.77 -13.63 28.21
C VAL D 126 -8.60 -15.01 28.84
N GLU D 127 -7.36 -15.38 29.18
CA GLU D 127 -7.07 -16.66 29.82
C GLU D 127 -7.91 -16.79 31.10
N LEU D 128 -7.93 -15.74 31.90
CA LEU D 128 -8.61 -15.81 33.19
C LEU D 128 -10.11 -15.93 32.99
N ILE D 129 -10.69 -15.06 32.17
CA ILE D 129 -12.15 -15.01 32.06
C ILE D 129 -12.65 -16.24 31.30
N SER D 130 -11.92 -16.68 30.27
CA SER D 130 -12.44 -17.84 29.56
C SER D 130 -12.40 -19.10 30.43
N SER D 131 -11.48 -19.11 31.40
CA SER D 131 -11.46 -20.22 32.34
C SER D 131 -12.67 -20.17 33.29
N GLN D 132 -13.09 -18.98 33.69
CA GLN D 132 -14.26 -18.87 34.55
C GLN D 132 -15.52 -19.18 33.76
N LEU D 133 -15.56 -18.76 32.48
CA LEU D 133 -16.70 -19.09 31.65
C LEU D 133 -16.82 -20.60 31.48
N SER D 134 -15.70 -21.27 31.21
CA SER D 134 -15.70 -22.71 31.03
C SER D 134 -16.20 -23.40 32.30
N ALA D 135 -15.77 -22.91 33.46
CA ALA D 135 -16.18 -23.50 34.74
C ALA D 135 -17.69 -23.38 34.91
N LEU D 136 -18.23 -22.20 34.60
CA LEU D 136 -19.65 -21.90 34.73
C LEU D 136 -20.50 -22.82 33.85
N VAL D 137 -20.09 -22.99 32.59
CA VAL D 137 -20.77 -23.81 31.59
C VAL D 137 -20.67 -25.30 31.96
N GLU D 138 -19.52 -25.73 32.49
CA GLU D 138 -19.29 -27.14 32.76
C GLU D 138 -19.81 -27.60 34.13
N GLY D 139 -20.23 -26.67 35.01
CA GLY D 139 -20.76 -27.05 36.32
C GLY D 139 -22.28 -27.25 36.34
N SER D 140 -22.89 -27.06 37.52
N SER D 140 -22.89 -27.06 37.52
CA SER D 140 -24.28 -27.44 37.77
CA SER D 140 -24.27 -27.45 37.77
C SER D 140 -25.23 -26.26 37.72
C SER D 140 -25.23 -26.26 37.72
N ALA D 141 -24.71 -25.04 37.52
CA ALA D 141 -25.55 -23.84 37.48
C ALA D 141 -26.43 -23.74 36.23
N LYS D 142 -25.99 -24.32 35.10
CA LYS D 142 -26.79 -24.37 33.87
C LYS D 142 -27.32 -22.99 33.48
N PRO D 143 -26.45 -21.97 33.31
CA PRO D 143 -26.88 -20.68 32.80
C PRO D 143 -27.29 -20.82 31.33
N ASP D 144 -28.25 -20.01 30.95
CA ASP D 144 -28.67 -19.82 29.57
C ASP D 144 -27.85 -18.71 28.90
N VAL D 145 -27.42 -17.72 29.70
N VAL D 145 -27.48 -17.70 29.69
CA VAL D 145 -26.67 -16.57 29.21
CA VAL D 145 -26.61 -16.64 29.22
C VAL D 145 -25.82 -16.05 30.36
C VAL D 145 -25.69 -16.28 30.38
N ILE D 146 -24.59 -15.58 30.07
CA ILE D 146 -23.71 -15.10 31.12
C ILE D 146 -23.42 -13.62 30.90
N VAL D 147 -23.65 -12.83 31.97
CA VAL D 147 -23.28 -11.42 31.99
C VAL D 147 -21.87 -11.29 32.55
N LEU D 148 -21.01 -10.60 31.79
CA LEU D 148 -19.66 -10.27 32.23
C LEU D 148 -19.66 -8.78 32.60
N ALA D 149 -19.61 -8.51 33.91
CA ALA D 149 -19.71 -7.13 34.39
C ALA D 149 -18.36 -6.75 35.00
N LEU D 150 -17.42 -6.30 34.16
CA LEU D 150 -16.06 -6.07 34.64
C LEU D 150 -16.07 -4.71 35.33
N PRO D 151 -15.23 -4.50 36.35
CA PRO D 151 -15.15 -3.19 37.02
C PRO D 151 -14.59 -2.15 36.04
N ILE D 152 -14.91 -0.89 36.27
CA ILE D 152 -14.51 0.18 35.36
C ILE D 152 -13.01 0.18 35.08
N PRO D 153 -12.10 0.03 36.07
CA PRO D 153 -10.68 0.08 35.76
C PRO D 153 -10.18 -1.04 34.84
N LEU D 154 -10.81 -2.21 34.93
CA LEU D 154 -10.43 -3.31 34.07
C LEU D 154 -10.95 -3.05 32.65
N ILE D 155 -12.16 -2.51 32.50
CA ILE D 155 -12.63 -2.07 31.18
C ILE D 155 -11.71 -1.02 30.57
N GLU D 156 -11.30 -0.03 31.38
CA GLU D 156 -10.41 1.00 30.88
C GLU D 156 -9.07 0.45 30.42
N LYS D 157 -8.57 -0.56 31.12
CA LYS D 157 -7.32 -1.17 30.70
C LYS D 157 -7.49 -1.93 29.38
N LEU D 158 -8.62 -2.63 29.24
CA LEU D 158 -8.81 -3.56 28.13
C LEU D 158 -9.28 -2.86 26.87
N VAL D 159 -9.94 -1.71 26.97
CA VAL D 159 -10.62 -1.09 25.85
C VAL D 159 -9.93 0.23 25.55
N ASN D 160 -9.52 0.44 24.30
N ASN D 160 -9.48 0.44 24.31
CA ASN D 160 -8.86 1.66 23.82
CA ASN D 160 -8.82 1.71 24.01
C ASN D 160 -9.83 2.85 23.82
C ASN D 160 -9.84 2.85 23.90
N ALA D 161 -9.33 4.05 24.16
CA ALA D 161 -10.13 5.27 24.17
C ALA D 161 -10.00 5.98 22.83
N LYS D 162 -11.08 6.67 22.40
CA LYS D 162 -11.01 7.63 21.28
C LYS D 162 -11.74 8.91 21.69
N SER D 163 -11.61 9.99 20.92
CA SER D 163 -12.34 11.21 21.26
C SER D 163 -13.58 11.42 20.38
N GLY D 175 -5.19 -3.55 13.49
CA GLY D 175 -4.28 -4.70 13.39
C GLY D 175 -3.07 -4.55 14.30
N ASP D 176 -2.85 -3.32 14.78
CA ASP D 176 -1.69 -3.01 15.65
C ASP D 176 -1.84 -3.66 17.02
N MSE D 177 -3.08 -3.86 17.47
CA MSE D 177 -3.25 -4.39 18.84
C MSE D 177 -4.43 -5.32 19.00
O MSE D 177 -5.43 -5.18 18.27
CB MSE D 177 -3.22 -3.28 19.88
CG MSE D 177 -4.46 -2.46 20.02
SE MSE D 177 -3.69 -0.83 20.79
CE MSE D 177 -2.96 0.05 19.22
N LEU D 178 -4.31 -6.23 19.95
CA LEU D 178 -5.39 -7.18 20.22
C LEU D 178 -6.61 -6.48 20.80
N ASN D 179 -7.78 -6.84 20.32
CA ASN D 179 -9.06 -6.44 20.84
C ASN D 179 -9.56 -7.50 21.81
N PHE D 180 -9.70 -7.09 23.06
CA PHE D 180 -10.10 -8.00 24.14
C PHE D 180 -11.44 -8.69 23.81
N ARG D 181 -12.45 -7.95 23.34
CA ARG D 181 -13.76 -8.57 23.19
C ARG D 181 -13.67 -9.60 22.05
N ASP D 182 -13.00 -9.22 20.94
CA ASP D 182 -12.88 -10.15 19.79
C ASP D 182 -12.13 -11.44 20.19
N LEU D 183 -11.00 -11.29 20.90
CA LEU D 183 -10.23 -12.44 21.36
C LEU D 183 -10.99 -13.30 22.37
N LEU D 184 -11.69 -12.68 23.32
CA LEU D 184 -12.45 -13.48 24.28
C LEU D 184 -13.52 -14.30 23.57
N LYS D 185 -14.22 -13.66 22.61
CA LYS D 185 -15.30 -14.35 21.92
C LYS D 185 -14.71 -15.48 21.08
N ALA D 186 -13.52 -15.28 20.47
CA ALA D 186 -12.95 -16.35 19.66
C ALA D 186 -12.56 -17.54 20.57
N LYS D 187 -11.99 -17.20 21.74
CA LYS D 187 -11.54 -18.23 22.67
C LYS D 187 -12.70 -18.95 23.33
N THR D 188 -13.91 -18.40 23.23
CA THR D 188 -15.03 -19.04 23.87
C THR D 188 -16.05 -19.55 22.88
N LEU D 189 -15.71 -19.54 21.59
CA LEU D 189 -16.73 -19.79 20.57
C LEU D 189 -17.18 -21.25 20.66
N HIS D 190 -16.40 -22.11 21.32
CA HIS D 190 -16.79 -23.52 21.45
C HIS D 190 -17.79 -23.74 22.59
N LEU D 191 -18.04 -22.70 23.42
CA LEU D 191 -19.00 -22.81 24.50
C LEU D 191 -20.42 -22.50 24.04
N PRO D 192 -21.43 -23.26 24.47
CA PRO D 192 -22.81 -23.00 24.03
C PRO D 192 -23.62 -21.94 24.76
N VAL D 193 -23.03 -21.28 25.76
CA VAL D 193 -23.73 -20.24 26.52
C VAL D 193 -23.10 -18.89 26.15
N PRO D 194 -23.81 -18.00 25.42
CA PRO D 194 -23.27 -16.71 25.01
C PRO D 194 -23.03 -15.78 26.21
N THR D 195 -22.12 -14.80 26.02
CA THR D 195 -21.82 -13.79 27.04
C THR D 195 -22.28 -12.43 26.57
N GLN D 196 -22.71 -11.58 27.53
CA GLN D 196 -23.07 -10.19 27.26
C GLN D 196 -22.15 -9.39 28.16
N ILE D 197 -21.35 -8.50 27.58
CA ILE D 197 -20.35 -7.74 28.32
C ILE D 197 -20.89 -6.33 28.54
N VAL D 198 -20.95 -5.89 29.82
CA VAL D 198 -21.65 -4.66 30.16
C VAL D 198 -20.78 -3.73 31.00
N TRP D 199 -21.02 -2.42 30.85
CA TRP D 199 -20.52 -1.45 31.81
C TRP D 199 -21.32 -1.54 33.09
N PRO D 200 -20.64 -1.58 34.26
CA PRO D 200 -21.32 -1.92 35.53
C PRO D 200 -22.00 -0.71 36.18
N ASP D 201 -21.96 0.42 35.50
CA ASP D 201 -22.59 1.61 36.04
C ASP D 201 -23.97 1.78 35.39
N THR D 202 -23.99 1.70 34.05
CA THR D 202 -25.16 2.03 33.26
C THR D 202 -25.75 0.77 32.61
N TRP D 203 -24.99 -0.34 32.62
CA TRP D 203 -25.40 -1.61 32.05
C TRP D 203 -25.56 -1.56 30.53
N ASP D 204 -25.00 -0.53 29.88
CA ASP D 204 -24.91 -0.63 28.43
C ASP D 204 -23.69 -1.48 28.03
N ASP D 205 -23.63 -1.80 26.74
CA ASP D 205 -22.65 -2.70 26.15
C ASP D 205 -21.25 -2.10 26.31
N ALA D 206 -20.31 -2.93 26.78
CA ALA D 206 -18.91 -2.53 26.81
C ALA D 206 -18.06 -3.33 25.80
N ALA D 207 -16.90 -2.75 25.42
CA ALA D 207 -15.89 -3.45 24.58
C ALA D 207 -16.25 -3.61 23.09
N LYS D 208 -17.52 -3.46 22.70
CA LYS D 208 -17.82 -3.52 21.24
C LYS D 208 -17.13 -2.35 20.54
N ILE D 209 -17.13 -1.16 21.15
CA ILE D 209 -16.60 0.05 20.46
C ILE D 209 -15.49 0.72 21.31
N PRO D 210 -14.64 1.68 20.80
CA PRO D 210 -13.71 2.38 21.69
C PRO D 210 -14.52 3.20 22.71
N ARG D 211 -13.97 3.32 23.93
CA ARG D 211 -14.60 4.05 25.02
C ARG D 211 -14.18 5.52 24.96
N LYS D 212 -14.91 6.37 25.70
CA LYS D 212 -14.51 7.78 25.79
CA LYS D 212 -14.54 7.79 25.83
C LYS D 212 -13.47 7.93 26.90
N ILE D 213 -12.60 8.93 26.75
CA ILE D 213 -11.47 9.16 27.65
C ILE D 213 -11.89 9.18 29.13
N LYS D 214 -13.07 9.74 29.44
CA LYS D 214 -13.61 9.71 30.79
C LYS D 214 -15.09 9.32 30.74
N ARG D 215 -15.52 8.46 31.68
CA ARG D 215 -16.87 7.91 31.69
C ARG D 215 -17.92 9.02 31.89
N GLN D 222 -28.97 9.89 32.03
CA GLN D 222 -29.71 8.69 32.50
C GLN D 222 -30.85 8.38 31.53
N VAL D 223 -30.78 7.17 30.94
CA VAL D 223 -31.83 6.63 30.09
C VAL D 223 -32.07 5.20 30.55
N LYS D 224 -32.26 5.04 31.87
CA LYS D 224 -32.22 3.77 32.57
C LYS D 224 -33.26 2.79 32.00
N ALA D 225 -34.47 3.27 31.72
CA ALA D 225 -35.50 2.40 31.20
C ALA D 225 -35.09 1.84 29.83
N THR D 226 -34.44 2.65 28.99
CA THR D 226 -33.92 2.18 27.70
C THR D 226 -32.81 1.16 27.90
N ARG D 227 -31.94 1.42 28.89
N ARG D 227 -31.93 1.41 28.88
CA ARG D 227 -30.86 0.50 29.22
CA ARG D 227 -30.85 0.50 29.21
C ARG D 227 -31.42 -0.85 29.65
C ARG D 227 -31.43 -0.86 29.64
N ALA D 228 -32.52 -0.82 30.44
CA ALA D 228 -33.21 -2.04 30.85
C ALA D 228 -33.78 -2.81 29.65
N TRP D 229 -34.46 -2.08 28.76
CA TRP D 229 -35.01 -2.74 27.58
C TRP D 229 -33.90 -3.41 26.80
N ASN D 230 -32.81 -2.68 26.56
CA ASN D 230 -31.75 -3.12 25.67
C ASN D 230 -31.08 -4.34 26.27
N LEU D 231 -30.81 -4.29 27.57
CA LEU D 231 -30.12 -5.41 28.19
C LEU D 231 -30.98 -6.67 28.14
N LEU D 232 -32.25 -6.54 28.57
CA LEU D 232 -33.10 -7.71 28.64
C LEU D 232 -33.32 -8.32 27.25
N ASN D 233 -33.52 -7.47 26.24
CA ASN D 233 -33.69 -7.90 24.85
C ASN D 233 -32.46 -8.68 24.39
N ALA D 234 -31.28 -8.22 24.80
CA ALA D 234 -30.07 -8.93 24.39
C ALA D 234 -29.97 -10.30 25.07
N LEU D 235 -30.30 -10.37 26.36
CA LEU D 235 -30.28 -11.62 27.10
C LEU D 235 -31.31 -12.59 26.51
N PHE D 236 -32.46 -12.04 26.08
CA PHE D 236 -33.56 -12.84 25.54
C PHE D 236 -33.12 -13.54 24.26
N TYR D 237 -32.53 -12.76 23.36
CA TYR D 237 -31.97 -13.26 22.11
C TYR D 237 -30.85 -14.26 22.39
N LYS D 238 -29.95 -13.95 23.34
CA LYS D 238 -28.81 -14.82 23.53
C LYS D 238 -29.26 -16.12 24.19
N ALA D 239 -30.41 -16.08 24.88
CA ALA D 239 -30.95 -17.28 25.51
C ALA D 239 -31.64 -18.18 24.49
N GLY D 240 -31.74 -17.74 23.23
CA GLY D 240 -32.22 -18.55 22.13
C GLY D 240 -33.71 -18.35 21.87
N LYS D 241 -34.30 -17.29 22.44
CA LYS D 241 -35.72 -17.01 22.31
C LYS D 241 -35.97 -15.97 21.22
N VAL D 242 -37.14 -16.02 20.57
CA VAL D 242 -37.42 -15.14 19.44
C VAL D 242 -38.46 -14.12 19.88
N PRO D 243 -38.15 -12.81 19.90
CA PRO D 243 -39.12 -11.80 20.32
C PRO D 243 -40.19 -11.53 19.29
N TRP D 244 -39.85 -11.63 18.00
CA TRP D 244 -40.78 -11.26 16.93
C TRP D 244 -40.25 -11.82 15.61
N ARG D 245 -41.07 -11.80 14.55
CA ARG D 245 -40.63 -12.15 13.20
C ARG D 245 -40.95 -11.00 12.27
N LEU D 246 -40.15 -10.86 11.19
CA LEU D 246 -40.53 -9.98 10.11
C LEU D 246 -41.78 -10.57 9.46
N LEU D 247 -42.80 -9.74 9.29
CA LEU D 247 -44.05 -10.12 8.63
C LEU D 247 -43.84 -10.08 7.11
N PRO D 248 -43.86 -11.24 6.40
CA PRO D 248 -43.74 -11.27 4.95
C PRO D 248 -44.93 -10.62 4.19
N TYR D 253 -44.45 -18.69 1.71
CA TYR D 253 -43.13 -19.37 1.62
C TYR D 253 -42.06 -18.61 2.40
N ARG D 254 -40.99 -19.35 2.74
CA ARG D 254 -39.92 -18.76 3.59
C ARG D 254 -38.75 -18.23 2.76
N THR D 255 -38.31 -17.00 3.05
CA THR D 255 -37.14 -16.39 2.44
C THR D 255 -35.99 -16.44 3.43
N SER D 256 -34.80 -16.85 2.94
CA SER D 256 -33.54 -16.70 3.65
C SER D 256 -32.72 -15.56 3.03
N PHE D 257 -31.93 -14.90 3.89
CA PHE D 257 -31.14 -13.78 3.40
C PHE D 257 -29.71 -14.11 3.79
N LEU D 258 -28.84 -14.31 2.78
CA LEU D 258 -27.48 -14.81 2.96
C LEU D 258 -26.51 -13.67 2.63
N GLY D 259 -25.78 -13.17 3.63
CA GLY D 259 -24.70 -12.23 3.35
C GLY D 259 -23.39 -13.01 3.17
N ILE D 260 -22.58 -12.60 2.20
CA ILE D 260 -21.27 -13.17 1.96
C ILE D 260 -20.28 -12.04 2.22
N GLY D 261 -19.34 -12.29 3.14
CA GLY D 261 -18.35 -11.28 3.48
C GLY D 261 -16.94 -11.89 3.47
N PHE D 262 -15.99 -11.03 3.86
CA PHE D 262 -14.60 -11.46 3.82
C PHE D 262 -13.88 -10.75 4.96
N TYR D 263 -12.98 -11.47 5.65
CA TYR D 263 -12.10 -10.81 6.61
C TYR D 263 -10.65 -11.20 6.36
N ARG D 264 -9.70 -10.36 6.82
CA ARG D 264 -8.31 -10.64 6.50
C ARG D 264 -7.56 -11.05 7.76
N ASP D 265 -6.74 -12.11 7.63
CA ASP D 265 -5.88 -12.56 8.73
C ASP D 265 -4.73 -11.58 8.95
N LEU D 266 -4.25 -11.56 10.21
CA LEU D 266 -3.14 -10.66 10.53
C LEU D 266 -1.79 -11.35 10.33
N ASP D 267 -1.74 -12.65 10.53
CA ASP D 267 -0.45 -13.30 10.42
C ASP D 267 -0.38 -14.12 9.14
N GLY D 268 0.63 -14.98 9.04
CA GLY D 268 0.74 -15.86 7.90
C GLY D 268 1.11 -15.08 6.64
N GLN D 269 0.22 -15.14 5.64
CA GLN D 269 0.36 -14.35 4.41
C GLN D 269 -0.74 -13.29 4.31
N GLN D 270 -1.38 -12.98 5.43
CA GLN D 270 -2.54 -12.10 5.51
C GLN D 270 -3.54 -12.45 4.41
N LEU D 271 -3.85 -13.75 4.24
CA LEU D 271 -4.93 -14.11 3.31
C LEU D 271 -6.30 -13.70 3.87
N TRP D 272 -7.25 -13.52 2.94
CA TRP D 272 -8.64 -13.24 3.27
C TRP D 272 -9.41 -14.55 3.24
N THR D 273 -10.44 -14.63 4.11
CA THR D 273 -11.27 -15.83 4.16
C THR D 273 -12.72 -15.34 3.96
N SER D 274 -13.49 -16.11 3.19
CA SER D 274 -14.91 -15.88 3.01
C SER D 274 -15.71 -16.33 4.23
N THR D 275 -16.85 -15.66 4.42
CA THR D 275 -17.81 -16.00 5.45
C THR D 275 -19.22 -15.81 4.88
N ALA D 276 -20.15 -16.59 5.43
CA ALA D 276 -21.55 -16.38 5.10
C ALA D 276 -22.33 -16.12 6.38
N GLN D 277 -23.31 -15.21 6.29
CA GLN D 277 -24.16 -14.93 7.44
C GLN D 277 -25.61 -15.07 6.96
N MSE D 278 -26.24 -16.20 7.28
CA MSE D 278 -27.55 -16.51 6.73
C MSE D 278 -28.64 -16.34 7.80
O MSE D 278 -28.61 -17.01 8.84
CB MSE D 278 -27.58 -17.93 6.20
CG MSE D 278 -28.88 -18.32 5.52
SE MSE D 278 -28.90 -20.07 4.74
CE MSE D 278 -27.90 -19.65 3.12
N PHE D 279 -29.56 -15.42 7.51
CA PHE D 279 -30.59 -15.07 8.47
C PHE D 279 -31.95 -15.54 7.94
N ASP D 280 -32.81 -16.01 8.88
CA ASP D 280 -34.21 -16.27 8.58
C ASP D 280 -35.09 -15.09 9.01
N GLU D 281 -36.41 -15.22 8.78
CA GLU D 281 -37.29 -14.10 9.00
C GLU D 281 -37.60 -13.96 10.50
N ARG D 282 -37.14 -14.92 11.32
CA ARG D 282 -37.23 -14.79 12.76
C ARG D 282 -35.95 -14.20 13.36
N GLY D 283 -35.03 -13.76 12.49
CA GLY D 283 -33.85 -13.02 12.90
C GLY D 283 -32.74 -13.93 13.45
N ARG D 284 -32.89 -15.24 13.26
CA ARG D 284 -31.84 -16.15 13.72
C ARG D 284 -30.77 -16.26 12.62
N GLY D 285 -29.49 -16.35 13.04
CA GLY D 285 -28.39 -16.36 12.09
C GLY D 285 -27.59 -17.66 12.13
N LEU D 286 -27.13 -18.09 10.94
CA LEU D 286 -26.22 -19.23 10.89
C LEU D 286 -24.95 -18.70 10.23
N ILE D 287 -23.80 -18.96 10.84
CA ILE D 287 -22.53 -18.43 10.35
C ILE D 287 -21.67 -19.57 9.82
N LEU D 288 -21.09 -19.39 8.62
CA LEU D 288 -20.29 -20.41 7.96
C LEU D 288 -18.98 -19.72 7.54
N ARG D 289 -17.88 -20.47 7.57
CA ARG D 289 -16.60 -20.02 7.03
C ARG D 289 -16.35 -20.86 5.79
N GLY D 290 -15.94 -20.19 4.69
CA GLY D 290 -15.67 -20.81 3.41
C GLY D 290 -14.18 -20.82 3.07
N ALA D 291 -13.91 -20.95 1.77
CA ALA D 291 -12.52 -21.03 1.32
C ALA D 291 -11.83 -19.68 1.51
N ARG D 292 -10.48 -19.71 1.43
CA ARG D 292 -9.73 -18.47 1.32
C ARG D 292 -10.14 -17.79 0.01
N ALA D 293 -10.15 -16.46 0.05
CA ALA D 293 -10.50 -15.68 -1.13
C ALA D 293 -9.29 -15.48 -2.04
N GLN D 294 -9.56 -15.18 -3.31
CA GLN D 294 -8.57 -14.61 -4.21
C GLN D 294 -8.62 -13.09 -4.00
N THR D 295 -7.66 -12.37 -4.55
CA THR D 295 -7.71 -10.92 -4.46
C THR D 295 -7.40 -10.32 -5.84
N GLU D 296 -7.89 -9.12 -6.10
CA GLU D 296 -7.70 -8.53 -7.44
C GLU D 296 -6.32 -7.88 -7.57
N THR D 297 -5.91 -7.10 -6.58
CA THR D 297 -4.67 -6.32 -6.75
C THR D 297 -3.88 -6.10 -5.47
N ARG D 298 -2.64 -6.60 -5.43
N ARG D 298 -2.65 -6.62 -5.42
CA ARG D 298 -1.77 -6.39 -4.25
CA ARG D 298 -1.77 -6.39 -4.25
C ARG D 298 -2.44 -6.78 -2.93
C ARG D 298 -2.42 -6.79 -2.92
N GLY D 299 -3.09 -7.94 -2.88
CA GLY D 299 -3.68 -8.42 -1.63
C GLY D 299 -4.97 -7.75 -1.24
N ARG D 300 -5.59 -7.05 -2.18
CA ARG D 300 -6.82 -6.31 -1.82
C ARG D 300 -7.96 -6.69 -2.76
N HIS D 301 -9.17 -6.30 -2.39
CA HIS D 301 -10.38 -6.63 -3.19
C HIS D 301 -10.62 -8.13 -3.23
N PRO D 302 -10.96 -8.73 -2.08
CA PRO D 302 -11.22 -10.16 -2.00
C PRO D 302 -12.45 -10.63 -2.80
N TYR D 303 -12.36 -11.82 -3.40
CA TYR D 303 -13.48 -12.40 -4.17
C TYR D 303 -13.37 -13.93 -4.19
N LEU D 304 -14.45 -14.62 -4.51
CA LEU D 304 -14.39 -16.07 -4.61
C LEU D 304 -14.43 -16.51 -6.06
N THR D 305 -13.72 -17.61 -6.34
CA THR D 305 -13.82 -18.29 -7.63
C THR D 305 -15.18 -18.97 -7.67
N ALA D 306 -15.59 -19.42 -8.87
CA ALA D 306 -16.94 -19.97 -9.02
C ALA D 306 -17.15 -21.17 -8.11
N LYS D 307 -16.17 -22.07 -8.11
CA LYS D 307 -16.37 -23.27 -7.32
C LYS D 307 -16.41 -22.96 -5.82
N ASP D 308 -15.59 -22.00 -5.37
CA ASP D 308 -15.56 -21.69 -3.94
C ASP D 308 -16.83 -20.94 -3.54
N ALA D 309 -17.35 -20.09 -4.43
CA ALA D 309 -18.65 -19.49 -4.17
C ALA D 309 -19.77 -20.52 -4.11
N GLU D 310 -19.75 -21.47 -5.05
CA GLU D 310 -20.79 -22.50 -5.03
C GLU D 310 -20.72 -23.29 -3.72
N ASP D 311 -19.51 -23.69 -3.29
CA ASP D 311 -19.28 -24.47 -2.07
C ASP D 311 -19.84 -23.73 -0.83
N LEU D 312 -19.57 -22.42 -0.76
CA LEU D 312 -20.02 -21.65 0.40
C LEU D 312 -21.55 -21.59 0.47
N VAL D 313 -22.23 -21.33 -0.65
CA VAL D 313 -23.69 -21.29 -0.67
C VAL D 313 -24.27 -22.69 -0.41
N VAL D 314 -23.65 -23.74 -0.97
CA VAL D 314 -24.12 -25.13 -0.74
C VAL D 314 -23.98 -25.47 0.74
N GLN D 315 -22.85 -25.10 1.35
CA GLN D 315 -22.58 -25.27 2.78
C GLN D 315 -23.64 -24.57 3.64
N SER D 316 -24.06 -23.37 3.22
CA SER D 316 -24.98 -22.54 3.97
C SER D 316 -26.37 -23.18 3.93
N ILE D 317 -26.80 -23.55 2.71
CA ILE D 317 -28.10 -24.21 2.55
C ILE D 317 -28.11 -25.53 3.33
N ALA D 318 -27.03 -26.32 3.27
CA ALA D 318 -26.91 -27.55 4.07
C ALA D 318 -27.13 -27.32 5.57
N ALA D 319 -26.48 -26.28 6.15
CA ALA D 319 -26.63 -25.92 7.55
C ALA D 319 -28.08 -25.56 7.86
N TYR D 320 -28.70 -24.75 6.99
CA TYR D 320 -30.08 -24.35 7.19
C TYR D 320 -30.97 -25.60 7.21
N LYS D 321 -30.75 -26.50 6.24
CA LYS D 321 -31.60 -27.69 6.11
C LYS D 321 -31.39 -28.64 7.30
N ALA D 322 -30.16 -28.72 7.80
CA ALA D 322 -29.84 -29.62 8.91
C ALA D 322 -30.58 -29.20 10.17
N HIS D 323 -30.80 -27.90 10.33
CA HIS D 323 -31.49 -27.34 11.47
C HIS D 323 -33.00 -27.45 11.29
N HIS D 324 -33.48 -27.12 10.08
CA HIS D 324 -34.87 -26.77 9.86
C HIS D 324 -35.63 -27.88 9.14
N ARG D 325 -34.89 -28.88 8.63
CA ARG D 325 -35.44 -30.00 7.90
C ARG D 325 -36.31 -29.52 6.74
N HIS D 326 -36.09 -28.27 6.28
CA HIS D 326 -36.61 -27.82 4.99
C HIS D 326 -35.60 -26.85 4.36
N VAL D 327 -35.80 -26.52 3.08
CA VAL D 327 -34.96 -25.57 2.37
C VAL D 327 -35.80 -24.32 2.08
N PRO D 328 -35.24 -23.08 2.08
CA PRO D 328 -36.07 -21.89 1.86
C PRO D 328 -36.50 -21.88 0.39
N ALA D 329 -37.65 -21.26 0.12
CA ALA D 329 -38.20 -21.16 -1.23
C ALA D 329 -37.51 -20.06 -2.02
N ARG D 330 -37.12 -18.98 -1.32
CA ARG D 330 -36.44 -17.84 -1.93
C ARG D 330 -35.12 -17.60 -1.16
N LEU D 331 -34.02 -17.36 -1.89
CA LEU D 331 -32.75 -16.97 -1.26
C LEU D 331 -32.30 -15.64 -1.82
N VAL D 332 -32.09 -14.66 -0.93
CA VAL D 332 -31.58 -13.37 -1.33
C VAL D 332 -30.13 -13.28 -0.86
N VAL D 333 -29.21 -12.97 -1.78
CA VAL D 333 -27.79 -12.97 -1.44
C VAL D 333 -27.33 -11.52 -1.43
N LEU D 334 -26.64 -11.09 -0.34
CA LEU D 334 -26.21 -9.70 -0.20
C LEU D 334 -24.69 -9.67 -0.08
N LYS D 335 -24.06 -8.72 -0.75
CA LYS D 335 -22.63 -8.50 -0.58
C LYS D 335 -22.41 -7.00 -0.49
N THR D 336 -21.27 -6.57 0.10
CA THR D 336 -20.95 -5.16 0.11
C THR D 336 -19.94 -4.80 -1.00
N SER D 337 -19.46 -5.79 -1.75
CA SER D 337 -18.68 -5.50 -2.93
C SER D 337 -19.38 -6.11 -4.14
N ARG D 338 -19.11 -5.59 -5.34
CA ARG D 338 -19.81 -6.06 -6.54
C ARG D 338 -19.65 -7.57 -6.70
N PHE D 339 -20.69 -8.21 -7.26
CA PHE D 339 -20.59 -9.63 -7.58
C PHE D 339 -19.67 -9.82 -8.79
N ARG D 340 -18.55 -10.54 -8.60
CA ARG D 340 -17.75 -10.92 -9.75
C ARG D 340 -18.59 -11.91 -10.60
N SER D 341 -18.29 -11.99 -11.91
N SER D 341 -18.28 -11.95 -11.91
CA SER D 341 -19.03 -12.94 -12.73
CA SER D 341 -18.94 -12.91 -12.78
C SER D 341 -18.85 -14.37 -12.22
C SER D 341 -18.84 -14.31 -12.19
N GLU D 342 -17.64 -14.70 -11.74
CA GLU D 342 -17.42 -16.03 -11.18
C GLU D 342 -18.28 -16.22 -9.93
N GLU D 343 -18.44 -15.17 -9.12
CA GLU D 343 -19.26 -15.34 -7.93
C GLU D 343 -20.72 -15.59 -8.33
N ALA D 344 -21.24 -14.79 -9.27
CA ALA D 344 -22.60 -15.00 -9.72
C ALA D 344 -22.83 -16.40 -10.28
N GLU D 345 -21.84 -16.91 -11.03
CA GLU D 345 -21.89 -18.23 -11.64
C GLU D 345 -21.98 -19.29 -10.58
N GLY D 346 -21.08 -19.19 -9.57
CA GLY D 346 -21.09 -20.20 -8.51
C GLY D 346 -22.37 -20.15 -7.68
N ILE D 347 -22.90 -18.97 -7.43
CA ILE D 347 -24.14 -18.89 -6.65
C ILE D 347 -25.28 -19.55 -7.41
N ASP D 348 -25.33 -19.27 -8.72
CA ASP D 348 -26.37 -19.91 -9.54
C ASP D 348 -26.24 -21.43 -9.50
N ALA D 349 -25.02 -21.97 -9.64
CA ALA D 349 -24.84 -23.42 -9.63
C ALA D 349 -25.33 -23.98 -8.31
N ALA D 350 -25.12 -23.23 -7.23
CA ALA D 350 -25.51 -23.75 -5.92
C ALA D 350 -27.04 -23.80 -5.79
N LEU D 351 -27.71 -22.75 -6.25
CA LEU D 351 -29.16 -22.65 -6.17
C LEU D 351 -29.78 -23.82 -6.93
N GLY D 352 -29.24 -24.09 -8.12
CA GLY D 352 -29.71 -25.15 -8.98
C GLY D 352 -29.67 -26.52 -8.29
N LYS D 353 -28.56 -26.79 -7.61
CA LYS D 353 -28.34 -28.06 -6.95
C LYS D 353 -29.27 -28.15 -5.73
N SER D 354 -29.67 -26.99 -5.19
CA SER D 354 -30.47 -27.05 -3.98
C SER D 354 -31.95 -26.92 -4.31
N GLY D 355 -32.24 -26.79 -5.61
CA GLY D 355 -33.57 -26.71 -6.17
C GLY D 355 -34.32 -25.47 -5.71
N ILE D 356 -33.56 -24.45 -5.29
CA ILE D 356 -34.15 -23.20 -4.85
C ILE D 356 -34.66 -22.42 -6.07
N GLU D 357 -35.92 -21.98 -5.96
CA GLU D 357 -36.78 -21.61 -7.06
C GLU D 357 -36.65 -20.13 -7.43
N MSE D 358 -36.49 -19.27 -6.42
N MSE D 358 -36.51 -19.29 -6.40
CA MSE D 358 -36.48 -17.82 -6.60
CA MSE D 358 -36.40 -17.87 -6.59
C MSE D 358 -35.30 -17.25 -5.80
C MSE D 358 -35.11 -17.43 -5.92
O MSE D 358 -35.12 -17.61 -4.65
O MSE D 358 -34.66 -18.07 -4.97
CB MSE D 358 -37.77 -17.18 -6.04
CB MSE D 358 -37.60 -17.15 -5.96
CG MSE D 358 -39.07 -17.82 -6.49
CG MSE D 358 -38.47 -16.42 -6.96
SE MSE D 358 -40.47 -17.38 -5.18
SE MSE D 358 -40.04 -15.68 -6.06
CE MSE D 358 -40.55 -18.78 -3.84
CE MSE D 358 -39.93 -13.72 -5.89
N SER D 359 -34.53 -16.36 -6.44
CA SER D 359 -33.36 -15.78 -5.79
C SER D 359 -33.10 -14.40 -6.35
N ASP D 360 -32.30 -13.64 -5.59
CA ASP D 360 -31.86 -12.30 -5.95
C ASP D 360 -30.43 -12.16 -5.44
N LEU D 361 -29.67 -11.27 -6.09
CA LEU D 361 -28.32 -10.87 -5.71
C LEU D 361 -28.29 -9.36 -5.61
N VAL D 362 -27.89 -8.81 -4.47
CA VAL D 362 -27.92 -7.37 -4.30
C VAL D 362 -26.55 -6.93 -3.77
N TRP D 363 -25.94 -5.99 -4.47
CA TRP D 363 -24.75 -5.34 -3.95
C TRP D 363 -25.22 -4.12 -3.15
N VAL D 364 -24.89 -4.13 -1.85
CA VAL D 364 -25.27 -3.07 -0.94
C VAL D 364 -24.04 -2.20 -0.74
N GLN D 365 -24.08 -1.01 -1.32
CA GLN D 365 -22.96 -0.08 -1.21
C GLN D 365 -23.13 0.72 0.09
N GLU D 366 -22.13 0.61 0.96
CA GLU D 366 -22.23 1.24 2.26
C GLU D 366 -21.70 2.68 2.22
N SER D 367 -20.93 3.03 1.19
CA SER D 367 -20.19 4.31 1.19
C SER D 367 -20.45 5.10 -0.07
N SER D 368 -21.68 5.00 -0.60
CA SER D 368 -22.02 5.84 -1.75
C SER D 368 -22.00 7.31 -1.37
N PRO D 369 -21.52 8.22 -2.24
CA PRO D 369 -21.62 9.64 -1.96
C PRO D 369 -22.93 10.28 -2.44
N ILE D 370 -23.85 9.47 -2.98
CA ILE D 370 -25.11 10.04 -3.49
C ILE D 370 -26.07 10.32 -2.34
N ALA D 371 -26.77 11.46 -2.39
CA ALA D 371 -27.62 11.88 -1.28
C ALA D 371 -28.67 12.88 -1.77
N ILE D 372 -29.82 12.90 -1.06
CA ILE D 372 -30.87 13.90 -1.30
C ILE D 372 -31.06 14.78 -0.04
N PHE D 373 -31.49 16.03 -0.25
CA PHE D 373 -31.62 16.99 0.84
C PHE D 373 -32.96 17.71 0.74
N ARG D 374 -33.80 17.49 1.76
CA ARG D 374 -35.05 18.23 1.93
C ARG D 374 -34.71 19.65 2.38
N ASP D 375 -35.70 20.54 2.33
CA ASP D 375 -35.52 21.92 2.74
C ASP D 375 -35.94 22.02 4.21
N GLY D 376 -34.98 22.17 5.12
CA GLY D 376 -35.26 22.11 6.54
C GLY D 376 -34.06 21.60 7.34
N ASN D 377 -34.24 21.47 8.66
CA ASN D 377 -33.13 21.08 9.50
C ASN D 377 -33.15 19.56 9.72
N TYR D 378 -34.35 18.96 9.75
CA TYR D 378 -34.47 17.51 9.91
C TYR D 378 -34.11 16.80 8.62
N PRO D 379 -33.44 15.63 8.66
CA PRO D 379 -33.18 14.88 7.42
C PRO D 379 -34.41 14.18 6.88
N VAL D 380 -34.29 13.63 5.65
CA VAL D 380 -35.36 12.86 5.04
C VAL D 380 -35.76 11.70 5.95
N LEU D 381 -36.98 11.22 5.73
CA LEU D 381 -37.55 10.13 6.48
C LEU D 381 -36.78 8.83 6.21
N ARG D 382 -36.48 8.12 7.29
CA ARG D 382 -36.20 6.70 7.16
C ARG D 382 -37.26 6.05 6.28
N GLY D 383 -36.81 5.27 5.31
CA GLY D 383 -37.71 4.56 4.42
C GLY D 383 -37.83 5.29 3.08
N THR D 384 -37.19 6.46 2.97
CA THR D 384 -37.10 7.17 1.69
C THR D 384 -36.27 6.36 0.68
N PHE D 385 -36.80 6.17 -0.52
CA PHE D 385 -36.17 5.38 -1.56
C PHE D 385 -36.22 6.17 -2.86
N VAL D 386 -35.09 6.23 -3.57
CA VAL D 386 -35.08 6.79 -4.92
C VAL D 386 -34.58 5.72 -5.89
N ASP D 387 -35.37 5.41 -6.93
CA ASP D 387 -34.92 4.51 -7.98
C ASP D 387 -34.14 5.36 -8.98
N LEU D 388 -32.79 5.27 -8.92
CA LEU D 388 -31.94 5.87 -9.97
C LEU D 388 -31.98 4.76 -11.01
N ASP D 389 -31.65 5.00 -12.27
CA ASP D 389 -31.96 3.89 -13.18
C ASP D 389 -31.03 2.71 -12.95
N GLY D 390 -31.56 1.60 -12.41
CA GLY D 390 -30.80 0.38 -12.16
C GLY D 390 -30.18 0.25 -10.75
N LYS D 391 -30.32 1.29 -9.92
CA LYS D 391 -29.71 1.37 -8.60
C LYS D 391 -30.66 2.12 -7.70
N GLY D 392 -30.73 1.74 -6.42
CA GLY D 392 -31.75 2.28 -5.55
C GLY D 392 -31.13 2.90 -4.32
N LEU D 393 -31.40 4.20 -4.12
CA LEU D 393 -30.91 4.91 -2.95
C LEU D 393 -31.88 4.68 -1.81
N LEU D 394 -31.41 4.11 -0.70
CA LEU D 394 -32.33 3.82 0.40
C LEU D 394 -31.85 4.41 1.72
N TYR D 395 -32.72 5.22 2.35
CA TYR D 395 -32.48 5.76 3.67
C TYR D 395 -32.96 4.80 4.75
N THR D 396 -32.01 4.06 5.34
CA THR D 396 -32.30 3.21 6.48
C THR D 396 -32.33 4.04 7.77
N ARG D 397 -31.65 5.19 7.74
N ARG D 397 -31.60 5.16 7.78
CA ARG D 397 -31.64 6.12 8.85
CA ARG D 397 -31.72 6.08 8.90
C ARG D 397 -32.09 7.52 8.41
C ARG D 397 -32.24 7.42 8.39
N GLY D 398 -32.79 8.20 9.31
CA GLY D 398 -33.36 9.51 9.00
C GLY D 398 -34.48 9.86 9.97
N SER D 399 -35.27 10.88 9.63
CA SER D 399 -36.37 11.27 10.52
C SER D 399 -37.33 10.09 10.70
N VAL D 400 -37.78 9.85 11.94
CA VAL D 400 -38.63 8.69 12.20
C VAL D 400 -39.97 9.18 12.80
N PRO D 401 -41.09 9.11 12.06
CA PRO D 401 -42.39 9.57 12.60
C PRO D 401 -42.74 9.01 13.97
N PHE D 402 -42.62 7.68 14.15
CA PHE D 402 -42.88 7.04 15.43
C PHE D 402 -42.10 7.67 16.58
N TYR D 403 -40.82 8.04 16.37
CA TYR D 403 -40.06 8.61 17.47
C TYR D 403 -40.27 10.11 17.60
N GLY D 404 -40.83 10.74 16.57
CA GLY D 404 -41.09 12.17 16.59
C GLY D 404 -39.83 13.03 16.50
N THR D 405 -38.74 12.46 15.93
CA THR D 405 -37.44 13.12 15.78
C THR D 405 -36.59 12.35 14.76
N PHE D 406 -35.38 12.86 14.52
CA PHE D 406 -34.29 12.06 13.97
C PHE D 406 -33.41 11.65 15.13
N PRO D 407 -33.39 10.36 15.55
CA PRO D 407 -32.62 9.95 16.70
C PRO D 407 -31.12 10.25 16.72
N GLY D 408 -30.53 10.52 15.55
CA GLY D 408 -29.11 10.83 15.50
C GLY D 408 -28.79 12.32 15.52
N LEU D 409 -27.56 12.67 15.10
CA LEU D 409 -27.07 14.03 15.02
C LEU D 409 -26.54 14.31 13.61
N ARG D 410 -25.47 13.60 13.22
CA ARG D 410 -24.89 13.77 11.88
C ARG D 410 -25.93 13.32 10.85
N VAL D 411 -26.01 14.06 9.74
CA VAL D 411 -26.96 13.73 8.69
C VAL D 411 -26.70 12.30 8.23
N PRO D 412 -27.76 11.48 8.01
CA PRO D 412 -27.56 10.09 7.63
C PRO D 412 -27.13 10.02 6.17
N ARG D 413 -26.31 9.01 5.85
CA ARG D 413 -25.90 8.76 4.47
C ARG D 413 -26.59 7.49 4.04
N PRO D 414 -27.26 7.47 2.87
CA PRO D 414 -28.08 6.30 2.52
C PRO D 414 -27.25 5.14 2.00
N LEU D 415 -27.88 3.98 1.90
CA LEU D 415 -27.35 2.82 1.17
C LEU D 415 -27.65 3.00 -0.32
N LEU D 416 -26.80 2.41 -1.20
CA LEU D 416 -27.15 2.36 -2.62
C LEU D 416 -27.20 0.89 -3.00
N LEU D 417 -28.38 0.39 -3.38
CA LEU D 417 -28.59 -1.02 -3.66
C LEU D 417 -28.47 -1.23 -5.16
N VAL D 418 -27.67 -2.23 -5.55
CA VAL D 418 -27.49 -2.54 -6.96
C VAL D 418 -27.84 -4.00 -7.16
N PRO D 419 -29.06 -4.28 -7.65
CA PRO D 419 -29.49 -5.64 -7.92
C PRO D 419 -28.72 -6.15 -9.15
N HIS D 420 -28.31 -7.39 -9.08
CA HIS D 420 -27.65 -8.03 -10.20
C HIS D 420 -28.71 -8.45 -11.22
N GLU D 421 -28.29 -8.50 -12.49
CA GLU D 421 -29.23 -8.89 -13.54
C GLU D 421 -29.80 -10.30 -13.29
N ASN D 422 -29.09 -11.13 -12.50
CA ASN D 422 -29.56 -12.49 -12.24
C ASN D 422 -30.74 -12.57 -11.23
N SER D 423 -31.32 -11.45 -10.82
CA SER D 423 -32.32 -11.43 -9.77
C SER D 423 -33.73 -11.61 -10.33
N ASP D 424 -34.62 -12.21 -9.55
CA ASP D 424 -36.02 -12.41 -9.92
C ASP D 424 -36.90 -11.22 -9.49
N SER D 425 -36.59 -10.59 -8.35
CA SER D 425 -37.43 -9.55 -7.77
C SER D 425 -37.07 -8.19 -8.35
N THR D 426 -37.98 -7.20 -8.17
CA THR D 426 -37.72 -5.83 -8.62
C THR D 426 -36.93 -5.09 -7.53
N ILE D 427 -36.30 -3.97 -7.89
CA ILE D 427 -35.54 -3.16 -6.95
C ILE D 427 -36.44 -2.63 -5.82
N LEU D 428 -37.73 -2.42 -6.11
CA LEU D 428 -38.61 -1.91 -5.07
C LEU D 428 -38.81 -2.97 -3.98
N THR D 429 -39.04 -4.23 -4.39
CA THR D 429 -39.19 -5.36 -3.49
C THR D 429 -37.90 -5.59 -2.70
N LEU D 430 -36.76 -5.51 -3.40
CA LEU D 430 -35.47 -5.72 -2.76
C LEU D 430 -35.17 -4.63 -1.73
N ALA D 431 -35.47 -3.37 -2.05
CA ALA D 431 -35.25 -2.27 -1.12
C ALA D 431 -36.10 -2.43 0.15
N LYS D 432 -37.33 -2.94 -0.01
CA LYS D 432 -38.19 -3.10 1.14
C LYS D 432 -37.62 -4.20 2.03
N ASP D 433 -37.05 -5.25 1.42
CA ASP D 433 -36.46 -6.35 2.17
C ASP D 433 -35.26 -5.85 2.96
N VAL D 434 -34.43 -4.98 2.34
CA VAL D 434 -33.26 -4.47 3.01
C VAL D 434 -33.71 -3.63 4.22
N LEU D 435 -34.70 -2.75 4.01
CA LEU D 435 -35.25 -1.96 5.10
C LEU D 435 -35.72 -2.84 6.24
N ALA D 436 -36.49 -3.90 5.93
CA ALA D 436 -37.02 -4.77 6.96
C ALA D 436 -35.86 -5.50 7.69
N LEU D 437 -34.82 -5.87 6.95
CA LEU D 437 -33.70 -6.56 7.57
C LEU D 437 -32.96 -5.69 8.58
N THR D 438 -33.10 -4.36 8.52
CA THR D 438 -32.46 -3.51 9.49
C THR D 438 -33.09 -3.65 10.89
N LYS D 439 -34.26 -4.31 10.97
CA LYS D 439 -34.95 -4.35 12.24
C LYS D 439 -34.42 -5.52 13.07
N VAL D 440 -33.77 -6.48 12.41
CA VAL D 440 -33.09 -7.57 13.10
C VAL D 440 -31.87 -6.97 13.81
N ASN D 441 -31.98 -6.92 15.13
CA ASN D 441 -31.15 -6.07 15.96
C ASN D 441 -30.89 -6.83 17.26
N TRP D 442 -29.63 -7.29 17.41
CA TRP D 442 -29.17 -7.99 18.62
C TRP D 442 -28.46 -7.00 19.56
N ASN D 443 -28.46 -5.72 19.20
CA ASN D 443 -27.69 -4.71 19.92
C ASN D 443 -28.59 -3.86 20.81
N THR D 444 -29.71 -3.41 20.25
CA THR D 444 -30.62 -2.54 21.00
C THR D 444 -32.06 -2.77 20.57
N THR D 445 -32.99 -2.04 21.20
CA THR D 445 -34.40 -2.16 20.89
C THR D 445 -34.86 -0.93 20.10
N GLN D 446 -33.93 -0.10 19.62
CA GLN D 446 -34.26 1.04 18.78
C GLN D 446 -34.15 0.58 17.32
N PHE D 447 -35.16 0.83 16.47
CA PHE D 447 -35.24 0.02 15.27
C PHE D 447 -34.62 0.70 14.04
N ASP D 448 -34.13 1.94 14.20
CA ASP D 448 -33.60 2.63 13.02
C ASP D 448 -32.13 2.29 12.81
N GLN D 449 -31.84 1.04 12.44
CA GLN D 449 -30.44 0.59 12.21
C GLN D 449 -30.03 0.90 10.78
N LYS D 450 -28.77 1.30 10.54
CA LYS D 450 -28.31 1.58 9.18
C LYS D 450 -28.21 0.31 8.34
N LEU D 451 -27.64 -0.79 8.87
CA LEU D 451 -27.37 -1.90 7.96
C LEU D 451 -28.36 -3.05 8.13
N PRO D 452 -28.65 -3.80 7.05
CA PRO D 452 -29.47 -4.99 7.16
C PRO D 452 -28.67 -6.07 7.88
N ALA D 453 -29.36 -6.90 8.65
CA ALA D 453 -28.68 -7.82 9.56
C ALA D 453 -27.60 -8.68 8.88
N PRO D 454 -27.83 -9.32 7.69
CA PRO D 454 -26.78 -10.15 7.09
C PRO D 454 -25.48 -9.40 6.81
N ILE D 455 -25.57 -8.11 6.49
CA ILE D 455 -24.39 -7.28 6.22
C ILE D 455 -23.76 -6.89 7.56
N LYS D 456 -24.59 -6.49 8.52
CA LYS D 456 -24.07 -6.04 9.82
C LYS D 456 -23.29 -7.16 10.49
N ALA D 457 -23.76 -8.40 10.31
CA ALA D 457 -23.15 -9.57 10.93
C ALA D 457 -21.77 -9.88 10.37
N ALA D 458 -21.51 -9.51 9.11
CA ALA D 458 -20.24 -9.82 8.47
C ALA D 458 -19.09 -9.23 9.25
N ARG D 459 -19.17 -7.91 9.54
CA ARG D 459 -18.04 -7.29 10.24
C ARG D 459 -17.87 -7.88 11.65
N GLU D 460 -18.98 -8.07 12.36
CA GLU D 460 -18.92 -8.66 13.69
C GLU D 460 -18.26 -10.04 13.70
N VAL D 461 -18.65 -10.90 12.76
CA VAL D 461 -18.10 -12.24 12.81
C VAL D 461 -16.65 -12.22 12.35
N GLY D 462 -16.30 -11.34 11.41
CA GLY D 462 -14.95 -11.33 10.84
C GLY D 462 -13.93 -10.96 11.93
N ARG D 463 -14.36 -10.05 12.81
CA ARG D 463 -13.45 -9.56 13.87
C ARG D 463 -13.11 -10.66 14.84
N ILE D 464 -14.06 -11.58 15.06
CA ILE D 464 -13.85 -12.75 15.91
C ILE D 464 -13.07 -13.85 15.18
N LEU D 465 -13.51 -14.19 13.95
CA LEU D 465 -12.94 -15.34 13.24
C LEU D 465 -11.47 -15.13 12.85
N LYS D 466 -10.98 -13.89 12.82
CA LYS D 466 -9.57 -13.74 12.49
C LYS D 466 -8.70 -14.29 13.63
N HIS D 467 -9.32 -14.49 14.81
CA HIS D 467 -8.60 -15.12 15.93
C HIS D 467 -8.86 -16.63 16.06
N VAL D 468 -9.57 -17.21 15.08
CA VAL D 468 -9.74 -18.65 15.06
C VAL D 468 -8.99 -19.20 13.85
N GLU D 469 -7.97 -20.04 14.11
CA GLU D 469 -7.06 -20.41 13.04
C GLU D 469 -7.88 -21.03 11.90
N PHE D 470 -7.59 -20.66 10.65
CA PHE D 470 -8.29 -21.19 9.49
C PHE D 470 -8.15 -22.72 9.48
N GLY D 471 -9.23 -23.39 9.15
CA GLY D 471 -9.17 -24.87 9.20
C GLY D 471 -9.86 -25.43 10.45
N THR D 472 -9.94 -24.60 11.52
CA THR D 472 -10.70 -25.03 12.70
C THR D 472 -12.16 -24.80 12.42
N ALA D 473 -12.99 -25.83 12.65
CA ALA D 473 -14.39 -25.65 12.31
C ALA D 473 -15.03 -24.77 13.39
N VAL D 474 -15.95 -23.88 12.98
CA VAL D 474 -16.54 -22.96 13.95
C VAL D 474 -18.04 -23.18 14.03
N SER D 475 -18.60 -22.87 15.20
CA SER D 475 -20.03 -22.98 15.41
C SER D 475 -20.77 -22.11 14.40
N SER D 476 -21.92 -22.62 13.90
CA SER D 476 -22.79 -21.79 13.08
C SER D 476 -23.72 -20.91 13.92
N ASP D 477 -23.74 -21.08 15.25
CA ASP D 477 -24.74 -20.43 16.09
C ASP D 477 -24.39 -18.96 16.29
N PHE D 478 -25.12 -18.06 15.61
CA PHE D 478 -24.72 -16.65 15.60
C PHE D 478 -24.74 -16.03 16.99
N ARG D 479 -25.56 -16.59 17.90
CA ARG D 479 -25.66 -16.02 19.24
C ARG D 479 -24.29 -15.95 19.91
N ARG D 480 -23.39 -16.87 19.56
CA ARG D 480 -22.08 -16.89 20.16
C ARG D 480 -21.17 -15.78 19.67
N TYR D 481 -21.54 -15.10 18.57
CA TYR D 481 -20.69 -14.06 18.01
C TYR D 481 -21.24 -12.68 18.38
N THR D 482 -22.42 -12.66 19.02
CA THR D 482 -23.06 -11.37 19.39
C THR D 482 -22.60 -10.95 20.78
C ACY E . 50.18 14.51 -17.25
O ACY E . 50.20 14.51 -15.99
OXT ACY E . 49.44 15.25 -17.92
CH3 ACY E . 51.10 13.54 -18.00
C1 GOL F . 14.71 4.38 8.57
O1 GOL F . 15.18 4.12 7.25
C2 GOL F . 15.77 5.00 9.44
O2 GOL F . 16.79 4.05 9.77
C3 GOL F . 15.23 5.68 10.67
O3 GOL F . 14.14 6.53 10.36
C1 GOL G . 3.03 12.13 17.95
O1 GOL G . 3.37 13.52 17.93
C2 GOL G . 2.07 11.82 16.83
O2 GOL G . 1.95 10.40 16.66
C3 GOL G . 0.71 12.41 17.03
O3 GOL G . -0.14 12.14 15.91
C TRS H . 11.08 20.91 36.57
C1 TRS H . 10.81 21.17 38.06
C2 TRS H . 10.29 21.89 35.71
C3 TRS H . 12.57 21.02 36.27
N TRS H . 10.66 19.51 36.23
O1 TRS H . 9.45 20.89 38.39
O2 TRS H . 10.33 21.56 34.33
O3 TRS H . 13.31 19.94 36.84
C1 PEG I . 20.14 -0.59 8.98
O1 PEG I . 21.49 -0.74 8.57
C2 PEG I . 19.88 0.76 9.56
O2 PEG I . 18.56 0.83 10.08
C3 PEG I . 18.44 0.26 11.38
C4 PEG I . 18.83 1.25 12.43
O4 PEG I . 20.12 1.00 12.96
CL CL J . 4.14 11.79 12.16
C ACY K . 25.93 3.58 -7.51
O ACY K . 26.60 2.78 -6.79
OXT ACY K . 26.19 3.80 -8.72
CH3 ACY K . 24.74 4.33 -6.84
C1 BME L . 40.67 -0.26 -6.70
C2 BME L . 41.70 -0.10 -5.62
O1 BME L . 40.03 0.94 -7.22
S2 BME L . 42.83 1.18 -6.21
C1 GOL M . 11.66 -7.95 -1.55
O1 GOL M . 12.16 -8.36 -0.28
C2 GOL M . 12.13 -8.87 -2.66
O2 GOL M . 11.44 -8.55 -3.86
C3 GOL M . 13.63 -8.82 -2.91
O3 GOL M . 14.15 -10.08 -3.32
C1 GOL N . 31.48 -14.46 -15.75
O1 GOL N . 32.54 -15.32 -16.19
C2 GOL N . 30.90 -13.57 -16.84
O2 GOL N . 31.23 -12.17 -16.67
C3 GOL N . 31.11 -14.04 -18.25
O3 GOL N . 30.32 -13.30 -19.17
C1 GOL O . 34.97 -26.01 -9.37
O1 GOL O . 36.27 -26.59 -9.34
C2 GOL O . 33.90 -26.97 -9.86
O2 GOL O . 33.82 -28.13 -9.04
C3 GOL O . 34.07 -27.46 -11.28
O3 GOL O . 33.28 -28.63 -11.47
C1 PEG P . 23.14 -10.01 -22.28
O1 PEG P . 23.34 -10.90 -21.21
C2 PEG P . 24.03 -8.85 -22.25
O2 PEG P . 24.40 -8.49 -23.57
C3 PEG P . 25.06 -7.24 -23.63
C4 PEG P . 25.68 -7.01 -24.92
O4 PEG P . 25.51 -5.69 -25.34
C1 PEG Q . 25.82 6.05 -10.93
O1 PEG Q . 26.02 6.50 -9.61
C2 PEG Q . 26.58 6.82 -11.94
O2 PEG Q . 26.03 6.55 -13.22
C3 PEG Q . 24.61 6.53 -13.18
C4 PEG Q . 24.08 7.58 -14.09
O4 PEG Q . 24.76 8.80 -13.93
C1 PEG R . 12.25 -27.86 -16.44
O1 PEG R . 12.45 -26.90 -17.49
C2 PEG R . 13.48 -28.13 -15.59
O2 PEG R . 13.11 -28.61 -14.30
C3 PEG R . 14.08 -28.38 -13.29
C4 PEG R . 13.41 -28.23 -11.95
O4 PEG R . 12.89 -29.45 -11.42
O1 TAR S . 0.78 -3.28 -48.70
O11 TAR S . -1.34 -3.70 -49.19
C1 TAR S . -0.29 -3.88 -48.53
C2 TAR S . -0.33 -4.95 -47.44
O2 TAR S . -1.65 -5.37 -47.19
C3 TAR S . 0.56 -6.15 -47.83
O3 TAR S . 0.86 -6.12 -49.21
C4 TAR S . -0.07 -7.48 -47.42
O4 TAR S . -1.18 -7.78 -47.90
O41 TAR S . 0.60 -8.21 -46.67
CL CL T . 13.35 -11.88 13.33
C ACY U . -26.22 28.82 -12.33
O ACY U . -26.44 29.22 -11.15
OXT ACY U . -27.03 28.15 -13.01
CH3 ACY U . -24.88 29.18 -12.98
C1 BME V . -2.45 13.36 -17.20
C2 BME V . -1.64 12.46 -16.32
O1 BME V . -2.33 14.74 -16.85
S2 BME V . -0.37 13.50 -15.59
C1 GOL W . -15.46 8.86 -9.01
O1 GOL W . -14.18 8.60 -9.59
C2 GOL W . -15.87 7.70 -8.15
O2 GOL W . -16.47 6.68 -8.95
C3 GOL W . -14.73 7.07 -7.35
O3 GOL W . -15.25 6.25 -6.31
CL CL X . -3.15 13.15 -11.36
C ACY Y . -15.25 -10.09 -13.48
O ACY Y . -16.40 -9.96 -13.00
OXT ACY Y . -14.80 -11.16 -13.93
CH3 ACY Y . -14.31 -8.87 -13.48
C ACY Z . -39.56 -9.47 4.52
O ACY Z . -40.55 -9.00 5.13
OXT ACY Z . -38.77 -8.76 3.82
CH3 ACY Z . -39.30 -11.01 4.62
C1 BME AA . -10.20 -25.68 5.92
C2 BME AA . -8.98 -26.02 5.09
O1 BME AA . -11.28 -25.21 5.15
S2 BME AA . -7.43 -26.01 6.02
C1 BME BA . -41.02 5.80 7.56
C2 BME BA . -42.47 5.93 7.91
O1 BME BA . -40.25 6.80 8.18
S2 BME BA . -43.48 5.99 6.41
C1 BME CA . -35.65 -11.43 16.51
C2 BME CA . -34.28 -10.79 16.47
O1 BME CA . -36.42 -11.11 15.38
S2 BME CA . -33.96 -9.62 17.82
C1 GOL DA . -4.81 -21.12 3.37
O1 GOL DA . -5.30 -22.05 4.33
C2 GOL DA . -3.31 -20.91 3.51
O2 GOL DA . -2.99 -20.54 4.85
C3 GOL DA . -2.50 -22.12 3.08
O3 GOL DA . -1.11 -21.86 3.21
C2 PEG EA . -9.16 -5.32 6.98
O2 PEG EA . -7.98 -5.61 6.24
C3 PEG EA . -7.06 -4.52 6.25
C4 PEG EA . -5.93 -4.82 5.31
O4 PEG EA . -6.38 -5.00 3.98
O1 TAR FA . -18.94 -28.49 12.32
O11 TAR FA . -18.94 -26.34 11.78
C1 TAR FA . -18.97 -27.28 12.61
C2 TAR FA . -19.04 -26.91 14.09
O2 TAR FA . -20.16 -27.52 14.71
C3 TAR FA . -17.76 -27.30 14.81
O3 TAR FA . -17.74 -28.71 15.04
C4 TAR FA . -17.63 -26.52 16.13
O4 TAR FA . -18.58 -25.79 16.45
O41 TAR FA . -16.58 -26.68 16.78
#